data_6JBP
# 
_entry.id   6JBP 
# 
_audit_conform.dict_name       mmcif_pdbx.dic 
_audit_conform.dict_version    5.398 
_audit_conform.dict_location   http://mmcif.pdb.org/dictionaries/ascii/mmcif_pdbx.dic 
# 
loop_
_database_2.database_id 
_database_2.database_code 
_database_2.pdbx_database_accession 
_database_2.pdbx_DOI 
PDB   6JBP         pdb_00006jbp 10.2210/pdb6jbp/pdb 
WWPDB D_1300010542 ?            ?                   
# 
loop_
_pdbx_audit_revision_history.ordinal 
_pdbx_audit_revision_history.data_content_type 
_pdbx_audit_revision_history.major_revision 
_pdbx_audit_revision_history.minor_revision 
_pdbx_audit_revision_history.revision_date 
1 'Structure model' 1 0 2020-01-29 
2 'Structure model' 1 1 2020-02-26 
3 'Structure model' 1 2 2023-11-22 
4 'Structure model' 1 3 2024-11-20 
# 
_pdbx_audit_revision_details.ordinal             1 
_pdbx_audit_revision_details.revision_ordinal    1 
_pdbx_audit_revision_details.data_content_type   'Structure model' 
_pdbx_audit_revision_details.provider            repository 
_pdbx_audit_revision_details.type                'Initial release' 
_pdbx_audit_revision_details.description         ? 
_pdbx_audit_revision_details.details             ? 
# 
loop_
_pdbx_audit_revision_group.ordinal 
_pdbx_audit_revision_group.revision_ordinal 
_pdbx_audit_revision_group.data_content_type 
_pdbx_audit_revision_group.group 
1 2 'Structure model' 'Database references'    
2 3 'Structure model' 'Data collection'        
3 3 'Structure model' 'Database references'    
4 3 'Structure model' 'Refinement description' 
5 4 'Structure model' 'Structure summary'      
# 
loop_
_pdbx_audit_revision_category.ordinal 
_pdbx_audit_revision_category.revision_ordinal 
_pdbx_audit_revision_category.data_content_type 
_pdbx_audit_revision_category.category 
1 2 'Structure model' citation                      
2 2 'Structure model' citation_author               
3 3 'Structure model' chem_comp_atom                
4 3 'Structure model' chem_comp_bond                
5 3 'Structure model' database_2                    
6 3 'Structure model' pdbx_initial_refinement_model 
7 4 'Structure model' pdbx_entry_details            
8 4 'Structure model' pdbx_modification_feature     
# 
loop_
_pdbx_audit_revision_item.ordinal 
_pdbx_audit_revision_item.revision_ordinal 
_pdbx_audit_revision_item.data_content_type 
_pdbx_audit_revision_item.item 
1  2 'Structure model' '_citation.country'                   
2  2 'Structure model' '_citation.journal_abbrev'            
3  2 'Structure model' '_citation.journal_id_ASTM'           
4  2 'Structure model' '_citation.journal_id_CSD'            
5  2 'Structure model' '_citation.journal_id_ISSN'           
6  2 'Structure model' '_citation.journal_volume'            
7  2 'Structure model' '_citation.page_first'                
8  2 'Structure model' '_citation.page_last'                 
9  2 'Structure model' '_citation.pdbx_database_id_DOI'      
10 2 'Structure model' '_citation.pdbx_database_id_PubMed'   
11 2 'Structure model' '_citation.title'                     
12 2 'Structure model' '_citation.year'                      
13 2 'Structure model' '_citation_author.name'               
14 3 'Structure model' '_database_2.pdbx_DOI'                
15 3 'Structure model' '_database_2.pdbx_database_accession' 
# 
_pdbx_database_status.status_code                     REL 
_pdbx_database_status.status_code_sf                  REL 
_pdbx_database_status.status_code_mr                  ? 
_pdbx_database_status.entry_id                        6JBP 
_pdbx_database_status.recvd_initial_deposition_date   2019-01-26 
_pdbx_database_status.SG_entry                        N 
_pdbx_database_status.deposit_site                    PDBJ 
_pdbx_database_status.process_site                    PDBJ 
_pdbx_database_status.status_code_cs                  ? 
_pdbx_database_status.methods_development_category    ? 
_pdbx_database_status.pdb_format_compatible           Y 
_pdbx_database_status.status_code_nmr_data            ? 
# 
_pdbx_database_related.db_name        PDB 
_pdbx_database_related.details        'Same protein, new space group' 
_pdbx_database_related.db_id          5DSS 
_pdbx_database_related.content_type   unspecified 
# 
loop_
_audit_author.name 
_audit_author.pdbx_ordinal 
_audit_author.identifier_ORCID 
'Jain, A.'      1 ?                   
'Shikhi, M.'    2 ?                   
'Kumar, A.'     3 ?                   
'Kumar, A.'     4 ?                   
'Nair, D.T.'    5 0000-0002-0677-9444 
'Salunke, D.M.' 6 0000-0001-9003-7373 
# 
loop_
_citation.abstract 
_citation.abstract_id_CAS 
_citation.book_id_ISBN 
_citation.book_publisher 
_citation.book_publisher_city 
_citation.book_title 
_citation.coordinate_linkage 
_citation.country 
_citation.database_id_Medline 
_citation.details 
_citation.id 
_citation.journal_abbrev 
_citation.journal_id_ASTM 
_citation.journal_id_CSD 
_citation.journal_id_ISSN 
_citation.journal_full 
_citation.journal_issue 
_citation.journal_volume 
_citation.language 
_citation.page_first 
_citation.page_last 
_citation.title 
_citation.year 
_citation.database_id_CSD 
_citation.pdbx_database_id_DOI 
_citation.pdbx_database_id_PubMed 
_citation.unpublished_flag 
? ? ? ? ? ? ? US ? ? primary 'Acta Crystallogr.,Sect.F' ACSFEN ?    2053-230X ? ? 76  ? 47    57    
'The structure of MP-4 from Mucuna pruriens at 2.22 angstrom resolution.'                                                  2020 ? 
10.1107/S2053230X20000199 32039885 ? 
? ? ? ? ? ? ? US ? ? 1       'J. Biol. Chem.'           JBCHA3 0071 1083-351X ? ? 291 ? 11373 11384 
'MP-4 Contributes to Snake Venom Neutralization by Mucuna pruriens Seeds through an Indirect Antibody-mediated Mechanism.' 2016 ? 
10.1074/jbc.M115.699173   26987900 ? 
# 
loop_
_citation_author.citation_id 
_citation_author.name 
_citation_author.ordinal 
_citation_author.identifier_ORCID 
primary 'Jain, A.'      1  ? 
primary 'Kumar, A.'     2  ? 
primary 'Shikhi, M.'    3  ? 
primary 'Kumar, A.'     4  ? 
primary 'Nair, D.T.'    5  ? 
primary 'Salunke, D.M.' 6  ? 
1       'Kumar, A.'     7  ? 
1       'Gupta, C.'     8  ? 
1       'Nair, D.T.'    9  ? 
1       'Salunke, D.M.' 10 ? 
# 
loop_
_entity.id 
_entity.type 
_entity.src_method 
_entity.pdbx_description 
_entity.formula_weight 
_entity.pdbx_number_of_molecules 
_entity.pdbx_ec 
_entity.pdbx_mutation 
_entity.pdbx_fragment 
_entity.details 
1 polymer nat 'Kunitz-type trypsin inhibitor-like 2 protein' 20110.434 1  ? ? ? ? 
2 water   nat water                                          18.015    88 ? ? ? ? 
# 
_entity_poly.entity_id                      1 
_entity_poly.type                           'polypeptide(L)' 
_entity_poly.nstd_linkage                   no 
_entity_poly.nstd_monomer                   no 
_entity_poly.pdbx_seq_one_letter_code       
;AEPVIDTDGNPLHRGGKYYIMPSIWGPPGGGLRLGKTENLNCPVTVLQDYSEVINGLPVEFNIRGILPRTIFTDTELNIE
FTEKPNCAENSRWSLFEDDKIHKAYVGIGDSEDHPDQEMLSGSFYIKKHGLRNNTYKLVFCRDGSSTCSDIGRYDNNEDG
RRLILTADLPYEVVFVNAS
;
_entity_poly.pdbx_seq_one_letter_code_can   
;AEPVIDTDGNPLHRGGKYYIMPSIWGPPGGGLRLGKTENLNCPVTVLQDYSEVINGLPVEFNIRGILPRTIFTDTELNIE
FTEKPNCAENSRWSLFEDDKIHKAYVGIGDSEDHPDQEMLSGSFYIKKHGLRNNTYKLVFCRDGSSTCSDIGRYDNNEDG
RRLILTADLPYEVVFVNAS
;
_entity_poly.pdbx_strand_id                 B 
_entity_poly.pdbx_target_identifier         ? 
# 
_pdbx_entity_nonpoly.entity_id   2 
_pdbx_entity_nonpoly.name        water 
_pdbx_entity_nonpoly.comp_id     HOH 
# 
loop_
_entity_poly_seq.entity_id 
_entity_poly_seq.num 
_entity_poly_seq.mon_id 
_entity_poly_seq.hetero 
1 1   ALA n 
1 2   GLU n 
1 3   PRO n 
1 4   VAL n 
1 5   ILE n 
1 6   ASP n 
1 7   THR n 
1 8   ASP n 
1 9   GLY n 
1 10  ASN n 
1 11  PRO n 
1 12  LEU n 
1 13  HIS n 
1 14  ARG n 
1 15  GLY n 
1 16  GLY n 
1 17  LYS n 
1 18  TYR n 
1 19  TYR n 
1 20  ILE n 
1 21  MET n 
1 22  PRO n 
1 23  SER n 
1 24  ILE n 
1 25  TRP n 
1 26  GLY n 
1 27  PRO n 
1 28  PRO n 
1 29  GLY n 
1 30  GLY n 
1 31  GLY n 
1 32  LEU n 
1 33  ARG n 
1 34  LEU n 
1 35  GLY n 
1 36  LYS n 
1 37  THR n 
1 38  GLU n 
1 39  ASN n 
1 40  LEU n 
1 41  ASN n 
1 42  CYS n 
1 43  PRO n 
1 44  VAL n 
1 45  THR n 
1 46  VAL n 
1 47  LEU n 
1 48  GLN n 
1 49  ASP n 
1 50  TYR n 
1 51  SER n 
1 52  GLU n 
1 53  VAL n 
1 54  ILE n 
1 55  ASN n 
1 56  GLY n 
1 57  LEU n 
1 58  PRO n 
1 59  VAL n 
1 60  GLU n 
1 61  PHE n 
1 62  ASN n 
1 63  ILE n 
1 64  ARG n 
1 65  GLY n 
1 66  ILE n 
1 67  LEU n 
1 68  PRO n 
1 69  ARG n 
1 70  THR n 
1 71  ILE n 
1 72  PHE n 
1 73  THR n 
1 74  ASP n 
1 75  THR n 
1 76  GLU n 
1 77  LEU n 
1 78  ASN n 
1 79  ILE n 
1 80  GLU n 
1 81  PHE n 
1 82  THR n 
1 83  GLU n 
1 84  LYS n 
1 85  PRO n 
1 86  ASN n 
1 87  CYS n 
1 88  ALA n 
1 89  GLU n 
1 90  ASN n 
1 91  SER n 
1 92  ARG n 
1 93  TRP n 
1 94  SER n 
1 95  LEU n 
1 96  PHE n 
1 97  GLU n 
1 98  ASP n 
1 99  ASP n 
1 100 LYS n 
1 101 ILE n 
1 102 HIS n 
1 103 LYS n 
1 104 ALA n 
1 105 TYR n 
1 106 VAL n 
1 107 GLY n 
1 108 ILE n 
1 109 GLY n 
1 110 ASP n 
1 111 SER n 
1 112 GLU n 
1 113 ASP n 
1 114 HIS n 
1 115 PRO n 
1 116 ASP n 
1 117 GLN n 
1 118 GLU n 
1 119 MET n 
1 120 LEU n 
1 121 SER n 
1 122 GLY n 
1 123 SER n 
1 124 PHE n 
1 125 TYR n 
1 126 ILE n 
1 127 LYS n 
1 128 LYS n 
1 129 HIS n 
1 130 GLY n 
1 131 LEU n 
1 132 ARG n 
1 133 ASN n 
1 134 ASN n 
1 135 THR n 
1 136 TYR n 
1 137 LYS n 
1 138 LEU n 
1 139 VAL n 
1 140 PHE n 
1 141 CYS n 
1 142 ARG n 
1 143 ASP n 
1 144 GLY n 
1 145 SER n 
1 146 SER n 
1 147 THR n 
1 148 CYS n 
1 149 SER n 
1 150 ASP n 
1 151 ILE n 
1 152 GLY n 
1 153 ARG n 
1 154 TYR n 
1 155 ASP n 
1 156 ASN n 
1 157 ASN n 
1 158 GLU n 
1 159 ASP n 
1 160 GLY n 
1 161 ARG n 
1 162 ARG n 
1 163 LEU n 
1 164 ILE n 
1 165 LEU n 
1 166 THR n 
1 167 ALA n 
1 168 ASP n 
1 169 LEU n 
1 170 PRO n 
1 171 TYR n 
1 172 GLU n 
1 173 VAL n 
1 174 VAL n 
1 175 PHE n 
1 176 VAL n 
1 177 ASN n 
1 178 ALA n 
1 179 SER n 
# 
_entity_src_nat.entity_id                  1 
_entity_src_nat.pdbx_src_id                1 
_entity_src_nat.pdbx_alt_source_flag       sample 
_entity_src_nat.pdbx_beg_seq_num           1 
_entity_src_nat.pdbx_end_seq_num           179 
_entity_src_nat.common_name                'Velvet bean' 
_entity_src_nat.pdbx_organism_scientific   'Mucuna pruriens' 
_entity_src_nat.pdbx_ncbi_taxonomy_id      157652 
_entity_src_nat.genus                      ? 
_entity_src_nat.species                    ? 
_entity_src_nat.strain                     ? 
_entity_src_nat.tissue                     ? 
_entity_src_nat.tissue_fraction            ? 
_entity_src_nat.pdbx_secretion             ? 
_entity_src_nat.pdbx_fragment              ? 
_entity_src_nat.pdbx_variant               ? 
_entity_src_nat.pdbx_cell_line             ? 
_entity_src_nat.pdbx_atcc                  ? 
_entity_src_nat.pdbx_cellular_location     ? 
_entity_src_nat.pdbx_organ                 ? 
_entity_src_nat.pdbx_organelle             ? 
_entity_src_nat.pdbx_cell                  ? 
_entity_src_nat.pdbx_plasmid_name          ? 
_entity_src_nat.pdbx_plasmid_details       ? 
_entity_src_nat.details                    ? 
# 
loop_
_chem_comp.id 
_chem_comp.type 
_chem_comp.mon_nstd_flag 
_chem_comp.name 
_chem_comp.pdbx_synonyms 
_chem_comp.formula 
_chem_comp.formula_weight 
ALA 'L-peptide linking' y ALANINE         ? 'C3 H7 N O2'     89.093  
ARG 'L-peptide linking' y ARGININE        ? 'C6 H15 N4 O2 1' 175.209 
ASN 'L-peptide linking' y ASPARAGINE      ? 'C4 H8 N2 O3'    132.118 
ASP 'L-peptide linking' y 'ASPARTIC ACID' ? 'C4 H7 N O4'     133.103 
CYS 'L-peptide linking' y CYSTEINE        ? 'C3 H7 N O2 S'   121.158 
GLN 'L-peptide linking' y GLUTAMINE       ? 'C5 H10 N2 O3'   146.144 
GLU 'L-peptide linking' y 'GLUTAMIC ACID' ? 'C5 H9 N O4'     147.129 
GLY 'peptide linking'   y GLYCINE         ? 'C2 H5 N O2'     75.067  
HIS 'L-peptide linking' y HISTIDINE       ? 'C6 H10 N3 O2 1' 156.162 
HOH non-polymer         . WATER           ? 'H2 O'           18.015  
ILE 'L-peptide linking' y ISOLEUCINE      ? 'C6 H13 N O2'    131.173 
LEU 'L-peptide linking' y LEUCINE         ? 'C6 H13 N O2'    131.173 
LYS 'L-peptide linking' y LYSINE          ? 'C6 H15 N2 O2 1' 147.195 
MET 'L-peptide linking' y METHIONINE      ? 'C5 H11 N O2 S'  149.211 
PHE 'L-peptide linking' y PHENYLALANINE   ? 'C9 H11 N O2'    165.189 
PRO 'L-peptide linking' y PROLINE         ? 'C5 H9 N O2'     115.130 
SER 'L-peptide linking' y SERINE          ? 'C3 H7 N O3'     105.093 
THR 'L-peptide linking' y THREONINE       ? 'C4 H9 N O3'     119.119 
TRP 'L-peptide linking' y TRYPTOPHAN      ? 'C11 H12 N2 O2'  204.225 
TYR 'L-peptide linking' y TYROSINE        ? 'C9 H11 N O3'    181.189 
VAL 'L-peptide linking' y VALINE          ? 'C5 H11 N O2'    117.146 
# 
loop_
_pdbx_poly_seq_scheme.asym_id 
_pdbx_poly_seq_scheme.entity_id 
_pdbx_poly_seq_scheme.seq_id 
_pdbx_poly_seq_scheme.mon_id 
_pdbx_poly_seq_scheme.ndb_seq_num 
_pdbx_poly_seq_scheme.pdb_seq_num 
_pdbx_poly_seq_scheme.auth_seq_num 
_pdbx_poly_seq_scheme.pdb_mon_id 
_pdbx_poly_seq_scheme.auth_mon_id 
_pdbx_poly_seq_scheme.pdb_strand_id 
_pdbx_poly_seq_scheme.pdb_ins_code 
_pdbx_poly_seq_scheme.hetero 
A 1 1   ALA 1   4   4   ALA ALA B . n 
A 1 2   GLU 2   5   5   GLU GLU B . n 
A 1 3   PRO 3   6   6   PRO PRO B . n 
A 1 4   VAL 4   7   7   VAL VAL B . n 
A 1 5   ILE 5   8   8   ILE ILE B . n 
A 1 6   ASP 6   9   9   ASP ASP B . n 
A 1 7   THR 7   10  10  THR THR B . n 
A 1 8   ASP 8   11  11  ASP ASP B . n 
A 1 9   GLY 9   12  12  GLY GLY B . n 
A 1 10  ASN 10  13  13  ASN ASN B . n 
A 1 11  PRO 11  14  14  PRO PRO B . n 
A 1 12  LEU 12  15  15  LEU LEU B . n 
A 1 13  HIS 13  16  16  HIS HIS B . n 
A 1 14  ARG 14  17  17  ARG ARG B . n 
A 1 15  GLY 15  18  18  GLY GLY B . n 
A 1 16  GLY 16  19  19  GLY GLY B . n 
A 1 17  LYS 17  20  20  LYS LYS B . n 
A 1 18  TYR 18  21  21  TYR TYR B . n 
A 1 19  TYR 19  22  22  TYR TYR B . n 
A 1 20  ILE 20  23  23  ILE ILE B . n 
A 1 21  MET 21  24  24  MET MET B . n 
A 1 22  PRO 22  25  25  PRO PRO B . n 
A 1 23  SER 23  26  26  SER SER B . n 
A 1 24  ILE 24  27  27  ILE ILE B . n 
A 1 25  TRP 25  28  28  TRP TRP B . n 
A 1 26  GLY 26  29  29  GLY GLY B . n 
A 1 27  PRO 27  30  30  PRO PRO B . n 
A 1 28  PRO 28  31  31  PRO PRO B . n 
A 1 29  GLY 29  32  32  GLY GLY B . n 
A 1 30  GLY 30  33  33  GLY GLY B . n 
A 1 31  GLY 31  34  34  GLY GLY B . n 
A 1 32  LEU 32  35  35  LEU LEU B . n 
A 1 33  ARG 33  36  36  ARG ARG B . n 
A 1 34  LEU 34  37  37  LEU LEU B . n 
A 1 35  GLY 35  38  38  GLY GLY B . n 
A 1 36  LYS 36  39  39  LYS LYS B . n 
A 1 37  THR 37  40  40  THR THR B . n 
A 1 38  GLU 38  41  41  GLU GLU B . n 
A 1 39  ASN 39  42  42  ASN ASN B . n 
A 1 40  LEU 40  43  43  LEU LEU B . n 
A 1 41  ASN 41  44  44  ASN ASN B . n 
A 1 42  CYS 42  45  45  CYS CYS B . n 
A 1 43  PRO 43  46  46  PRO PRO B . n 
A 1 44  VAL 44  47  47  VAL VAL B . n 
A 1 45  THR 45  48  48  THR THR B . n 
A 1 46  VAL 46  49  49  VAL VAL B . n 
A 1 47  LEU 47  50  50  LEU LEU B . n 
A 1 48  GLN 48  51  51  GLN GLN B . n 
A 1 49  ASP 49  52  52  ASP ASP B . n 
A 1 50  TYR 50  53  53  TYR TYR B . n 
A 1 51  SER 51  54  54  SER SER B . n 
A 1 52  GLU 52  55  55  GLU GLU B . n 
A 1 53  VAL 53  56  56  VAL VAL B . n 
A 1 54  ILE 54  57  57  ILE ILE B . n 
A 1 55  ASN 55  58  58  ASN ASN B . n 
A 1 56  GLY 56  59  59  GLY GLY B . n 
A 1 57  LEU 57  60  60  LEU LEU B . n 
A 1 58  PRO 58  61  61  PRO PRO B . n 
A 1 59  VAL 59  62  62  VAL VAL B . n 
A 1 60  GLU 60  63  63  GLU GLU B . n 
A 1 61  PHE 61  64  64  PHE PHE B . n 
A 1 62  ASN 62  65  65  ASN ASN B . n 
A 1 63  ILE 63  66  66  ILE ILE B . n 
A 1 64  ARG 64  67  67  ARG ARG B . n 
A 1 65  GLY 65  68  68  GLY GLY B . n 
A 1 66  ILE 66  69  69  ILE ILE B . n 
A 1 67  LEU 67  70  70  LEU LEU B . n 
A 1 68  PRO 68  71  71  PRO PRO B . n 
A 1 69  ARG 69  72  72  ARG ARG B . n 
A 1 70  THR 70  73  73  THR THR B . n 
A 1 71  ILE 71  74  74  ILE ILE B . n 
A 1 72  PHE 72  75  75  PHE PHE B . n 
A 1 73  THR 73  76  76  THR THR B . n 
A 1 74  ASP 74  77  77  ASP ASP B . n 
A 1 75  THR 75  78  78  THR THR B . n 
A 1 76  GLU 76  79  79  GLU GLU B . n 
A 1 77  LEU 77  80  80  LEU LEU B . n 
A 1 78  ASN 78  81  81  ASN ASN B . n 
A 1 79  ILE 79  82  82  ILE ILE B . n 
A 1 80  GLU 80  83  83  GLU GLU B . n 
A 1 81  PHE 81  84  84  PHE PHE B . n 
A 1 82  THR 82  85  85  THR THR B . n 
A 1 83  GLU 83  86  86  GLU GLU B . n 
A 1 84  LYS 84  87  87  LYS LYS B . n 
A 1 85  PRO 85  88  88  PRO PRO B . n 
A 1 86  ASN 86  89  89  ASN ASN B . n 
A 1 87  CYS 87  90  90  CYS CYS B . n 
A 1 88  ALA 88  91  91  ALA ALA B . n 
A 1 89  GLU 89  92  92  GLU GLU B . n 
A 1 90  ASN 90  93  93  ASN ASN B . n 
A 1 91  SER 91  94  94  SER SER B . n 
A 1 92  ARG 92  95  95  ARG ARG B . n 
A 1 93  TRP 93  96  96  TRP TRP B . n 
A 1 94  SER 94  97  97  SER SER B . n 
A 1 95  LEU 95  98  98  LEU LEU B . n 
A 1 96  PHE 96  99  99  PHE PHE B . n 
A 1 97  GLU 97  100 100 GLU GLU B . n 
A 1 98  ASP 98  101 101 ASP ASP B . n 
A 1 99  ASP 99  102 102 ASP ASP B . n 
A 1 100 LYS 100 104 104 LYS LYS B . n 
A 1 101 ILE 101 105 105 ILE ILE B . n 
A 1 102 HIS 102 106 106 HIS HIS B . n 
A 1 103 LYS 103 107 107 LYS LYS B . n 
A 1 104 ALA 104 108 108 ALA ALA B . n 
A 1 105 TYR 105 109 109 TYR TYR B . n 
A 1 106 VAL 106 110 110 VAL VAL B . n 
A 1 107 GLY 107 111 111 GLY GLY B . n 
A 1 108 ILE 108 112 112 ILE ILE B . n 
A 1 109 GLY 109 113 113 GLY GLY B . n 
A 1 110 ASP 110 114 114 ASP ASP B . n 
A 1 111 SER 111 115 115 SER SER B . n 
A 1 112 GLU 112 116 116 GLU GLU B . n 
A 1 113 ASP 113 117 117 ASP ASP B . n 
A 1 114 HIS 114 118 118 HIS HIS B . n 
A 1 115 PRO 115 119 119 PRO PRO B . n 
A 1 116 ASP 116 120 120 ASP ASP B . n 
A 1 117 GLN 117 121 121 GLN GLN B . n 
A 1 118 GLU 118 122 122 GLU GLU B . n 
A 1 119 MET 119 123 123 MET MET B . n 
A 1 120 LEU 120 124 124 LEU LEU B . n 
A 1 121 SER 121 125 125 SER SER B . n 
A 1 122 GLY 122 126 126 GLY GLY B . n 
A 1 123 SER 123 127 127 SER SER B . n 
A 1 124 PHE 124 128 128 PHE PHE B . n 
A 1 125 TYR 125 129 129 TYR TYR B . n 
A 1 126 ILE 126 130 130 ILE ILE B . n 
A 1 127 LYS 127 131 131 LYS LYS B . n 
A 1 128 LYS 128 132 132 LYS LYS B . n 
A 1 129 HIS 129 133 133 HIS HIS B . n 
A 1 130 GLY 130 134 134 GLY GLY B . n 
A 1 131 LEU 131 135 135 LEU LEU B . n 
A 1 132 ARG 132 136 136 ARG ARG B . n 
A 1 133 ASN 133 137 137 ASN ASN B . n 
A 1 134 ASN 134 138 138 ASN ASN B . n 
A 1 135 THR 135 139 139 THR THR B . n 
A 1 136 TYR 136 140 140 TYR TYR B . n 
A 1 137 LYS 137 141 141 LYS LYS B . n 
A 1 138 LEU 138 142 142 LEU LEU B . n 
A 1 139 VAL 139 143 143 VAL VAL B . n 
A 1 140 PHE 140 144 144 PHE PHE B . n 
A 1 141 CYS 141 145 145 CYS CYS B . n 
A 1 142 ARG 142 146 146 ARG ARG B . n 
A 1 143 ASP 143 147 147 ASP ASP B . n 
A 1 144 GLY 144 148 148 GLY GLY B . n 
A 1 145 SER 145 149 149 SER SER B . n 
A 1 146 SER 146 150 150 SER SER B . n 
A 1 147 THR 147 151 151 THR THR B . n 
A 1 148 CYS 148 152 152 CYS CYS B . n 
A 1 149 SER 149 153 153 SER SER B . n 
A 1 150 ASP 150 154 154 ASP ASP B . n 
A 1 151 ILE 151 155 155 ILE ILE B . n 
A 1 152 GLY 152 156 156 GLY GLY B . n 
A 1 153 ARG 153 157 157 ARG ARG B . n 
A 1 154 TYR 154 158 158 TYR TYR B . n 
A 1 155 ASP 155 159 159 ASP ASP B . n 
A 1 156 ASN 156 160 160 ASN ASN B . n 
A 1 157 ASN 157 161 161 ASN ASN B . n 
A 1 158 GLU 158 162 162 GLU GLU B . n 
A 1 159 ASP 159 163 163 ASP ASP B . n 
A 1 160 GLY 160 164 164 GLY GLY B . n 
A 1 161 ARG 161 165 165 ARG ARG B . n 
A 1 162 ARG 162 166 166 ARG ARG B . n 
A 1 163 LEU 163 167 167 LEU LEU B . n 
A 1 164 ILE 164 168 168 ILE ILE B . n 
A 1 165 LEU 165 169 169 LEU LEU B . n 
A 1 166 THR 166 170 170 THR THR B . n 
A 1 167 ALA 167 171 171 ALA ALA B . n 
A 1 168 ASP 168 172 172 ASP ASP B . n 
A 1 169 LEU 169 173 173 LEU LEU B . n 
A 1 170 PRO 170 174 174 PRO PRO B . n 
A 1 171 TYR 171 175 175 TYR TYR B . n 
A 1 172 GLU 172 176 176 GLU GLU B . n 
A 1 173 VAL 173 177 177 VAL VAL B . n 
A 1 174 VAL 174 178 178 VAL VAL B . n 
A 1 175 PHE 175 179 179 PHE PHE B . n 
A 1 176 VAL 176 180 180 VAL VAL B . n 
A 1 177 ASN 177 181 181 ASN ASN B . n 
A 1 178 ALA 178 182 182 ALA ALA B . n 
A 1 179 SER 179 183 183 SER SER B . n 
# 
loop_
_pdbx_nonpoly_scheme.asym_id 
_pdbx_nonpoly_scheme.entity_id 
_pdbx_nonpoly_scheme.mon_id 
_pdbx_nonpoly_scheme.ndb_seq_num 
_pdbx_nonpoly_scheme.pdb_seq_num 
_pdbx_nonpoly_scheme.auth_seq_num 
_pdbx_nonpoly_scheme.pdb_mon_id 
_pdbx_nonpoly_scheme.auth_mon_id 
_pdbx_nonpoly_scheme.pdb_strand_id 
_pdbx_nonpoly_scheme.pdb_ins_code 
B 2 HOH 1  201 21  HOH HOH B . 
B 2 HOH 2  202 34  HOH HOH B . 
B 2 HOH 3  203 40  HOH HOH B . 
B 2 HOH 4  204 55  HOH HOH B . 
B 2 HOH 5  205 9   HOH HOH B . 
B 2 HOH 6  206 25  HOH HOH B . 
B 2 HOH 7  207 75  HOH HOH B . 
B 2 HOH 8  208 8   HOH HOH B . 
B 2 HOH 9  209 56  HOH HOH B . 
B 2 HOH 10 210 43  HOH HOH B . 
B 2 HOH 11 211 70  HOH HOH B . 
B 2 HOH 12 212 123 HOH HOH B . 
B 2 HOH 13 213 5   HOH HOH B . 
B 2 HOH 14 214 54  HOH HOH B . 
B 2 HOH 15 215 26  HOH HOH B . 
B 2 HOH 16 216 4   HOH HOH B . 
B 2 HOH 17 217 103 HOH HOH B . 
B 2 HOH 18 218 3   HOH HOH B . 
B 2 HOH 19 219 36  HOH HOH B . 
B 2 HOH 20 220 66  HOH HOH B . 
B 2 HOH 21 221 78  HOH HOH B . 
B 2 HOH 22 222 77  HOH HOH B . 
B 2 HOH 23 223 13  HOH HOH B . 
B 2 HOH 24 224 19  HOH HOH B . 
B 2 HOH 25 225 31  HOH HOH B . 
B 2 HOH 26 226 2   HOH HOH B . 
B 2 HOH 27 227 20  HOH HOH B . 
B 2 HOH 28 228 1   HOH HOH B . 
B 2 HOH 29 229 63  HOH HOH B . 
B 2 HOH 30 230 12  HOH HOH B . 
B 2 HOH 31 231 64  HOH HOH B . 
B 2 HOH 32 232 7   HOH HOH B . 
B 2 HOH 33 233 17  HOH HOH B . 
B 2 HOH 34 234 10  HOH HOH B . 
B 2 HOH 35 235 18  HOH HOH B . 
B 2 HOH 36 236 24  HOH HOH B . 
B 2 HOH 37 237 28  HOH HOH B . 
B 2 HOH 38 238 23  HOH HOH B . 
B 2 HOH 39 239 29  HOH HOH B . 
B 2 HOH 40 240 47  HOH HOH B . 
B 2 HOH 41 241 62  HOH HOH B . 
B 2 HOH 42 242 30  HOH HOH B . 
B 2 HOH 43 243 14  HOH HOH B . 
B 2 HOH 44 244 32  HOH HOH B . 
B 2 HOH 45 245 51  HOH HOH B . 
B 2 HOH 46 246 48  HOH HOH B . 
B 2 HOH 47 247 138 HOH HOH B . 
B 2 HOH 48 248 39  HOH HOH B . 
B 2 HOH 49 249 57  HOH HOH B . 
B 2 HOH 50 250 52  HOH HOH B . 
B 2 HOH 51 251 6   HOH HOH B . 
B 2 HOH 52 252 38  HOH HOH B . 
B 2 HOH 53 253 22  HOH HOH B . 
B 2 HOH 54 254 116 HOH HOH B . 
B 2 HOH 55 255 41  HOH HOH B . 
B 2 HOH 56 256 58  HOH HOH B . 
B 2 HOH 57 257 27  HOH HOH B . 
B 2 HOH 58 258 94  HOH HOH B . 
B 2 HOH 59 259 16  HOH HOH B . 
B 2 HOH 60 260 92  HOH HOH B . 
B 2 HOH 61 261 44  HOH HOH B . 
B 2 HOH 62 262 42  HOH HOH B . 
B 2 HOH 63 263 59  HOH HOH B . 
B 2 HOH 64 264 98  HOH HOH B . 
B 2 HOH 65 265 79  HOH HOH B . 
B 2 HOH 66 266 107 HOH HOH B . 
B 2 HOH 67 267 11  HOH HOH B . 
B 2 HOH 68 268 60  HOH HOH B . 
B 2 HOH 69 269 71  HOH HOH B . 
B 2 HOH 70 270 53  HOH HOH B . 
B 2 HOH 71 271 49  HOH HOH B . 
B 2 HOH 72 272 50  HOH HOH B . 
B 2 HOH 73 273 93  HOH HOH B . 
B 2 HOH 74 274 135 HOH HOH B . 
B 2 HOH 75 275 82  HOH HOH B . 
B 2 HOH 76 276 124 HOH HOH B . 
B 2 HOH 77 277 132 HOH HOH B . 
B 2 HOH 78 278 122 HOH HOH B . 
B 2 HOH 79 279 136 HOH HOH B . 
B 2 HOH 80 280 83  HOH HOH B . 
B 2 HOH 81 281 37  HOH HOH B . 
B 2 HOH 82 282 89  HOH HOH B . 
B 2 HOH 83 283 68  HOH HOH B . 
B 2 HOH 84 284 130 HOH HOH B . 
B 2 HOH 85 285 113 HOH HOH B . 
B 2 HOH 86 286 97  HOH HOH B . 
B 2 HOH 87 287 33  HOH HOH B . 
B 2 HOH 88 288 90  HOH HOH B . 
# 
loop_
_software.citation_id 
_software.classification 
_software.compiler_name 
_software.compiler_version 
_software.contact_author 
_software.contact_author_email 
_software.date 
_software.description 
_software.dependencies 
_software.hardware 
_software.language 
_software.location 
_software.mods 
_software.name 
_software.os 
_software.os_version 
_software.type 
_software.version 
_software.pdbx_ordinal 
? refinement       ? ? ? ? ? ? ? ? ? ? ? PHENIX ? ? ? '(1.14_3260: ???)' 1 
? 'data reduction' ? ? ? ? ? ? ? ? ? ? ? MOSFLM ? ? ? .                  2 
? 'data scaling'   ? ? ? ? ? ? ? ? ? ? ? SCALA  ? ? ? .                  3 
? phasing          ? ? ? ? ? ? ? ? ? ? ? PHASER ? ? ? .                  4 
# 
_cell.angle_alpha                  90.00 
_cell.angle_alpha_esd              ? 
_cell.angle_beta                   90.00 
_cell.angle_beta_esd               ? 
_cell.angle_gamma                  120.00 
_cell.angle_gamma_esd              ? 
_cell.entry_id                     6JBP 
_cell.details                      ? 
_cell.formula_units_Z              ? 
_cell.length_a                     75.460 
_cell.length_a_esd                 ? 
_cell.length_b                     75.460 
_cell.length_b_esd                 ? 
_cell.length_c                     94.230 
_cell.length_c_esd                 ? 
_cell.volume                       ? 
_cell.volume_esd                   ? 
_cell.Z_PDB                        6 
_cell.reciprocal_angle_alpha       ? 
_cell.reciprocal_angle_beta        ? 
_cell.reciprocal_angle_gamma       ? 
_cell.reciprocal_angle_alpha_esd   ? 
_cell.reciprocal_angle_beta_esd    ? 
_cell.reciprocal_angle_gamma_esd   ? 
_cell.reciprocal_length_a          ? 
_cell.reciprocal_length_b          ? 
_cell.reciprocal_length_c          ? 
_cell.reciprocal_length_a_esd      ? 
_cell.reciprocal_length_b_esd      ? 
_cell.reciprocal_length_c_esd      ? 
_cell.pdbx_unique_axis             ? 
# 
_symmetry.entry_id                         6JBP 
_symmetry.cell_setting                     ? 
_symmetry.Int_Tables_number                152 
_symmetry.space_group_name_Hall            ? 
_symmetry.space_group_name_H-M             'P 31 2 1' 
_symmetry.pdbx_full_space_group_name_H-M   ? 
# 
_exptl.absorpt_coefficient_mu     ? 
_exptl.absorpt_correction_T_max   ? 
_exptl.absorpt_correction_T_min   ? 
_exptl.absorpt_correction_type    ? 
_exptl.absorpt_process_details    ? 
_exptl.entry_id                   6JBP 
_exptl.crystals_number            1 
_exptl.details                    ? 
_exptl.method                     'X-RAY DIFFRACTION' 
_exptl.method_details             ? 
# 
_exptl_crystal.colour                      ? 
_exptl_crystal.density_diffrn              ? 
_exptl_crystal.density_Matthews            3.85 
_exptl_crystal.density_method              ? 
_exptl_crystal.density_percent_sol         68.05 
_exptl_crystal.description                 ? 
_exptl_crystal.F_000                       ? 
_exptl_crystal.id                          1 
_exptl_crystal.preparation                 ? 
_exptl_crystal.size_max                    ? 
_exptl_crystal.size_mid                    ? 
_exptl_crystal.size_min                    ? 
_exptl_crystal.size_rad                    ? 
_exptl_crystal.colour_lustre               ? 
_exptl_crystal.colour_modifier             ? 
_exptl_crystal.colour_primary              ? 
_exptl_crystal.density_meas                ? 
_exptl_crystal.density_meas_esd            ? 
_exptl_crystal.density_meas_gt             ? 
_exptl_crystal.density_meas_lt             ? 
_exptl_crystal.density_meas_temp           ? 
_exptl_crystal.density_meas_temp_esd       ? 
_exptl_crystal.density_meas_temp_gt        ? 
_exptl_crystal.density_meas_temp_lt        ? 
_exptl_crystal.pdbx_crystal_image_url      ? 
_exptl_crystal.pdbx_crystal_image_format   ? 
_exptl_crystal.pdbx_mosaicity              ? 
_exptl_crystal.pdbx_mosaicity_esd          ? 
# 
_exptl_crystal_grow.apparatus       ? 
_exptl_crystal_grow.atmosphere      ? 
_exptl_crystal_grow.crystal_id      1 
_exptl_crystal_grow.details         ? 
_exptl_crystal_grow.method          'VAPOR DIFFUSION, HANGING DROP' 
_exptl_crystal_grow.method_ref      ? 
_exptl_crystal_grow.pH              9.5 
_exptl_crystal_grow.pressure        ? 
_exptl_crystal_grow.pressure_esd    ? 
_exptl_crystal_grow.seeding         ? 
_exptl_crystal_grow.seeding_ref     ? 
_exptl_crystal_grow.temp            298 
_exptl_crystal_grow.temp_details    ? 
_exptl_crystal_grow.temp_esd        ? 
_exptl_crystal_grow.time            ? 
_exptl_crystal_grow.pdbx_details    '50mM Tris-HCl pH 9.5, 1.5M ammonium sulfate' 
_exptl_crystal_grow.pdbx_pH_range   ? 
# 
_diffrn.ambient_environment              ? 
_diffrn.ambient_temp                     298 
_diffrn.ambient_temp_details             ? 
_diffrn.ambient_temp_esd                 ? 
_diffrn.crystal_id                       1 
_diffrn.crystal_support                  ? 
_diffrn.crystal_treatment                ? 
_diffrn.details                          ? 
_diffrn.id                               1 
_diffrn.ambient_pressure                 ? 
_diffrn.ambient_pressure_esd             ? 
_diffrn.ambient_pressure_gt              ? 
_diffrn.ambient_pressure_lt              ? 
_diffrn.ambient_temp_gt                  ? 
_diffrn.ambient_temp_lt                  ? 
_diffrn.pdbx_serial_crystal_experiment   N 
# 
_diffrn_detector.details                      ? 
_diffrn_detector.detector                     'IMAGE PLATE' 
_diffrn_detector.diffrn_id                    1 
_diffrn_detector.type                         MARRESEARCH 
_diffrn_detector.area_resol_mean              ? 
_diffrn_detector.dtime                        ? 
_diffrn_detector.pdbx_frames_total            ? 
_diffrn_detector.pdbx_collection_time_total   ? 
_diffrn_detector.pdbx_collection_date         2017-11-01 
_diffrn_detector.pdbx_frequency               ? 
# 
_diffrn_radiation.collimation                      ? 
_diffrn_radiation.diffrn_id                        1 
_diffrn_radiation.filter_edge                      ? 
_diffrn_radiation.inhomogeneity                    ? 
_diffrn_radiation.monochromator                    ? 
_diffrn_radiation.polarisn_norm                    ? 
_diffrn_radiation.polarisn_ratio                   ? 
_diffrn_radiation.probe                            ? 
_diffrn_radiation.type                             ? 
_diffrn_radiation.xray_symbol                      ? 
_diffrn_radiation.wavelength_id                    1 
_diffrn_radiation.pdbx_monochromatic_or_laue_m_l   M 
_diffrn_radiation.pdbx_wavelength_list             ? 
_diffrn_radiation.pdbx_wavelength                  ? 
_diffrn_radiation.pdbx_diffrn_protocol             'SINGLE WAVELENGTH' 
_diffrn_radiation.pdbx_analyzer                    ? 
_diffrn_radiation.pdbx_scattering_type             x-ray 
# 
_diffrn_radiation_wavelength.id           1 
_diffrn_radiation_wavelength.wavelength   1.5418 
_diffrn_radiation_wavelength.wt           1.0 
# 
_diffrn_source.current                     ? 
_diffrn_source.details                     ? 
_diffrn_source.diffrn_id                   1 
_diffrn_source.power                       ? 
_diffrn_source.size                        ? 
_diffrn_source.source                      'SEALED TUBE' 
_diffrn_source.target                      ? 
_diffrn_source.type                        'Xenocs GeniX 3D Cu HF' 
_diffrn_source.voltage                     ? 
_diffrn_source.take-off_angle              ? 
_diffrn_source.pdbx_wavelength_list        1.5418 
_diffrn_source.pdbx_wavelength             ? 
_diffrn_source.pdbx_synchrotron_beamline   ? 
_diffrn_source.pdbx_synchrotron_site       ? 
# 
_reflns.B_iso_Wilson_estimate            ? 
_reflns.entry_id                         6JBP 
_reflns.data_reduction_details           ? 
_reflns.data_reduction_method            ? 
_reflns.d_resolution_high                2.21 
_reflns.d_resolution_low                 53.70 
_reflns.details                          ? 
_reflns.limit_h_max                      ? 
_reflns.limit_h_min                      ? 
_reflns.limit_k_max                      ? 
_reflns.limit_k_min                      ? 
_reflns.limit_l_max                      ? 
_reflns.limit_l_min                      ? 
_reflns.number_all                       ? 
_reflns.number_obs                       15843 
_reflns.observed_criterion               ? 
_reflns.observed_criterion_F_max         ? 
_reflns.observed_criterion_F_min         ? 
_reflns.observed_criterion_I_max         ? 
_reflns.observed_criterion_I_min         ? 
_reflns.observed_criterion_sigma_F       ? 
_reflns.observed_criterion_sigma_I       ? 
_reflns.percent_possible_obs             99.2 
_reflns.R_free_details                   ? 
_reflns.Rmerge_F_all                     ? 
_reflns.Rmerge_F_obs                     ? 
_reflns.Friedel_coverage                 ? 
_reflns.number_gt                        ? 
_reflns.threshold_expression             ? 
_reflns.pdbx_redundancy                  7.3 
_reflns.pdbx_Rmerge_I_obs                .067 
_reflns.pdbx_Rmerge_I_all                ? 
_reflns.pdbx_Rsym_value                  ? 
_reflns.pdbx_netI_over_av_sigmaI         ? 
_reflns.pdbx_netI_over_sigmaI            23.8 
_reflns.pdbx_res_netI_over_av_sigmaI_2   ? 
_reflns.pdbx_res_netI_over_sigmaI_2      ? 
_reflns.pdbx_chi_squared                 ? 
_reflns.pdbx_scaling_rejects             ? 
_reflns.pdbx_d_res_high_opt              ? 
_reflns.pdbx_d_res_low_opt               ? 
_reflns.pdbx_d_res_opt_method            ? 
_reflns.phase_calculation_details        ? 
_reflns.pdbx_Rrim_I_all                  .072 
_reflns.pdbx_Rpim_I_all                  .026 
_reflns.pdbx_d_opt                       ? 
_reflns.pdbx_number_measured_all         ? 
_reflns.pdbx_diffrn_id                   1 
_reflns.pdbx_ordinal                     1 
_reflns.pdbx_CC_half                     ? 
_reflns.pdbx_R_split                     ? 
# 
_reflns_shell.d_res_high                  2.21 
_reflns_shell.d_res_low                   2.33 
_reflns_shell.meanI_over_sigI_all         ? 
_reflns_shell.meanI_over_sigI_obs         5.9 
_reflns_shell.number_measured_all         ? 
_reflns_shell.number_measured_obs         ? 
_reflns_shell.number_possible             ? 
_reflns_shell.number_unique_all           ? 
_reflns_shell.number_unique_obs           2151 
_reflns_shell.percent_possible_all        94.2 
_reflns_shell.percent_possible_obs        ? 
_reflns_shell.Rmerge_F_all                ? 
_reflns_shell.Rmerge_F_obs                ? 
_reflns_shell.Rmerge_I_all                ? 
_reflns_shell.Rmerge_I_obs                0.322 
_reflns_shell.meanI_over_sigI_gt          ? 
_reflns_shell.meanI_over_uI_all           ? 
_reflns_shell.meanI_over_uI_gt            ? 
_reflns_shell.number_measured_gt          ? 
_reflns_shell.number_unique_gt            ? 
_reflns_shell.percent_possible_gt         ? 
_reflns_shell.Rmerge_F_gt                 ? 
_reflns_shell.Rmerge_I_gt                 ? 
_reflns_shell.pdbx_redundancy             7 
_reflns_shell.pdbx_Rsym_value             ? 
_reflns_shell.pdbx_chi_squared            ? 
_reflns_shell.pdbx_netI_over_sigmaI_all   ? 
_reflns_shell.pdbx_netI_over_sigmaI_obs   ? 
_reflns_shell.pdbx_Rrim_I_all             0.348 
_reflns_shell.pdbx_Rpim_I_all             0.129 
_reflns_shell.pdbx_rejects                ? 
_reflns_shell.pdbx_ordinal                1 
_reflns_shell.pdbx_diffrn_id              1 
_reflns_shell.pdbx_CC_half                ? 
_reflns_shell.pdbx_R_split                ? 
# 
_refine.aniso_B[1][1]                            ? 
_refine.aniso_B[1][2]                            ? 
_refine.aniso_B[1][3]                            ? 
_refine.aniso_B[2][2]                            ? 
_refine.aniso_B[2][3]                            ? 
_refine.aniso_B[3][3]                            ? 
_refine.B_iso_max                                ? 
_refine.B_iso_mean                               ? 
_refine.B_iso_min                                ? 
_refine.correlation_coeff_Fo_to_Fc               ? 
_refine.correlation_coeff_Fo_to_Fc_free          ? 
_refine.details                                  ? 
_refine.diff_density_max                         ? 
_refine.diff_density_max_esd                     ? 
_refine.diff_density_min                         ? 
_refine.diff_density_min_esd                     ? 
_refine.diff_density_rms                         ? 
_refine.diff_density_rms_esd                     ? 
_refine.entry_id                                 6JBP 
_refine.pdbx_refine_id                           'X-RAY DIFFRACTION' 
_refine.ls_abs_structure_details                 ? 
_refine.ls_abs_structure_Flack                   ? 
_refine.ls_abs_structure_Flack_esd               ? 
_refine.ls_abs_structure_Rogers                  ? 
_refine.ls_abs_structure_Rogers_esd              ? 
_refine.ls_d_res_high                            2.217 
_refine.ls_d_res_low                             38.218 
_refine.ls_extinction_coef                       ? 
_refine.ls_extinction_coef_esd                   ? 
_refine.ls_extinction_expression                 ? 
_refine.ls_extinction_method                     ? 
_refine.ls_goodness_of_fit_all                   ? 
_refine.ls_goodness_of_fit_all_esd               ? 
_refine.ls_goodness_of_fit_obs                   ? 
_refine.ls_goodness_of_fit_obs_esd               ? 
_refine.ls_hydrogen_treatment                    ? 
_refine.ls_matrix_type                           ? 
_refine.ls_number_constraints                    ? 
_refine.ls_number_parameters                     ? 
_refine.ls_number_reflns_all                     ? 
_refine.ls_number_reflns_obs                     15811 
_refine.ls_number_reflns_R_free                  771 
_refine.ls_number_reflns_R_work                  ? 
_refine.ls_number_restraints                     ? 
_refine.ls_percent_reflns_obs                    99.46 
_refine.ls_percent_reflns_R_free                 4.86 
_refine.ls_R_factor_all                          ? 
_refine.ls_R_factor_obs                          0.1814 
_refine.ls_R_factor_R_free                       0.2203 
_refine.ls_R_factor_R_free_error                 ? 
_refine.ls_R_factor_R_free_error_details         ? 
_refine.ls_R_factor_R_work                       0.1795 
_refine.ls_R_Fsqd_factor_obs                     ? 
_refine.ls_R_I_factor_obs                        ? 
_refine.ls_redundancy_reflns_all                 ? 
_refine.ls_redundancy_reflns_obs                 ? 
_refine.ls_restrained_S_all                      ? 
_refine.ls_restrained_S_obs                      ? 
_refine.ls_shift_over_esd_max                    ? 
_refine.ls_shift_over_esd_mean                   ? 
_refine.ls_structure_factor_coef                 ? 
_refine.ls_weighting_details                     ? 
_refine.ls_weighting_scheme                      ? 
_refine.ls_wR_factor_all                         ? 
_refine.ls_wR_factor_obs                         ? 
_refine.ls_wR_factor_R_free                      ? 
_refine.ls_wR_factor_R_work                      ? 
_refine.occupancy_max                            ? 
_refine.occupancy_min                            ? 
_refine.solvent_model_details                    ? 
_refine.solvent_model_param_bsol                 ? 
_refine.solvent_model_param_ksol                 ? 
_refine.ls_R_factor_gt                           ? 
_refine.ls_goodness_of_fit_gt                    ? 
_refine.ls_goodness_of_fit_ref                   ? 
_refine.ls_shift_over_su_max                     ? 
_refine.ls_shift_over_su_max_lt                  ? 
_refine.ls_shift_over_su_mean                    ? 
_refine.ls_shift_over_su_mean_lt                 ? 
_refine.pdbx_ls_sigma_I                          ? 
_refine.pdbx_ls_sigma_F                          ? 
_refine.pdbx_ls_sigma_Fsqd                       ? 
_refine.pdbx_data_cutoff_high_absF               ? 
_refine.pdbx_data_cutoff_high_rms_absF           ? 
_refine.pdbx_data_cutoff_low_absF                ? 
_refine.pdbx_isotropic_thermal_model             ? 
_refine.pdbx_ls_cross_valid_method               'FREE R-VALUE' 
_refine.pdbx_method_to_determine_struct          'MOLECULAR REPLACEMENT' 
_refine.pdbx_starting_model                      5DSS 
_refine.pdbx_stereochemistry_target_values       ? 
_refine.pdbx_R_Free_selection_details            'Random Selection' 
_refine.pdbx_stereochem_target_val_spec_case     ? 
_refine.pdbx_overall_ESU_R                       ? 
_refine.pdbx_overall_ESU_R_Free                  ? 
_refine.pdbx_solvent_vdw_probe_radii             1.11 
_refine.pdbx_solvent_ion_probe_radii             ? 
_refine.pdbx_solvent_shrinkage_radii             0.90 
_refine.pdbx_real_space_R                        ? 
_refine.pdbx_density_correlation                 ? 
_refine.pdbx_pd_number_of_powder_patterns        ? 
_refine.pdbx_pd_number_of_points                 ? 
_refine.pdbx_pd_meas_number_of_points            ? 
_refine.pdbx_pd_proc_ls_prof_R_factor            ? 
_refine.pdbx_pd_proc_ls_prof_wR_factor           ? 
_refine.pdbx_pd_Marquardt_correlation_coeff      ? 
_refine.pdbx_pd_Fsqrd_R_factor                   ? 
_refine.pdbx_pd_ls_matrix_band_width             ? 
_refine.pdbx_overall_phase_error                 19.87 
_refine.pdbx_overall_SU_R_free_Cruickshank_DPI   ? 
_refine.pdbx_overall_SU_R_free_Blow_DPI          ? 
_refine.pdbx_overall_SU_R_Blow_DPI               ? 
_refine.pdbx_TLS_residual_ADP_flag               ? 
_refine.pdbx_diffrn_id                           1 
_refine.overall_SU_B                             ? 
_refine.overall_SU_ML                            0.20 
_refine.overall_SU_R_Cruickshank_DPI             ? 
_refine.overall_SU_R_free                        ? 
_refine.overall_FOM_free_R_set                   ? 
_refine.overall_FOM_work_R_set                   ? 
_refine.pdbx_average_fsc_overall                 ? 
_refine.pdbx_average_fsc_work                    ? 
_refine.pdbx_average_fsc_free                    ? 
# 
_refine_hist.pdbx_refine_id                   'X-RAY DIFFRACTION' 
_refine_hist.cycle_id                         LAST 
_refine_hist.pdbx_number_atoms_protein        1414 
_refine_hist.pdbx_number_atoms_nucleic_acid   0 
_refine_hist.pdbx_number_atoms_ligand         0 
_refine_hist.number_atoms_solvent             88 
_refine_hist.number_atoms_total               1502 
_refine_hist.d_res_high                       2.217 
_refine_hist.d_res_low                        38.218 
# 
loop_
_refine_ls_restr.pdbx_refine_id 
_refine_ls_restr.criterion 
_refine_ls_restr.dev_ideal 
_refine_ls_restr.dev_ideal_target 
_refine_ls_restr.number 
_refine_ls_restr.rejects 
_refine_ls_restr.type 
_refine_ls_restr.weight 
_refine_ls_restr.pdbx_restraint_function 
'X-RAY DIFFRACTION' ? 0.006 ? 1449 ? f_bond_d           ? ? 
'X-RAY DIFFRACTION' ? 0.773 ? 1968 ? f_angle_d          ? ? 
'X-RAY DIFFRACTION' ? 9.266 ? 863  ? f_dihedral_angle_d ? ? 
'X-RAY DIFFRACTION' ? 0.051 ? 210  ? f_chiral_restr     ? ? 
'X-RAY DIFFRACTION' ? 0.005 ? 262  ? f_plane_restr      ? ? 
# 
loop_
_refine_ls_shell.pdbx_refine_id 
_refine_ls_shell.d_res_high 
_refine_ls_shell.d_res_low 
_refine_ls_shell.number_reflns_all 
_refine_ls_shell.number_reflns_obs 
_refine_ls_shell.number_reflns_R_free 
_refine_ls_shell.number_reflns_R_work 
_refine_ls_shell.percent_reflns_obs 
_refine_ls_shell.percent_reflns_R_free 
_refine_ls_shell.R_factor_all 
_refine_ls_shell.R_factor_obs 
_refine_ls_shell.R_factor_R_free 
_refine_ls_shell.R_factor_R_free_error 
_refine_ls_shell.R_factor_R_work 
_refine_ls_shell.redundancy_reflns_all 
_refine_ls_shell.redundancy_reflns_obs 
_refine_ls_shell.wR_factor_all 
_refine_ls_shell.wR_factor_obs 
_refine_ls_shell.wR_factor_R_free 
_refine_ls_shell.wR_factor_R_work 
_refine_ls_shell.pdbx_total_number_of_bins_used 
_refine_ls_shell.pdbx_phase_error 
_refine_ls_shell.pdbx_fsc_work 
_refine_ls_shell.pdbx_fsc_free 
'X-RAY DIFFRACTION' 2.2167 2.2959  . . 116 2721 95.00  . . . 0.2877 . 0.2154 . . . . . . . . . . 
'X-RAY DIFFRACTION' 2.2959 2.3878  . . 153 2780 100.00 . . . 0.2391 . 0.2044 . . . . . . . . . . 
'X-RAY DIFFRACTION' 2.3878 2.4965  . . 157 2833 100.00 . . . 0.2908 . 0.2011 . . . . . . . . . . 
'X-RAY DIFFRACTION' 2.4965 2.6281  . . 179 2828 100.00 . . . 0.2845 . 0.2074 . . . . . . . . . . 
'X-RAY DIFFRACTION' 2.6281 2.7927  . . 136 2837 100.00 . . . 0.2187 . 0.1995 . . . . . . . . . . 
'X-RAY DIFFRACTION' 2.7927 3.0083  . . 145 2820 100.00 . . . 0.2447 . 0.2039 . . . . . . . . . . 
'X-RAY DIFFRACTION' 3.0083 3.3108  . . 146 2833 100.00 . . . 0.2063 . 0.1898 . . . . . . . . . . 
'X-RAY DIFFRACTION' 3.3108 3.7895  . . 126 2861 100.00 . . . 0.2179 . 0.1610 . . . . . . . . . . 
'X-RAY DIFFRACTION' 3.7895 4.7730  . . 161 2797 100.00 . . . 0.1571 . 0.1403 . . . . . . . . . . 
'X-RAY DIFFRACTION' 4.7730 38.2236 . . 120 2881 100.00 . . . 0.2163 . 0.1726 . . . . . . . . . . 
# 
_struct.entry_id                     6JBP 
_struct.title                        'Structure of MP-4 from Mucuna pruriens at 2.22 Angstroms' 
_struct.pdbx_model_details           ? 
_struct.pdbx_formula_weight          ? 
_struct.pdbx_formula_weight_method   ? 
_struct.pdbx_model_type_details      ? 
_struct.pdbx_CASP_flag               N 
# 
_struct_keywords.entry_id        6JBP 
_struct_keywords.text            'Protease Inhibitor, Mucuna pruriens, PLANT PROTEIN' 
_struct_keywords.pdbx_keywords   'PLANT PROTEIN' 
# 
loop_
_struct_asym.id 
_struct_asym.pdbx_blank_PDB_chainid_flag 
_struct_asym.pdbx_modified 
_struct_asym.entity_id 
_struct_asym.details 
A N N 1 ? 
B N N 2 ? 
# 
_struct_ref.id                         1 
_struct_ref.db_name                    UNP 
_struct_ref.db_code                    A0A371E4L6_MUCPR 
_struct_ref.pdbx_db_accession          A0A371E4L6 
_struct_ref.pdbx_db_isoform            ? 
_struct_ref.entity_id                  1 
_struct_ref.pdbx_seq_one_letter_code   
;AEPVIDTDGNPLHRGGKYYIMPSIWGPPGGGLRLGKTENLNCPVTVLQDYSEVINGLPVEFNIRGILPRTIFTDTELNIE
FTEKPNCAENSRWSLFEDDKIHKAYVGIGDSEDHPDQEMLSGSFYIKKHGLRNNTYKLVFCRDGSSTCSDIGRYDNNEDG
RRLILTQDLPYEVVFVNAS
;
_struct_ref.pdbx_align_begin           28 
# 
_struct_ref_seq.align_id                      1 
_struct_ref_seq.ref_id                        1 
_struct_ref_seq.pdbx_PDB_id_code              6JBP 
_struct_ref_seq.pdbx_strand_id                B 
_struct_ref_seq.seq_align_beg                 1 
_struct_ref_seq.pdbx_seq_align_beg_ins_code   ? 
_struct_ref_seq.seq_align_end                 179 
_struct_ref_seq.pdbx_seq_align_end_ins_code   ? 
_struct_ref_seq.pdbx_db_accession             A0A371E4L6 
_struct_ref_seq.db_align_beg                  28 
_struct_ref_seq.pdbx_db_align_beg_ins_code    ? 
_struct_ref_seq.db_align_end                  206 
_struct_ref_seq.pdbx_db_align_end_ins_code    ? 
_struct_ref_seq.pdbx_auth_seq_align_beg       4 
_struct_ref_seq.pdbx_auth_seq_align_end       183 
# 
_struct_ref_seq_dif.align_id                     1 
_struct_ref_seq_dif.pdbx_pdb_id_code             6JBP 
_struct_ref_seq_dif.mon_id                       ALA 
_struct_ref_seq_dif.pdbx_pdb_strand_id           B 
_struct_ref_seq_dif.seq_num                      167 
_struct_ref_seq_dif.pdbx_pdb_ins_code            ? 
_struct_ref_seq_dif.pdbx_seq_db_name             UNP 
_struct_ref_seq_dif.pdbx_seq_db_accession_code   A0A371E4L6 
_struct_ref_seq_dif.db_mon_id                    GLN 
_struct_ref_seq_dif.pdbx_seq_db_seq_num          194 
_struct_ref_seq_dif.details                      conflict 
_struct_ref_seq_dif.pdbx_auth_seq_num            171 
_struct_ref_seq_dif.pdbx_ordinal                 1 
# 
_pdbx_struct_assembly.id                   1 
_pdbx_struct_assembly.details              author_defined_assembly 
_pdbx_struct_assembly.method_details       ? 
_pdbx_struct_assembly.oligomeric_details   monomeric 
_pdbx_struct_assembly.oligomeric_count     1 
# 
loop_
_pdbx_struct_assembly_prop.biol_id 
_pdbx_struct_assembly_prop.type 
_pdbx_struct_assembly_prop.value 
_pdbx_struct_assembly_prop.details 
1 'ABSA (A^2)' 0    ? 
1 MORE         0    ? 
1 'SSA (A^2)'  9040 ? 
# 
_pdbx_struct_assembly_gen.assembly_id       1 
_pdbx_struct_assembly_gen.oper_expression   1 
_pdbx_struct_assembly_gen.asym_id_list      A,B 
# 
_pdbx_struct_assembly_auth_evidence.id                     1 
_pdbx_struct_assembly_auth_evidence.assembly_id            1 
_pdbx_struct_assembly_auth_evidence.experimental_support   'gel filtration' 
_pdbx_struct_assembly_auth_evidence.details                ? 
# 
_pdbx_struct_oper_list.id                   1 
_pdbx_struct_oper_list.type                 'identity operation' 
_pdbx_struct_oper_list.name                 1_555 
_pdbx_struct_oper_list.symmetry_operation   x,y,z 
_pdbx_struct_oper_list.matrix[1][1]         1.0000000000 
_pdbx_struct_oper_list.matrix[1][2]         0.0000000000 
_pdbx_struct_oper_list.matrix[1][3]         0.0000000000 
_pdbx_struct_oper_list.vector[1]            0.0000000000 
_pdbx_struct_oper_list.matrix[2][1]         0.0000000000 
_pdbx_struct_oper_list.matrix[2][2]         1.0000000000 
_pdbx_struct_oper_list.matrix[2][3]         0.0000000000 
_pdbx_struct_oper_list.vector[2]            0.0000000000 
_pdbx_struct_oper_list.matrix[3][1]         0.0000000000 
_pdbx_struct_oper_list.matrix[3][2]         0.0000000000 
_pdbx_struct_oper_list.matrix[3][3]         1.0000000000 
_pdbx_struct_oper_list.vector[3]            0.0000000000 
# 
_struct_conf.conf_type_id            HELX_P 
_struct_conf.id                      HELX_P1 
_struct_conf.pdbx_PDB_helix_id       AA1 
_struct_conf.beg_label_comp_id       ASP 
_struct_conf.beg_label_asym_id       A 
_struct_conf.beg_label_seq_id        110 
_struct_conf.pdbx_beg_PDB_ins_code   ? 
_struct_conf.end_label_comp_id       HIS 
_struct_conf.end_label_asym_id       A 
_struct_conf.end_label_seq_id        114 
_struct_conf.pdbx_end_PDB_ins_code   ? 
_struct_conf.beg_auth_comp_id        ASP 
_struct_conf.beg_auth_asym_id        B 
_struct_conf.beg_auth_seq_id         114 
_struct_conf.end_auth_comp_id        HIS 
_struct_conf.end_auth_asym_id        B 
_struct_conf.end_auth_seq_id         118 
_struct_conf.pdbx_PDB_helix_class    5 
_struct_conf.details                 ? 
_struct_conf.pdbx_PDB_helix_length   5 
# 
_struct_conf_type.id          HELX_P 
_struct_conf_type.criteria    ? 
_struct_conf_type.reference   ? 
# 
loop_
_struct_conn.id 
_struct_conn.conn_type_id 
_struct_conn.pdbx_leaving_atom_flag 
_struct_conn.pdbx_PDB_id 
_struct_conn.ptnr1_label_asym_id 
_struct_conn.ptnr1_label_comp_id 
_struct_conn.ptnr1_label_seq_id 
_struct_conn.ptnr1_label_atom_id 
_struct_conn.pdbx_ptnr1_label_alt_id 
_struct_conn.pdbx_ptnr1_PDB_ins_code 
_struct_conn.pdbx_ptnr1_standard_comp_id 
_struct_conn.ptnr1_symmetry 
_struct_conn.ptnr2_label_asym_id 
_struct_conn.ptnr2_label_comp_id 
_struct_conn.ptnr2_label_seq_id 
_struct_conn.ptnr2_label_atom_id 
_struct_conn.pdbx_ptnr2_label_alt_id 
_struct_conn.pdbx_ptnr2_PDB_ins_code 
_struct_conn.ptnr1_auth_asym_id 
_struct_conn.ptnr1_auth_comp_id 
_struct_conn.ptnr1_auth_seq_id 
_struct_conn.ptnr2_auth_asym_id 
_struct_conn.ptnr2_auth_comp_id 
_struct_conn.ptnr2_auth_seq_id 
_struct_conn.ptnr2_symmetry 
_struct_conn.pdbx_ptnr3_label_atom_id 
_struct_conn.pdbx_ptnr3_label_seq_id 
_struct_conn.pdbx_ptnr3_label_comp_id 
_struct_conn.pdbx_ptnr3_label_asym_id 
_struct_conn.pdbx_ptnr3_label_alt_id 
_struct_conn.pdbx_ptnr3_PDB_ins_code 
_struct_conn.details 
_struct_conn.pdbx_dist_value 
_struct_conn.pdbx_value_order 
_struct_conn.pdbx_role 
disulf1 disulf ? ? A CYS 42  SG ? ? ? 1_555 A CYS 87  SG ? ? B CYS 45  B CYS 90  1_555 ? ? ? ? ? ? ? 2.052 ? ? 
disulf2 disulf ? ? A CYS 141 SG ? ? ? 1_555 A CYS 148 SG ? ? B CYS 145 B CYS 152 1_555 ? ? ? ? ? ? ? 2.039 ? ? 
# 
_struct_conn_type.id          disulf 
_struct_conn_type.criteria    ? 
_struct_conn_type.reference   ? 
# 
loop_
_pdbx_modification_feature.ordinal 
_pdbx_modification_feature.label_comp_id 
_pdbx_modification_feature.label_asym_id 
_pdbx_modification_feature.label_seq_id 
_pdbx_modification_feature.label_alt_id 
_pdbx_modification_feature.modified_residue_label_comp_id 
_pdbx_modification_feature.modified_residue_label_asym_id 
_pdbx_modification_feature.modified_residue_label_seq_id 
_pdbx_modification_feature.modified_residue_label_alt_id 
_pdbx_modification_feature.auth_comp_id 
_pdbx_modification_feature.auth_asym_id 
_pdbx_modification_feature.auth_seq_id 
_pdbx_modification_feature.PDB_ins_code 
_pdbx_modification_feature.symmetry 
_pdbx_modification_feature.modified_residue_auth_comp_id 
_pdbx_modification_feature.modified_residue_auth_asym_id 
_pdbx_modification_feature.modified_residue_auth_seq_id 
_pdbx_modification_feature.modified_residue_PDB_ins_code 
_pdbx_modification_feature.modified_residue_symmetry 
_pdbx_modification_feature.comp_id_linking_atom 
_pdbx_modification_feature.modified_residue_id_linking_atom 
_pdbx_modification_feature.modified_residue_id 
_pdbx_modification_feature.ref_pcm_id 
_pdbx_modification_feature.ref_comp_id 
_pdbx_modification_feature.type 
_pdbx_modification_feature.category 
1 CYS A 42  ? CYS A 87  ? CYS B 45  ? 1_555 CYS B 90  ? 1_555 SG SG . . . None 'Disulfide bridge' 
2 CYS A 141 ? CYS A 148 ? CYS B 145 ? 1_555 CYS B 152 ? 1_555 SG SG . . . None 'Disulfide bridge' 
# 
loop_
_struct_sheet.id 
_struct_sheet.type 
_struct_sheet.number_strands 
_struct_sheet.details 
AA1 ? 2 ? 
AA2 ? 6 ? 
AA3 ? 2 ? 
AA4 ? 3 ? 
# 
loop_
_struct_sheet_order.sheet_id 
_struct_sheet_order.range_id_1 
_struct_sheet_order.range_id_2 
_struct_sheet_order.offset 
_struct_sheet_order.sense 
AA1 1 2 ? anti-parallel 
AA2 1 2 ? anti-parallel 
AA2 2 3 ? anti-parallel 
AA2 3 4 ? anti-parallel 
AA2 4 5 ? anti-parallel 
AA2 5 6 ? anti-parallel 
AA3 1 2 ? anti-parallel 
AA4 1 2 ? anti-parallel 
AA4 2 3 ? anti-parallel 
# 
loop_
_struct_sheet_range.sheet_id 
_struct_sheet_range.id 
_struct_sheet_range.beg_label_comp_id 
_struct_sheet_range.beg_label_asym_id 
_struct_sheet_range.beg_label_seq_id 
_struct_sheet_range.pdbx_beg_PDB_ins_code 
_struct_sheet_range.end_label_comp_id 
_struct_sheet_range.end_label_asym_id 
_struct_sheet_range.end_label_seq_id 
_struct_sheet_range.pdbx_end_PDB_ins_code 
_struct_sheet_range.beg_auth_comp_id 
_struct_sheet_range.beg_auth_asym_id 
_struct_sheet_range.beg_auth_seq_id 
_struct_sheet_range.end_auth_comp_id 
_struct_sheet_range.end_auth_asym_id 
_struct_sheet_range.end_auth_seq_id 
AA1 1 TYR A 18  ? PRO A 22  ? TYR B 21  PRO B 25  
AA1 2 VAL A 173 ? ASN A 177 ? VAL B 177 ASN B 181 
AA2 1 LEU A 32  ? THR A 37  ? LEU B 35  THR B 40  
AA2 2 LEU A 40  ? GLN A 48  ? LEU B 43  GLN B 51  
AA2 3 ARG A 161 ? THR A 166 ? ARG B 165 THR B 170 
AA2 4 CYS A 148 ? ASP A 155 ? CYS B 152 ASP B 159 
AA2 5 TYR A 136 ? ARG A 142 ? TYR B 140 ARG B 146 
AA2 6 GLY A 122 ? LYS A 128 ? GLY B 126 LYS B 132 
AA3 1 VAL A 59  ? ASN A 62  ? VAL B 62  ASN B 65  
AA3 2 ASN A 78  ? PHE A 81  ? ASN B 81  PHE B 84  
AA4 1 LYS A 103 ? ILE A 108 ? LYS B 107 ILE B 112 
AA4 2 TRP A 93  ? ASP A 98  ? TRP B 96  ASP B 101 
AA4 3 MET A 119 ? LEU A 120 ? MET B 123 LEU B 124 
# 
loop_
_pdbx_struct_sheet_hbond.sheet_id 
_pdbx_struct_sheet_hbond.range_id_1 
_pdbx_struct_sheet_hbond.range_id_2 
_pdbx_struct_sheet_hbond.range_1_label_atom_id 
_pdbx_struct_sheet_hbond.range_1_label_comp_id 
_pdbx_struct_sheet_hbond.range_1_label_asym_id 
_pdbx_struct_sheet_hbond.range_1_label_seq_id 
_pdbx_struct_sheet_hbond.range_1_PDB_ins_code 
_pdbx_struct_sheet_hbond.range_1_auth_atom_id 
_pdbx_struct_sheet_hbond.range_1_auth_comp_id 
_pdbx_struct_sheet_hbond.range_1_auth_asym_id 
_pdbx_struct_sheet_hbond.range_1_auth_seq_id 
_pdbx_struct_sheet_hbond.range_2_label_atom_id 
_pdbx_struct_sheet_hbond.range_2_label_comp_id 
_pdbx_struct_sheet_hbond.range_2_label_asym_id 
_pdbx_struct_sheet_hbond.range_2_label_seq_id 
_pdbx_struct_sheet_hbond.range_2_PDB_ins_code 
_pdbx_struct_sheet_hbond.range_2_auth_atom_id 
_pdbx_struct_sheet_hbond.range_2_auth_comp_id 
_pdbx_struct_sheet_hbond.range_2_auth_asym_id 
_pdbx_struct_sheet_hbond.range_2_auth_seq_id 
AA1 1 2 N TYR A 19  ? N TYR B 22  O VAL A 176 ? O VAL B 180 
AA2 1 2 N ARG A 33  ? N ARG B 36  O LEU A 47  ? O LEU B 50  
AA2 2 3 N GLN A 48  ? N GLN B 51  O ARG A 161 ? O ARG B 165 
AA2 3 4 O ILE A 164 ? O ILE B 168 N GLY A 152 ? N GLY B 156 
AA2 4 5 O SER A 149 ? O SER B 153 N PHE A 140 ? N PHE B 144 
AA2 5 6 O CYS A 141 ? O CYS B 145 N SER A 123 ? N SER B 127 
AA3 1 2 N ASN A 62  ? N ASN B 65  O ASN A 78  ? O ASN B 81  
AA4 1 2 O LYS A 103 ? O LYS B 107 N ASP A 98  ? N ASP B 101 
AA4 2 3 N LEU A 95  ? N LEU B 98  O LEU A 120 ? O LEU B 124 
# 
_pdbx_entry_details.entry_id                   6JBP 
_pdbx_entry_details.compound_details           ? 
_pdbx_entry_details.source_details             ? 
_pdbx_entry_details.nonpolymer_details         ? 
_pdbx_entry_details.sequence_details           ? 
_pdbx_entry_details.has_ligand_of_interest     ? 
_pdbx_entry_details.has_protein_modification   Y 
# 
loop_
_pdbx_validate_torsion.id 
_pdbx_validate_torsion.PDB_model_num 
_pdbx_validate_torsion.auth_comp_id 
_pdbx_validate_torsion.auth_asym_id 
_pdbx_validate_torsion.auth_seq_id 
_pdbx_validate_torsion.PDB_ins_code 
_pdbx_validate_torsion.label_alt_id 
_pdbx_validate_torsion.phi 
_pdbx_validate_torsion.psi 
1 1 PRO B 31  ? ? -89.46  -139.66 
2 1 ASP B 172 ? ? -121.27 -74.53  
# 
loop_
_chem_comp_atom.comp_id 
_chem_comp_atom.atom_id 
_chem_comp_atom.type_symbol 
_chem_comp_atom.pdbx_aromatic_flag 
_chem_comp_atom.pdbx_stereo_config 
_chem_comp_atom.pdbx_ordinal 
ALA N    N N N 1   
ALA CA   C N S 2   
ALA C    C N N 3   
ALA O    O N N 4   
ALA CB   C N N 5   
ALA OXT  O N N 6   
ALA H    H N N 7   
ALA H2   H N N 8   
ALA HA   H N N 9   
ALA HB1  H N N 10  
ALA HB2  H N N 11  
ALA HB3  H N N 12  
ALA HXT  H N N 13  
ARG N    N N N 14  
ARG CA   C N S 15  
ARG C    C N N 16  
ARG O    O N N 17  
ARG CB   C N N 18  
ARG CG   C N N 19  
ARG CD   C N N 20  
ARG NE   N N N 21  
ARG CZ   C N N 22  
ARG NH1  N N N 23  
ARG NH2  N N N 24  
ARG OXT  O N N 25  
ARG H    H N N 26  
ARG H2   H N N 27  
ARG HA   H N N 28  
ARG HB2  H N N 29  
ARG HB3  H N N 30  
ARG HG2  H N N 31  
ARG HG3  H N N 32  
ARG HD2  H N N 33  
ARG HD3  H N N 34  
ARG HE   H N N 35  
ARG HH11 H N N 36  
ARG HH12 H N N 37  
ARG HH21 H N N 38  
ARG HH22 H N N 39  
ARG HXT  H N N 40  
ASN N    N N N 41  
ASN CA   C N S 42  
ASN C    C N N 43  
ASN O    O N N 44  
ASN CB   C N N 45  
ASN CG   C N N 46  
ASN OD1  O N N 47  
ASN ND2  N N N 48  
ASN OXT  O N N 49  
ASN H    H N N 50  
ASN H2   H N N 51  
ASN HA   H N N 52  
ASN HB2  H N N 53  
ASN HB3  H N N 54  
ASN HD21 H N N 55  
ASN HD22 H N N 56  
ASN HXT  H N N 57  
ASP N    N N N 58  
ASP CA   C N S 59  
ASP C    C N N 60  
ASP O    O N N 61  
ASP CB   C N N 62  
ASP CG   C N N 63  
ASP OD1  O N N 64  
ASP OD2  O N N 65  
ASP OXT  O N N 66  
ASP H    H N N 67  
ASP H2   H N N 68  
ASP HA   H N N 69  
ASP HB2  H N N 70  
ASP HB3  H N N 71  
ASP HD2  H N N 72  
ASP HXT  H N N 73  
CYS N    N N N 74  
CYS CA   C N R 75  
CYS C    C N N 76  
CYS O    O N N 77  
CYS CB   C N N 78  
CYS SG   S N N 79  
CYS OXT  O N N 80  
CYS H    H N N 81  
CYS H2   H N N 82  
CYS HA   H N N 83  
CYS HB2  H N N 84  
CYS HB3  H N N 85  
CYS HG   H N N 86  
CYS HXT  H N N 87  
GLN N    N N N 88  
GLN CA   C N S 89  
GLN C    C N N 90  
GLN O    O N N 91  
GLN CB   C N N 92  
GLN CG   C N N 93  
GLN CD   C N N 94  
GLN OE1  O N N 95  
GLN NE2  N N N 96  
GLN OXT  O N N 97  
GLN H    H N N 98  
GLN H2   H N N 99  
GLN HA   H N N 100 
GLN HB2  H N N 101 
GLN HB3  H N N 102 
GLN HG2  H N N 103 
GLN HG3  H N N 104 
GLN HE21 H N N 105 
GLN HE22 H N N 106 
GLN HXT  H N N 107 
GLU N    N N N 108 
GLU CA   C N S 109 
GLU C    C N N 110 
GLU O    O N N 111 
GLU CB   C N N 112 
GLU CG   C N N 113 
GLU CD   C N N 114 
GLU OE1  O N N 115 
GLU OE2  O N N 116 
GLU OXT  O N N 117 
GLU H    H N N 118 
GLU H2   H N N 119 
GLU HA   H N N 120 
GLU HB2  H N N 121 
GLU HB3  H N N 122 
GLU HG2  H N N 123 
GLU HG3  H N N 124 
GLU HE2  H N N 125 
GLU HXT  H N N 126 
GLY N    N N N 127 
GLY CA   C N N 128 
GLY C    C N N 129 
GLY O    O N N 130 
GLY OXT  O N N 131 
GLY H    H N N 132 
GLY H2   H N N 133 
GLY HA2  H N N 134 
GLY HA3  H N N 135 
GLY HXT  H N N 136 
HIS N    N N N 137 
HIS CA   C N S 138 
HIS C    C N N 139 
HIS O    O N N 140 
HIS CB   C N N 141 
HIS CG   C Y N 142 
HIS ND1  N Y N 143 
HIS CD2  C Y N 144 
HIS CE1  C Y N 145 
HIS NE2  N Y N 146 
HIS OXT  O N N 147 
HIS H    H N N 148 
HIS H2   H N N 149 
HIS HA   H N N 150 
HIS HB2  H N N 151 
HIS HB3  H N N 152 
HIS HD1  H N N 153 
HIS HD2  H N N 154 
HIS HE1  H N N 155 
HIS HE2  H N N 156 
HIS HXT  H N N 157 
HOH O    O N N 158 
HOH H1   H N N 159 
HOH H2   H N N 160 
ILE N    N N N 161 
ILE CA   C N S 162 
ILE C    C N N 163 
ILE O    O N N 164 
ILE CB   C N S 165 
ILE CG1  C N N 166 
ILE CG2  C N N 167 
ILE CD1  C N N 168 
ILE OXT  O N N 169 
ILE H    H N N 170 
ILE H2   H N N 171 
ILE HA   H N N 172 
ILE HB   H N N 173 
ILE HG12 H N N 174 
ILE HG13 H N N 175 
ILE HG21 H N N 176 
ILE HG22 H N N 177 
ILE HG23 H N N 178 
ILE HD11 H N N 179 
ILE HD12 H N N 180 
ILE HD13 H N N 181 
ILE HXT  H N N 182 
LEU N    N N N 183 
LEU CA   C N S 184 
LEU C    C N N 185 
LEU O    O N N 186 
LEU CB   C N N 187 
LEU CG   C N N 188 
LEU CD1  C N N 189 
LEU CD2  C N N 190 
LEU OXT  O N N 191 
LEU H    H N N 192 
LEU H2   H N N 193 
LEU HA   H N N 194 
LEU HB2  H N N 195 
LEU HB3  H N N 196 
LEU HG   H N N 197 
LEU HD11 H N N 198 
LEU HD12 H N N 199 
LEU HD13 H N N 200 
LEU HD21 H N N 201 
LEU HD22 H N N 202 
LEU HD23 H N N 203 
LEU HXT  H N N 204 
LYS N    N N N 205 
LYS CA   C N S 206 
LYS C    C N N 207 
LYS O    O N N 208 
LYS CB   C N N 209 
LYS CG   C N N 210 
LYS CD   C N N 211 
LYS CE   C N N 212 
LYS NZ   N N N 213 
LYS OXT  O N N 214 
LYS H    H N N 215 
LYS H2   H N N 216 
LYS HA   H N N 217 
LYS HB2  H N N 218 
LYS HB3  H N N 219 
LYS HG2  H N N 220 
LYS HG3  H N N 221 
LYS HD2  H N N 222 
LYS HD3  H N N 223 
LYS HE2  H N N 224 
LYS HE3  H N N 225 
LYS HZ1  H N N 226 
LYS HZ2  H N N 227 
LYS HZ3  H N N 228 
LYS HXT  H N N 229 
MET N    N N N 230 
MET CA   C N S 231 
MET C    C N N 232 
MET O    O N N 233 
MET CB   C N N 234 
MET CG   C N N 235 
MET SD   S N N 236 
MET CE   C N N 237 
MET OXT  O N N 238 
MET H    H N N 239 
MET H2   H N N 240 
MET HA   H N N 241 
MET HB2  H N N 242 
MET HB3  H N N 243 
MET HG2  H N N 244 
MET HG3  H N N 245 
MET HE1  H N N 246 
MET HE2  H N N 247 
MET HE3  H N N 248 
MET HXT  H N N 249 
PHE N    N N N 250 
PHE CA   C N S 251 
PHE C    C N N 252 
PHE O    O N N 253 
PHE CB   C N N 254 
PHE CG   C Y N 255 
PHE CD1  C Y N 256 
PHE CD2  C Y N 257 
PHE CE1  C Y N 258 
PHE CE2  C Y N 259 
PHE CZ   C Y N 260 
PHE OXT  O N N 261 
PHE H    H N N 262 
PHE H2   H N N 263 
PHE HA   H N N 264 
PHE HB2  H N N 265 
PHE HB3  H N N 266 
PHE HD1  H N N 267 
PHE HD2  H N N 268 
PHE HE1  H N N 269 
PHE HE2  H N N 270 
PHE HZ   H N N 271 
PHE HXT  H N N 272 
PRO N    N N N 273 
PRO CA   C N S 274 
PRO C    C N N 275 
PRO O    O N N 276 
PRO CB   C N N 277 
PRO CG   C N N 278 
PRO CD   C N N 279 
PRO OXT  O N N 280 
PRO H    H N N 281 
PRO HA   H N N 282 
PRO HB2  H N N 283 
PRO HB3  H N N 284 
PRO HG2  H N N 285 
PRO HG3  H N N 286 
PRO HD2  H N N 287 
PRO HD3  H N N 288 
PRO HXT  H N N 289 
SER N    N N N 290 
SER CA   C N S 291 
SER C    C N N 292 
SER O    O N N 293 
SER CB   C N N 294 
SER OG   O N N 295 
SER OXT  O N N 296 
SER H    H N N 297 
SER H2   H N N 298 
SER HA   H N N 299 
SER HB2  H N N 300 
SER HB3  H N N 301 
SER HG   H N N 302 
SER HXT  H N N 303 
THR N    N N N 304 
THR CA   C N S 305 
THR C    C N N 306 
THR O    O N N 307 
THR CB   C N R 308 
THR OG1  O N N 309 
THR CG2  C N N 310 
THR OXT  O N N 311 
THR H    H N N 312 
THR H2   H N N 313 
THR HA   H N N 314 
THR HB   H N N 315 
THR HG1  H N N 316 
THR HG21 H N N 317 
THR HG22 H N N 318 
THR HG23 H N N 319 
THR HXT  H N N 320 
TRP N    N N N 321 
TRP CA   C N S 322 
TRP C    C N N 323 
TRP O    O N N 324 
TRP CB   C N N 325 
TRP CG   C Y N 326 
TRP CD1  C Y N 327 
TRP CD2  C Y N 328 
TRP NE1  N Y N 329 
TRP CE2  C Y N 330 
TRP CE3  C Y N 331 
TRP CZ2  C Y N 332 
TRP CZ3  C Y N 333 
TRP CH2  C Y N 334 
TRP OXT  O N N 335 
TRP H    H N N 336 
TRP H2   H N N 337 
TRP HA   H N N 338 
TRP HB2  H N N 339 
TRP HB3  H N N 340 
TRP HD1  H N N 341 
TRP HE1  H N N 342 
TRP HE3  H N N 343 
TRP HZ2  H N N 344 
TRP HZ3  H N N 345 
TRP HH2  H N N 346 
TRP HXT  H N N 347 
TYR N    N N N 348 
TYR CA   C N S 349 
TYR C    C N N 350 
TYR O    O N N 351 
TYR CB   C N N 352 
TYR CG   C Y N 353 
TYR CD1  C Y N 354 
TYR CD2  C Y N 355 
TYR CE1  C Y N 356 
TYR CE2  C Y N 357 
TYR CZ   C Y N 358 
TYR OH   O N N 359 
TYR OXT  O N N 360 
TYR H    H N N 361 
TYR H2   H N N 362 
TYR HA   H N N 363 
TYR HB2  H N N 364 
TYR HB3  H N N 365 
TYR HD1  H N N 366 
TYR HD2  H N N 367 
TYR HE1  H N N 368 
TYR HE2  H N N 369 
TYR HH   H N N 370 
TYR HXT  H N N 371 
VAL N    N N N 372 
VAL CA   C N S 373 
VAL C    C N N 374 
VAL O    O N N 375 
VAL CB   C N N 376 
VAL CG1  C N N 377 
VAL CG2  C N N 378 
VAL OXT  O N N 379 
VAL H    H N N 380 
VAL H2   H N N 381 
VAL HA   H N N 382 
VAL HB   H N N 383 
VAL HG11 H N N 384 
VAL HG12 H N N 385 
VAL HG13 H N N 386 
VAL HG21 H N N 387 
VAL HG22 H N N 388 
VAL HG23 H N N 389 
VAL HXT  H N N 390 
# 
loop_
_chem_comp_bond.comp_id 
_chem_comp_bond.atom_id_1 
_chem_comp_bond.atom_id_2 
_chem_comp_bond.value_order 
_chem_comp_bond.pdbx_aromatic_flag 
_chem_comp_bond.pdbx_stereo_config 
_chem_comp_bond.pdbx_ordinal 
ALA N   CA   sing N N 1   
ALA N   H    sing N N 2   
ALA N   H2   sing N N 3   
ALA CA  C    sing N N 4   
ALA CA  CB   sing N N 5   
ALA CA  HA   sing N N 6   
ALA C   O    doub N N 7   
ALA C   OXT  sing N N 8   
ALA CB  HB1  sing N N 9   
ALA CB  HB2  sing N N 10  
ALA CB  HB3  sing N N 11  
ALA OXT HXT  sing N N 12  
ARG N   CA   sing N N 13  
ARG N   H    sing N N 14  
ARG N   H2   sing N N 15  
ARG CA  C    sing N N 16  
ARG CA  CB   sing N N 17  
ARG CA  HA   sing N N 18  
ARG C   O    doub N N 19  
ARG C   OXT  sing N N 20  
ARG CB  CG   sing N N 21  
ARG CB  HB2  sing N N 22  
ARG CB  HB3  sing N N 23  
ARG CG  CD   sing N N 24  
ARG CG  HG2  sing N N 25  
ARG CG  HG3  sing N N 26  
ARG CD  NE   sing N N 27  
ARG CD  HD2  sing N N 28  
ARG CD  HD3  sing N N 29  
ARG NE  CZ   sing N N 30  
ARG NE  HE   sing N N 31  
ARG CZ  NH1  sing N N 32  
ARG CZ  NH2  doub N N 33  
ARG NH1 HH11 sing N N 34  
ARG NH1 HH12 sing N N 35  
ARG NH2 HH21 sing N N 36  
ARG NH2 HH22 sing N N 37  
ARG OXT HXT  sing N N 38  
ASN N   CA   sing N N 39  
ASN N   H    sing N N 40  
ASN N   H2   sing N N 41  
ASN CA  C    sing N N 42  
ASN CA  CB   sing N N 43  
ASN CA  HA   sing N N 44  
ASN C   O    doub N N 45  
ASN C   OXT  sing N N 46  
ASN CB  CG   sing N N 47  
ASN CB  HB2  sing N N 48  
ASN CB  HB3  sing N N 49  
ASN CG  OD1  doub N N 50  
ASN CG  ND2  sing N N 51  
ASN ND2 HD21 sing N N 52  
ASN ND2 HD22 sing N N 53  
ASN OXT HXT  sing N N 54  
ASP N   CA   sing N N 55  
ASP N   H    sing N N 56  
ASP N   H2   sing N N 57  
ASP CA  C    sing N N 58  
ASP CA  CB   sing N N 59  
ASP CA  HA   sing N N 60  
ASP C   O    doub N N 61  
ASP C   OXT  sing N N 62  
ASP CB  CG   sing N N 63  
ASP CB  HB2  sing N N 64  
ASP CB  HB3  sing N N 65  
ASP CG  OD1  doub N N 66  
ASP CG  OD2  sing N N 67  
ASP OD2 HD2  sing N N 68  
ASP OXT HXT  sing N N 69  
CYS N   CA   sing N N 70  
CYS N   H    sing N N 71  
CYS N   H2   sing N N 72  
CYS CA  C    sing N N 73  
CYS CA  CB   sing N N 74  
CYS CA  HA   sing N N 75  
CYS C   O    doub N N 76  
CYS C   OXT  sing N N 77  
CYS CB  SG   sing N N 78  
CYS CB  HB2  sing N N 79  
CYS CB  HB3  sing N N 80  
CYS SG  HG   sing N N 81  
CYS OXT HXT  sing N N 82  
GLN N   CA   sing N N 83  
GLN N   H    sing N N 84  
GLN N   H2   sing N N 85  
GLN CA  C    sing N N 86  
GLN CA  CB   sing N N 87  
GLN CA  HA   sing N N 88  
GLN C   O    doub N N 89  
GLN C   OXT  sing N N 90  
GLN CB  CG   sing N N 91  
GLN CB  HB2  sing N N 92  
GLN CB  HB3  sing N N 93  
GLN CG  CD   sing N N 94  
GLN CG  HG2  sing N N 95  
GLN CG  HG3  sing N N 96  
GLN CD  OE1  doub N N 97  
GLN CD  NE2  sing N N 98  
GLN NE2 HE21 sing N N 99  
GLN NE2 HE22 sing N N 100 
GLN OXT HXT  sing N N 101 
GLU N   CA   sing N N 102 
GLU N   H    sing N N 103 
GLU N   H2   sing N N 104 
GLU CA  C    sing N N 105 
GLU CA  CB   sing N N 106 
GLU CA  HA   sing N N 107 
GLU C   O    doub N N 108 
GLU C   OXT  sing N N 109 
GLU CB  CG   sing N N 110 
GLU CB  HB2  sing N N 111 
GLU CB  HB3  sing N N 112 
GLU CG  CD   sing N N 113 
GLU CG  HG2  sing N N 114 
GLU CG  HG3  sing N N 115 
GLU CD  OE1  doub N N 116 
GLU CD  OE2  sing N N 117 
GLU OE2 HE2  sing N N 118 
GLU OXT HXT  sing N N 119 
GLY N   CA   sing N N 120 
GLY N   H    sing N N 121 
GLY N   H2   sing N N 122 
GLY CA  C    sing N N 123 
GLY CA  HA2  sing N N 124 
GLY CA  HA3  sing N N 125 
GLY C   O    doub N N 126 
GLY C   OXT  sing N N 127 
GLY OXT HXT  sing N N 128 
HIS N   CA   sing N N 129 
HIS N   H    sing N N 130 
HIS N   H2   sing N N 131 
HIS CA  C    sing N N 132 
HIS CA  CB   sing N N 133 
HIS CA  HA   sing N N 134 
HIS C   O    doub N N 135 
HIS C   OXT  sing N N 136 
HIS CB  CG   sing N N 137 
HIS CB  HB2  sing N N 138 
HIS CB  HB3  sing N N 139 
HIS CG  ND1  sing Y N 140 
HIS CG  CD2  doub Y N 141 
HIS ND1 CE1  doub Y N 142 
HIS ND1 HD1  sing N N 143 
HIS CD2 NE2  sing Y N 144 
HIS CD2 HD2  sing N N 145 
HIS CE1 NE2  sing Y N 146 
HIS CE1 HE1  sing N N 147 
HIS NE2 HE2  sing N N 148 
HIS OXT HXT  sing N N 149 
HOH O   H1   sing N N 150 
HOH O   H2   sing N N 151 
ILE N   CA   sing N N 152 
ILE N   H    sing N N 153 
ILE N   H2   sing N N 154 
ILE CA  C    sing N N 155 
ILE CA  CB   sing N N 156 
ILE CA  HA   sing N N 157 
ILE C   O    doub N N 158 
ILE C   OXT  sing N N 159 
ILE CB  CG1  sing N N 160 
ILE CB  CG2  sing N N 161 
ILE CB  HB   sing N N 162 
ILE CG1 CD1  sing N N 163 
ILE CG1 HG12 sing N N 164 
ILE CG1 HG13 sing N N 165 
ILE CG2 HG21 sing N N 166 
ILE CG2 HG22 sing N N 167 
ILE CG2 HG23 sing N N 168 
ILE CD1 HD11 sing N N 169 
ILE CD1 HD12 sing N N 170 
ILE CD1 HD13 sing N N 171 
ILE OXT HXT  sing N N 172 
LEU N   CA   sing N N 173 
LEU N   H    sing N N 174 
LEU N   H2   sing N N 175 
LEU CA  C    sing N N 176 
LEU CA  CB   sing N N 177 
LEU CA  HA   sing N N 178 
LEU C   O    doub N N 179 
LEU C   OXT  sing N N 180 
LEU CB  CG   sing N N 181 
LEU CB  HB2  sing N N 182 
LEU CB  HB3  sing N N 183 
LEU CG  CD1  sing N N 184 
LEU CG  CD2  sing N N 185 
LEU CG  HG   sing N N 186 
LEU CD1 HD11 sing N N 187 
LEU CD1 HD12 sing N N 188 
LEU CD1 HD13 sing N N 189 
LEU CD2 HD21 sing N N 190 
LEU CD2 HD22 sing N N 191 
LEU CD2 HD23 sing N N 192 
LEU OXT HXT  sing N N 193 
LYS N   CA   sing N N 194 
LYS N   H    sing N N 195 
LYS N   H2   sing N N 196 
LYS CA  C    sing N N 197 
LYS CA  CB   sing N N 198 
LYS CA  HA   sing N N 199 
LYS C   O    doub N N 200 
LYS C   OXT  sing N N 201 
LYS CB  CG   sing N N 202 
LYS CB  HB2  sing N N 203 
LYS CB  HB3  sing N N 204 
LYS CG  CD   sing N N 205 
LYS CG  HG2  sing N N 206 
LYS CG  HG3  sing N N 207 
LYS CD  CE   sing N N 208 
LYS CD  HD2  sing N N 209 
LYS CD  HD3  sing N N 210 
LYS CE  NZ   sing N N 211 
LYS CE  HE2  sing N N 212 
LYS CE  HE3  sing N N 213 
LYS NZ  HZ1  sing N N 214 
LYS NZ  HZ2  sing N N 215 
LYS NZ  HZ3  sing N N 216 
LYS OXT HXT  sing N N 217 
MET N   CA   sing N N 218 
MET N   H    sing N N 219 
MET N   H2   sing N N 220 
MET CA  C    sing N N 221 
MET CA  CB   sing N N 222 
MET CA  HA   sing N N 223 
MET C   O    doub N N 224 
MET C   OXT  sing N N 225 
MET CB  CG   sing N N 226 
MET CB  HB2  sing N N 227 
MET CB  HB3  sing N N 228 
MET CG  SD   sing N N 229 
MET CG  HG2  sing N N 230 
MET CG  HG3  sing N N 231 
MET SD  CE   sing N N 232 
MET CE  HE1  sing N N 233 
MET CE  HE2  sing N N 234 
MET CE  HE3  sing N N 235 
MET OXT HXT  sing N N 236 
PHE N   CA   sing N N 237 
PHE N   H    sing N N 238 
PHE N   H2   sing N N 239 
PHE CA  C    sing N N 240 
PHE CA  CB   sing N N 241 
PHE CA  HA   sing N N 242 
PHE C   O    doub N N 243 
PHE C   OXT  sing N N 244 
PHE CB  CG   sing N N 245 
PHE CB  HB2  sing N N 246 
PHE CB  HB3  sing N N 247 
PHE CG  CD1  doub Y N 248 
PHE CG  CD2  sing Y N 249 
PHE CD1 CE1  sing Y N 250 
PHE CD1 HD1  sing N N 251 
PHE CD2 CE2  doub Y N 252 
PHE CD2 HD2  sing N N 253 
PHE CE1 CZ   doub Y N 254 
PHE CE1 HE1  sing N N 255 
PHE CE2 CZ   sing Y N 256 
PHE CE2 HE2  sing N N 257 
PHE CZ  HZ   sing N N 258 
PHE OXT HXT  sing N N 259 
PRO N   CA   sing N N 260 
PRO N   CD   sing N N 261 
PRO N   H    sing N N 262 
PRO CA  C    sing N N 263 
PRO CA  CB   sing N N 264 
PRO CA  HA   sing N N 265 
PRO C   O    doub N N 266 
PRO C   OXT  sing N N 267 
PRO CB  CG   sing N N 268 
PRO CB  HB2  sing N N 269 
PRO CB  HB3  sing N N 270 
PRO CG  CD   sing N N 271 
PRO CG  HG2  sing N N 272 
PRO CG  HG3  sing N N 273 
PRO CD  HD2  sing N N 274 
PRO CD  HD3  sing N N 275 
PRO OXT HXT  sing N N 276 
SER N   CA   sing N N 277 
SER N   H    sing N N 278 
SER N   H2   sing N N 279 
SER CA  C    sing N N 280 
SER CA  CB   sing N N 281 
SER CA  HA   sing N N 282 
SER C   O    doub N N 283 
SER C   OXT  sing N N 284 
SER CB  OG   sing N N 285 
SER CB  HB2  sing N N 286 
SER CB  HB3  sing N N 287 
SER OG  HG   sing N N 288 
SER OXT HXT  sing N N 289 
THR N   CA   sing N N 290 
THR N   H    sing N N 291 
THR N   H2   sing N N 292 
THR CA  C    sing N N 293 
THR CA  CB   sing N N 294 
THR CA  HA   sing N N 295 
THR C   O    doub N N 296 
THR C   OXT  sing N N 297 
THR CB  OG1  sing N N 298 
THR CB  CG2  sing N N 299 
THR CB  HB   sing N N 300 
THR OG1 HG1  sing N N 301 
THR CG2 HG21 sing N N 302 
THR CG2 HG22 sing N N 303 
THR CG2 HG23 sing N N 304 
THR OXT HXT  sing N N 305 
TRP N   CA   sing N N 306 
TRP N   H    sing N N 307 
TRP N   H2   sing N N 308 
TRP CA  C    sing N N 309 
TRP CA  CB   sing N N 310 
TRP CA  HA   sing N N 311 
TRP C   O    doub N N 312 
TRP C   OXT  sing N N 313 
TRP CB  CG   sing N N 314 
TRP CB  HB2  sing N N 315 
TRP CB  HB3  sing N N 316 
TRP CG  CD1  doub Y N 317 
TRP CG  CD2  sing Y N 318 
TRP CD1 NE1  sing Y N 319 
TRP CD1 HD1  sing N N 320 
TRP CD2 CE2  doub Y N 321 
TRP CD2 CE3  sing Y N 322 
TRP NE1 CE2  sing Y N 323 
TRP NE1 HE1  sing N N 324 
TRP CE2 CZ2  sing Y N 325 
TRP CE3 CZ3  doub Y N 326 
TRP CE3 HE3  sing N N 327 
TRP CZ2 CH2  doub Y N 328 
TRP CZ2 HZ2  sing N N 329 
TRP CZ3 CH2  sing Y N 330 
TRP CZ3 HZ3  sing N N 331 
TRP CH2 HH2  sing N N 332 
TRP OXT HXT  sing N N 333 
TYR N   CA   sing N N 334 
TYR N   H    sing N N 335 
TYR N   H2   sing N N 336 
TYR CA  C    sing N N 337 
TYR CA  CB   sing N N 338 
TYR CA  HA   sing N N 339 
TYR C   O    doub N N 340 
TYR C   OXT  sing N N 341 
TYR CB  CG   sing N N 342 
TYR CB  HB2  sing N N 343 
TYR CB  HB3  sing N N 344 
TYR CG  CD1  doub Y N 345 
TYR CG  CD2  sing Y N 346 
TYR CD1 CE1  sing Y N 347 
TYR CD1 HD1  sing N N 348 
TYR CD2 CE2  doub Y N 349 
TYR CD2 HD2  sing N N 350 
TYR CE1 CZ   doub Y N 351 
TYR CE1 HE1  sing N N 352 
TYR CE2 CZ   sing Y N 353 
TYR CE2 HE2  sing N N 354 
TYR CZ  OH   sing N N 355 
TYR OH  HH   sing N N 356 
TYR OXT HXT  sing N N 357 
VAL N   CA   sing N N 358 
VAL N   H    sing N N 359 
VAL N   H2   sing N N 360 
VAL CA  C    sing N N 361 
VAL CA  CB   sing N N 362 
VAL CA  HA   sing N N 363 
VAL C   O    doub N N 364 
VAL C   OXT  sing N N 365 
VAL CB  CG1  sing N N 366 
VAL CB  CG2  sing N N 367 
VAL CB  HB   sing N N 368 
VAL CG1 HG11 sing N N 369 
VAL CG1 HG12 sing N N 370 
VAL CG1 HG13 sing N N 371 
VAL CG2 HG21 sing N N 372 
VAL CG2 HG22 sing N N 373 
VAL CG2 HG23 sing N N 374 
VAL OXT HXT  sing N N 375 
# 
_pdbx_initial_refinement_model.id               1 
_pdbx_initial_refinement_model.entity_id_list   ? 
_pdbx_initial_refinement_model.type             'experimental model' 
_pdbx_initial_refinement_model.source_name      PDB 
_pdbx_initial_refinement_model.accession_code   5DSS 
_pdbx_initial_refinement_model.details          ? 
# 
_atom_sites.entry_id                    6JBP 
_atom_sites.fract_transf_matrix[1][1]   -0.01157482 
_atom_sites.fract_transf_matrix[1][2]   -0.00975989 
_atom_sites.fract_transf_matrix[1][3]   -0.00221839 
_atom_sites.fract_transf_matrix[2][1]   -0.01445120 
_atom_sites.fract_transf_matrix[2][2]   0.00480065 
_atom_sites.fract_transf_matrix[2][3]   0.00150590 
_atom_sites.fract_transf_matrix[3][1]   -0.00021182 
_atom_sites.fract_transf_matrix[3][2]   0.00258986 
_atom_sites.fract_transf_matrix[3][3]   -0.01028894 
_atom_sites.fract_transf_vector[1]      0.493142 
_atom_sites.fract_transf_vector[2]      0.252764 
_atom_sites.fract_transf_vector[3]      0.130594 
# 
loop_
_atom_type.symbol 
C 
N 
O 
S 
# 
loop_
_atom_site.group_PDB 
_atom_site.id 
_atom_site.type_symbol 
_atom_site.label_atom_id 
_atom_site.label_alt_id 
_atom_site.label_comp_id 
_atom_site.label_asym_id 
_atom_site.label_entity_id 
_atom_site.label_seq_id 
_atom_site.pdbx_PDB_ins_code 
_atom_site.Cartn_x 
_atom_site.Cartn_y 
_atom_site.Cartn_z 
_atom_site.occupancy 
_atom_site.B_iso_or_equiv 
_atom_site.pdbx_formal_charge 
_atom_site.auth_seq_id 
_atom_site.auth_comp_id 
_atom_site.auth_asym_id 
_atom_site.auth_atom_id 
_atom_site.pdbx_PDB_model_num 
ATOM   1    N N   . ALA A 1 1   ? -4.663  15.631  -13.962 1.00 37.67 ? 4   ALA B N   1 
ATOM   2    C CA  . ALA A 1 1   ? -5.111  14.777  -12.866 1.00 40.14 ? 4   ALA B CA  1 
ATOM   3    C C   . ALA A 1 1   ? -6.595  14.453  -13.007 1.00 35.84 ? 4   ALA B C   1 
ATOM   4    O O   . ALA A 1 1   ? -7.370  15.260  -13.516 1.00 44.97 ? 4   ALA B O   1 
ATOM   5    C CB  . ALA A 1 1   ? -4.837  15.435  -11.529 1.00 34.49 ? 4   ALA B CB  1 
ATOM   6    N N   . GLU A 1 2   ? -6.978  13.269  -12.555 1.00 30.95 ? 5   GLU B N   1 
ATOM   7    C CA  . GLU A 1 2   ? -8.344  12.778  -12.648 1.00 36.10 ? 5   GLU B CA  1 
ATOM   8    C C   . GLU A 1 2   ? -8.712  12.097  -11.339 1.00 24.83 ? 5   GLU B C   1 
ATOM   9    O O   . GLU A 1 2   ? -7.830  11.694  -10.574 1.00 26.41 ? 5   GLU B O   1 
ATOM   10   C CB  . GLU A 1 2   ? -8.502  11.799  -13.819 1.00 30.79 ? 5   GLU B CB  1 
ATOM   11   C CG  . GLU A 1 2   ? -7.309  10.904  -14.039 1.00 52.48 ? 5   GLU B CG  1 
ATOM   12   C CD  . GLU A 1 2   ? -7.481  10.007  -15.246 1.00 69.94 ? 5   GLU B CD  1 
ATOM   13   O OE1 . GLU A 1 2   ? -7.273  8.779   -15.118 1.00 70.40 ? 5   GLU B OE1 1 
ATOM   14   O OE2 . GLU A 1 2   ? -7.835  10.533  -16.322 1.00 69.88 ? 5   GLU B OE2 1 
ATOM   15   N N   . PRO A 1 3   ? -10.005 11.943  -11.058 1.00 27.67 ? 6   PRO B N   1 
ATOM   16   C CA  . PRO A 1 3   ? -10.395 11.217  -9.846  1.00 30.82 ? 6   PRO B CA  1 
ATOM   17   C C   . PRO A 1 3   ? -10.020 9.751   -9.963  1.00 33.46 ? 6   PRO B C   1 
ATOM   18   O O   . PRO A 1 3   ? -10.110 9.159   -11.043 1.00 29.37 ? 6   PRO B O   1 
ATOM   19   C CB  . PRO A 1 3   ? -11.917 11.401  -9.795  1.00 28.94 ? 6   PRO B CB  1 
ATOM   20   C CG  . PRO A 1 3   ? -12.314 11.599  -11.223 1.00 25.90 ? 6   PRO B CG  1 
ATOM   21   C CD  . PRO A 1 3   ? -11.178 12.354  -11.857 1.00 27.21 ? 6   PRO B CD  1 
ATOM   22   N N   . VAL A 1 4   ? -9.599  9.166   -8.839  1.00 26.29 ? 7   VAL B N   1 
ATOM   23   C CA  . VAL A 1 4   ? -9.378  7.722   -8.766  1.00 19.59 ? 7   VAL B CA  1 
ATOM   24   C C   . VAL A 1 4   ? -10.725 7.037   -8.582  1.00 22.75 ? 7   VAL B C   1 
ATOM   25   O O   . VAL A 1 4   ? -11.528 7.440   -7.733  1.00 27.21 ? 7   VAL B O   1 
ATOM   26   C CB  . VAL A 1 4   ? -8.420  7.367   -7.618  1.00 24.81 ? 7   VAL B CB  1 
ATOM   27   C CG1 . VAL A 1 4   ? -8.141  5.885   -7.631  1.00 21.04 ? 7   VAL B CG1 1 
ATOM   28   C CG2 . VAL A 1 4   ? -7.126  8.180   -7.710  1.00 16.74 ? 7   VAL B CG2 1 
ATOM   29   N N   . ILE A 1 5   ? -10.971 5.987   -9.363  1.00 18.57 ? 8   ILE B N   1 
ATOM   30   C CA  . ILE A 1 5   ? -12.287 5.366   -9.479  1.00 19.75 ? 8   ILE B CA  1 
ATOM   31   C C   . ILE A 1 5   ? -12.227 3.951   -8.906  1.00 22.56 ? 8   ILE B C   1 
ATOM   32   O O   . ILE A 1 5   ? -11.311 3.188   -9.231  1.00 22.21 ? 8   ILE B O   1 
ATOM   33   C CB  . ILE A 1 5   ? -12.743 5.345   -10.949 1.00 22.82 ? 8   ILE B CB  1 
ATOM   34   C CG1 . ILE A 1 5   ? -12.575 6.734   -11.582 1.00 25.92 ? 8   ILE B CG1 1 
ATOM   35   C CG2 . ILE A 1 5   ? -14.151 4.839   -11.067 1.00 23.51 ? 8   ILE B CG2 1 
ATOM   36   C CD1 . ILE A 1 5   ? -13.421 7.813   -10.958 1.00 19.55 ? 8   ILE B CD1 1 
ATOM   37   N N   . ASP A 1 6   ? -13.205 3.593   -8.066  1.00 19.70 ? 9   ASP B N   1 
ATOM   38   C CA  . ASP A 1 6   ? -13.256 2.246   -7.506  1.00 24.90 ? 9   ASP B CA  1 
ATOM   39   C C   . ASP A 1 6   ? -13.944 1.301   -8.499  1.00 27.76 ? 9   ASP B C   1 
ATOM   40   O O   . ASP A 1 6   ? -14.336 1.701   -9.598  1.00 23.60 ? 9   ASP B O   1 
ATOM   41   C CB  . ASP A 1 6   ? -13.916 2.252   -6.119  1.00 23.92 ? 9   ASP B CB  1 
ATOM   42   C CG  . ASP A 1 6   ? -15.429 2.562   -6.138  1.00 28.71 ? 9   ASP B CG  1 
ATOM   43   O OD1 . ASP A 1 6   ? -16.125 2.336   -7.152  1.00 26.51 ? 9   ASP B OD1 1 
ATOM   44   O OD2 . ASP A 1 6   ? -15.933 3.026   -5.090  1.00 25.84 ? 9   ASP B OD2 1 
ATOM   45   N N   . THR A 1 7   ? -14.084 0.024   -8.119  1.00 22.25 ? 10  THR B N   1 
ATOM   46   C CA  . THR A 1 7   ? -14.586 -0.973  -9.066  1.00 26.13 ? 10  THR B CA  1 
ATOM   47   C C   . THR A 1 7   ? -16.066 -0.797  -9.376  1.00 31.60 ? 10  THR B C   1 
ATOM   48   O O   . THR A 1 7   ? -16.556 -1.424  -10.320 1.00 27.32 ? 10  THR B O   1 
ATOM   49   C CB  . THR A 1 7   ? -14.357 -2.398  -8.549  1.00 19.74 ? 10  THR B CB  1 
ATOM   50   O OG1 . THR A 1 7   ? -14.956 -2.540  -7.257  1.00 24.26 ? 10  THR B OG1 1 
ATOM   51   C CG2 . THR A 1 7   ? -12.862 -2.719  -8.448  1.00 19.53 ? 10  THR B CG2 1 
ATOM   52   N N   . ASP A 1 8   ? -16.785 0.026   -8.612  1.00 29.85 ? 11  ASP B N   1 
ATOM   53   C CA  . ASP A 1 8   ? -18.191 0.307   -8.884  1.00 26.52 ? 11  ASP B CA  1 
ATOM   54   C C   . ASP A 1 8   ? -18.394 1.521   -9.781  1.00 30.70 ? 11  ASP B C   1 
ATOM   55   O O   . ASP A 1 8   ? -19.545 1.872   -10.066 1.00 33.17 ? 11  ASP B O   1 
ATOM   56   C CB  . ASP A 1 8   ? -18.961 0.532   -7.577  1.00 17.33 ? 11  ASP B CB  1 
ATOM   57   C CG  . ASP A 1 8   ? -19.022 -0.702  -6.716  1.00 29.44 ? 11  ASP B CG  1 
ATOM   58   O OD1 . ASP A 1 8   ? -19.361 -1.783  -7.240  1.00 35.62 ? 11  ASP B OD1 1 
ATOM   59   O OD2 . ASP A 1 8   ? -18.741 -0.588  -5.505  1.00 34.12 ? 11  ASP B OD2 1 
ATOM   60   N N   . GLY A 1 9   ? -17.317 2.173   -10.218 1.00 25.18 ? 12  GLY B N   1 
ATOM   61   C CA  . GLY A 1 9   ? -17.418 3.400   -10.982 1.00 27.62 ? 12  GLY B CA  1 
ATOM   62   C C   . GLY A 1 9   ? -17.430 4.676   -10.166 1.00 32.98 ? 12  GLY B C   1 
ATOM   63   O O   . GLY A 1 9   ? -17.603 5.754   -10.746 1.00 35.03 ? 12  GLY B O   1 
ATOM   64   N N   . ASN A 1 10  ? -17.228 4.596   -8.838  1.00 30.12 ? 13  ASN B N   1 
ATOM   65   C CA  . ASN A 1 10  ? -17.358 5.729   -7.922  1.00 27.94 ? 13  ASN B CA  1 
ATOM   66   C C   . ASN A 1 10  ? -15.998 6.287   -7.540  1.00 31.86 ? 13  ASN B C   1 
ATOM   67   O O   . ASN A 1 10  ? -15.084 5.512   -7.206  1.00 30.03 ? 13  ASN B O   1 
ATOM   68   C CB  . ASN A 1 10  ? -18.101 5.309   -6.660  1.00 26.01 ? 13  ASN B CB  1 
ATOM   69   C CG  . ASN A 1 10  ? -19.494 4.806   -6.955  1.00 37.54 ? 13  ASN B CG  1 
ATOM   70   O OD1 . ASN A 1 10  ? -20.142 5.294   -7.875  1.00 30.73 ? 13  ASN B OD1 1 
ATOM   71   N ND2 . ASN A 1 10  ? -19.962 3.824   -6.184  1.00 25.53 ? 13  ASN B ND2 1 
ATOM   72   N N   . PRO A 1 11  ? -15.834 7.608   -7.546  1.00 28.10 ? 14  PRO B N   1 
ATOM   73   C CA  . PRO A 1 11  ? -14.540 8.185   -7.168  1.00 23.53 ? 14  PRO B CA  1 
ATOM   74   C C   . PRO A 1 11  ? -14.170 7.818   -5.740  1.00 24.10 ? 14  PRO B C   1 
ATOM   75   O O   . PRO A 1 11  ? -15.025 7.704   -4.859  1.00 24.06 ? 14  PRO B O   1 
ATOM   76   C CB  . PRO A 1 11  ? -14.755 9.696   -7.328  1.00 23.97 ? 14  PRO B CB  1 
ATOM   77   C CG  . PRO A 1 11  ? -15.957 9.826   -8.251  1.00 25.71 ? 14  PRO B CG  1 
ATOM   78   C CD  . PRO A 1 11  ? -16.822 8.637   -7.922  1.00 27.58 ? 14  PRO B CD  1 
ATOM   79   N N   . LEU A 1 12  ? -12.881 7.595   -5.523  1.00 23.05 ? 15  LEU B N   1 
ATOM   80   C CA  . LEU A 1 12  ? -12.398 7.438   -4.162  1.00 27.89 ? 15  LEU B CA  1 
ATOM   81   C C   . LEU A 1 12  ? -12.587 8.751   -3.413  1.00 24.19 ? 15  LEU B C   1 
ATOM   82   O O   . LEU A 1 12  ? -12.474 9.835   -3.987  1.00 24.66 ? 15  LEU B O   1 
ATOM   83   C CB  . LEU A 1 12  ? -10.927 7.027   -4.167  1.00 18.80 ? 15  LEU B CB  1 
ATOM   84   C CG  . LEU A 1 12  ? -10.622 5.532   -4.043  1.00 24.61 ? 15  LEU B CG  1 
ATOM   85   C CD1 . LEU A 1 12  ? -11.323 4.748   -5.123  1.00 24.74 ? 15  LEU B CD1 1 
ATOM   86   C CD2 . LEU A 1 12  ? -9.120  5.298   -4.107  1.00 21.11 ? 15  LEU B CD2 1 
ATOM   87   N N   . HIS A 1 13  ? -12.891 8.654   -2.120  1.00 25.44 ? 16  HIS B N   1 
ATOM   88   C CA  . HIS A 1 13  ? -13.152 9.851   -1.333  1.00 25.92 ? 16  HIS B CA  1 
ATOM   89   C C   . HIS A 1 13  ? -12.623 9.648   0.079   1.00 28.82 ? 16  HIS B C   1 
ATOM   90   O O   . HIS A 1 13  ? -12.495 8.512   0.549   1.00 23.53 ? 16  HIS B O   1 
ATOM   91   C CB  . HIS A 1 13  ? -14.656 10.188  -1.298  1.00 26.58 ? 16  HIS B CB  1 
ATOM   92   C CG  . HIS A 1 13  ? -15.520 9.084   -0.766  1.00 26.54 ? 16  HIS B CG  1 
ATOM   93   N ND1 . HIS A 1 13  ? -15.726 8.880   0.584   1.00 25.97 ? 16  HIS B ND1 1 
ATOM   94   C CD2 . HIS A 1 13  ? -16.237 8.124   -1.400  1.00 19.48 ? 16  HIS B CD2 1 
ATOM   95   C CE1 . HIS A 1 13  ? -16.525 7.842   0.758   1.00 21.97 ? 16  HIS B CE1 1 
ATOM   96   N NE2 . HIS A 1 13  ? -16.847 7.361   -0.430  1.00 17.81 ? 16  HIS B NE2 1 
ATOM   97   N N   . ARG A 1 14  ? -12.312 10.762  0.748   1.00 22.08 ? 17  ARG B N   1 
ATOM   98   C CA  . ARG A 1 14  ? -11.931 10.712  2.155   1.00 29.56 ? 17  ARG B CA  1 
ATOM   99   C C   . ARG A 1 14  ? -12.996 9.980   2.962   1.00 25.90 ? 17  ARG B C   1 
ATOM   100  O O   . ARG A 1 14  ? -14.199 10.147  2.741   1.00 26.41 ? 17  ARG B O   1 
ATOM   101  C CB  . ARG A 1 14  ? -11.730 12.126  2.722   1.00 22.51 ? 17  ARG B CB  1 
ATOM   102  C CG  . ARG A 1 14  ? -11.169 12.125  4.162   1.00 21.35 ? 17  ARG B CG  1 
ATOM   103  C CD  . ARG A 1 14  ? -11.365 13.452  4.906   1.00 24.37 ? 17  ARG B CD  1 
ATOM   104  N NE  . ARG A 1 14  ? -10.749 14.606  4.248   1.00 26.29 ? 17  ARG B NE  1 
ATOM   105  C CZ  . ARG A 1 14  ? -9.498  15.013  4.454   1.00 26.28 ? 17  ARG B CZ  1 
ATOM   106  N NH1 . ARG A 1 14  ? -8.705  14.354  5.287   1.00 25.79 ? 17  ARG B NH1 1 
ATOM   107  N NH2 . ARG A 1 14  ? -9.035  16.083  3.824   1.00 24.12 ? 17  ARG B NH2 1 
ATOM   108  N N   . GLY A 1 15  ? -12.554 9.149   3.894   1.00 28.66 ? 18  GLY B N   1 
ATOM   109  C CA  . GLY A 1 15  ? -13.497 8.393   4.695   1.00 36.40 ? 18  GLY B CA  1 
ATOM   110  C C   . GLY A 1 15  ? -14.046 7.144   4.037   1.00 35.36 ? 18  GLY B C   1 
ATOM   111  O O   . GLY A 1 15  ? -14.774 6.388   4.691   1.00 37.19 ? 18  GLY B O   1 
ATOM   112  N N   . GLY A 1 16  ? -13.752 6.908   2.761   1.00 30.33 ? 19  GLY B N   1 
ATOM   113  C CA  . GLY A 1 16  ? -13.996 5.604   2.195   1.00 26.94 ? 19  GLY B CA  1 
ATOM   114  C C   . GLY A 1 16  ? -13.001 4.583   2.713   1.00 28.06 ? 19  GLY B C   1 
ATOM   115  O O   . GLY A 1 16  ? -11.901 4.911   3.151   1.00 24.92 ? 19  GLY B O   1 
ATOM   116  N N   . LYS A 1 17  ? -13.412 3.322   2.678   1.00 24.25 ? 20  LYS B N   1 
ATOM   117  C CA  . LYS A 1 17  ? -12.562 2.195   3.033   1.00 29.95 ? 20  LYS B CA  1 
ATOM   118  C C   . LYS A 1 17  ? -12.517 1.240   1.845   1.00 26.98 ? 20  LYS B C   1 
ATOM   119  O O   . LYS A 1 17  ? -13.553 0.936   1.244   1.00 21.93 ? 20  LYS B O   1 
ATOM   120  C CB  . LYS A 1 17  ? -13.091 1.483   4.292   1.00 26.56 ? 20  LYS B CB  1 
ATOM   121  C CG  . LYS A 1 17  ? -13.299 2.419   5.478   1.00 40.61 ? 20  LYS B CG  1 
ATOM   122  C CD  . LYS A 1 17  ? -13.934 1.705   6.670   1.00 44.23 ? 20  LYS B CD  1 
ATOM   123  C CE  . LYS A 1 17  ? -14.065 2.654   7.866   1.00 57.89 ? 20  LYS B CE  1 
ATOM   124  N NZ  . LYS A 1 17  ? -13.614 2.031   9.150   1.00 56.52 ? 20  LYS B NZ  1 
ATOM   125  N N   . TYR A 1 18  ? -11.322 0.761   1.510   1.00 18.74 ? 21  TYR B N   1 
ATOM   126  C CA  . TYR A 1 18  ? -11.133 0.045   0.252   1.00 26.33 ? 21  TYR B CA  1 
ATOM   127  C C   . TYR A 1 18  ? -10.205 -1.141  0.422   1.00 21.82 ? 21  TYR B C   1 
ATOM   128  O O   . TYR A 1 18  ? -9.124  -1.008  1.000   1.00 19.00 ? 21  TYR B O   1 
ATOM   129  C CB  . TYR A 1 18  ? -10.558 0.968   -0.832  1.00 20.14 ? 21  TYR B CB  1 
ATOM   130  C CG  . TYR A 1 18  ? -11.428 2.157   -1.076  1.00 27.19 ? 21  TYR B CG  1 
ATOM   131  C CD1 . TYR A 1 18  ? -12.494 2.083   -1.965  1.00 28.23 ? 21  TYR B CD1 1 
ATOM   132  C CD2 . TYR A 1 18  ? -11.216 3.349   -0.390  1.00 15.99 ? 21  TYR B CD2 1 
ATOM   133  C CE1 . TYR A 1 18  ? -13.322 3.178   -2.186  1.00 20.53 ? 21  TYR B CE1 1 
ATOM   134  C CE2 . TYR A 1 18  ? -12.032 4.446   -0.604  1.00 25.47 ? 21  TYR B CE2 1 
ATOM   135  C CZ  . TYR A 1 18  ? -13.084 4.357   -1.500  1.00 25.44 ? 21  TYR B CZ  1 
ATOM   136  O OH  . TYR A 1 18  ? -13.900 5.445   -1.711  1.00 26.18 ? 21  TYR B OH  1 
ATOM   137  N N   . TYR A 1 19  ? -10.628 -2.285  -0.101  1.00 19.23 ? 22  TYR B N   1 
ATOM   138  C CA  . TYR A 1 19  ? -9.697  -3.363  -0.387  1.00 21.52 ? 22  TYR B CA  1 
ATOM   139  C C   . TYR A 1 19  ? -8.878  -3.016  -1.624  1.00 27.81 ? 22  TYR B C   1 
ATOM   140  O O   . TYR A 1 19  ? -9.414  -2.539  -2.629  1.00 25.21 ? 22  TYR B O   1 
ATOM   141  C CB  . TYR A 1 19  ? -10.450 -4.667  -0.620  1.00 19.10 ? 22  TYR B CB  1 
ATOM   142  C CG  . TYR A 1 19  ? -11.339 -5.089  0.525   1.00 21.29 ? 22  TYR B CG  1 
ATOM   143  C CD1 . TYR A 1 19  ? -10.814 -5.332  1.784   1.00 19.66 ? 22  TYR B CD1 1 
ATOM   144  C CD2 . TYR A 1 19  ? -12.712 -5.240  0.340   1.00 25.71 ? 22  TYR B CD2 1 
ATOM   145  C CE1 . TYR A 1 19  ? -11.639 -5.721  2.842   1.00 26.45 ? 22  TYR B CE1 1 
ATOM   146  C CE2 . TYR A 1 19  ? -13.541 -5.635  1.381   1.00 29.98 ? 22  TYR B CE2 1 
ATOM   147  C CZ  . TYR A 1 19  ? -13.000 -5.872  2.630   1.00 27.52 ? 22  TYR B CZ  1 
ATOM   148  O OH  . TYR A 1 19  ? -13.819 -6.259  3.664   1.00 31.09 ? 22  TYR B OH  1 
ATOM   149  N N   . ILE A 1 20  ? -7.574  -3.243  -1.551  1.00 21.52 ? 23  ILE B N   1 
ATOM   150  C CA  . ILE A 1 20  ? -6.698  -3.094  -2.709  1.00 17.94 ? 23  ILE B CA  1 
ATOM   151  C C   . ILE A 1 20  ? -6.490  -4.488  -3.282  1.00 23.32 ? 23  ILE B C   1 
ATOM   152  O O   . ILE A 1 20  ? -5.937  -5.363  -2.607  1.00 18.37 ? 23  ILE B O   1 
ATOM   153  C CB  . ILE A 1 20  ? -5.368  -2.429  -2.330  1.00 17.39 ? 23  ILE B CB  1 
ATOM   154  C CG1 . ILE A 1 20  ? -5.612  -0.991  -1.861  1.00 15.18 ? 23  ILE B CG1 1 
ATOM   155  C CG2 . ILE A 1 20  ? -4.402  -2.427  -3.517  1.00 15.98 ? 23  ILE B CG2 1 
ATOM   156  C CD1 . ILE A 1 20  ? -4.345  -0.275  -1.384  1.00 11.31 ? 23  ILE B CD1 1 
ATOM   157  N N   . MET A 1 21  ? -6.963  -4.704  -4.513  1.00 19.87 ? 24  MET B N   1 
ATOM   158  C CA  . MET A 1 21  ? -7.006  -6.009  -5.158  1.00 21.16 ? 24  MET B CA  1 
ATOM   159  C C   . MET A 1 21  ? -6.213  -5.997  -6.464  1.00 20.78 ? 24  MET B C   1 
ATOM   160  O O   . MET A 1 21  ? -6.067  -4.944  -7.095  1.00 20.09 ? 24  MET B O   1 
ATOM   161  C CB  . MET A 1 21  ? -8.457  -6.415  -5.452  1.00 19.82 ? 24  MET B CB  1 
ATOM   162  C CG  . MET A 1 21  ? -9.338  -6.562  -4.218  1.00 24.91 ? 24  MET B CG  1 
ATOM   163  S SD  . MET A 1 21  ? -8.812  -7.909  -3.135  1.00 23.88 ? 24  MET B SD  1 
ATOM   164  C CE  . MET A 1 21  ? -9.632  -9.294  -3.905  1.00 18.18 ? 24  MET B CE  1 
ATOM   165  N N   . PRO A 1 22  ? -5.707  -7.150  -6.907  1.00 18.95 ? 25  PRO B N   1 
ATOM   166  C CA  . PRO A 1 22  ? -4.890  -7.165  -8.131  1.00 16.74 ? 25  PRO B CA  1 
ATOM   167  C C   . PRO A 1 22  ? -5.753  -7.043  -9.378  1.00 20.89 ? 25  PRO B C   1 
ATOM   168  O O   . PRO A 1 22  ? -6.767  -7.730  -9.521  1.00 22.95 ? 25  PRO B O   1 
ATOM   169  C CB  . PRO A 1 22  ? -4.192  -8.526  -8.074  1.00 15.21 ? 25  PRO B CB  1 
ATOM   170  C CG  . PRO A 1 22  ? -5.158  -9.397  -7.295  1.00 17.67 ? 25  PRO B CG  1 
ATOM   171  C CD  . PRO A 1 22  ? -5.784  -8.479  -6.273  1.00 19.69 ? 25  PRO B CD  1 
ATOM   172  N N   . SER A 1 23  ? -5.334  -6.172  -10.290 1.00 18.75 ? 26  SER B N   1 
ATOM   173  C CA  . SER A 1 23  ? -5.970  -6.132  -11.599 1.00 21.38 ? 26  SER B CA  1 
ATOM   174  C C   . SER A 1 23  ? -5.724  -7.436  -12.353 1.00 23.07 ? 26  SER B C   1 
ATOM   175  O O   . SER A 1 23  ? -4.682  -8.081  -12.204 1.00 20.29 ? 26  SER B O   1 
ATOM   176  C CB  . SER A 1 23  ? -5.438  -4.955  -12.416 1.00 21.03 ? 26  SER B CB  1 
ATOM   177  O OG  . SER A 1 23  ? -5.609  -5.178  -13.809 1.00 26.04 ? 26  SER B OG  1 
ATOM   178  N N   . ILE A 1 24  ? -6.699  -7.813  -13.185 1.00 21.02 ? 27  ILE B N   1 
ATOM   179  C CA  . ILE A 1 24  ? -6.616  -9.025  -13.993 1.00 22.80 ? 27  ILE B CA  1 
ATOM   180  C C   . ILE A 1 24  ? -5.432  -8.988  -14.958 1.00 24.40 ? 27  ILE B C   1 
ATOM   181  O O   . ILE A 1 24  ? -4.983  -10.038 -15.435 1.00 28.53 ? 27  ILE B O   1 
ATOM   182  C CB  . ILE A 1 24  ? -7.956  -9.210  -14.741 1.00 23.80 ? 27  ILE B CB  1 
ATOM   183  C CG1 . ILE A 1 24  ? -8.105  -10.621 -15.297 1.00 29.01 ? 27  ILE B CG1 1 
ATOM   184  C CG2 . ILE A 1 24  ? -8.097  -8.181  -15.867 1.00 22.78 ? 27  ILE B CG2 1 
ATOM   185  C CD1 . ILE A 1 24  ? -9.529  -10.905 -15.832 1.00 29.85 ? 27  ILE B CD1 1 
ATOM   186  N N   . TRP A 1 25  ? -4.908  -7.801  -15.252 1.00 17.10 ? 28  TRP B N   1 
ATOM   187  C CA  . TRP A 1 25  ? -3.819  -7.653  -16.206 1.00 21.48 ? 28  TRP B CA  1 
ATOM   188  C C   . TRP A 1 25  ? -2.442  -7.911  -15.609 1.00 23.62 ? 28  TRP B C   1 
ATOM   189  O O   . TRP A 1 25  ? -1.451  -7.811  -16.335 1.00 18.63 ? 28  TRP B O   1 
ATOM   190  C CB  . TRP A 1 25  ? -3.868  -6.251  -16.817 1.00 19.33 ? 28  TRP B CB  1 
ATOM   191  C CG  . TRP A 1 25  ? -5.188  -5.980  -17.444 1.00 27.29 ? 28  TRP B CG  1 
ATOM   192  C CD1 . TRP A 1 25  ? -6.110  -5.055  -17.049 1.00 24.80 ? 28  TRP B CD1 1 
ATOM   193  C CD2 . TRP A 1 25  ? -5.766  -6.675  -18.567 1.00 24.70 ? 28  TRP B CD2 1 
ATOM   194  N NE1 . TRP A 1 25  ? -7.218  -5.120  -17.864 1.00 29.87 ? 28  TRP B NE1 1 
ATOM   195  C CE2 . TRP A 1 25  ? -7.032  -6.101  -18.806 1.00 27.79 ? 28  TRP B CE2 1 
ATOM   196  C CE3 . TRP A 1 25  ? -5.320  -7.705  -19.409 1.00 21.34 ? 28  TRP B CE3 1 
ATOM   197  C CZ2 . TRP A 1 25  ? -7.867  -6.530  -19.847 1.00 30.13 ? 28  TRP B CZ2 1 
ATOM   198  C CZ3 . TRP A 1 25  ? -6.148  -8.132  -20.437 1.00 19.95 ? 28  TRP B CZ3 1 
ATOM   199  C CH2 . TRP A 1 25  ? -7.409  -7.545  -20.646 1.00 25.14 ? 28  TRP B CH2 1 
ATOM   200  N N   . GLY A 1 26  ? -2.347  -8.214  -14.314 1.00 20.02 ? 29  GLY B N   1 
ATOM   201  C CA  . GLY A 1 26  ? -1.098  -8.644  -13.725 1.00 16.48 ? 29  GLY B CA  1 
ATOM   202  C C   . GLY A 1 26  ? -1.298  -9.918  -12.929 1.00 17.17 ? 29  GLY B C   1 
ATOM   203  O O   . GLY A 1 26  ? -2.401  -10.476 -12.883 1.00 19.38 ? 29  GLY B O   1 
ATOM   204  N N   . PRO A 1 27  ? -0.236  -10.411 -12.288 1.00 24.60 ? 30  PRO B N   1 
ATOM   205  C CA  . PRO A 1 27  ? -0.351  -11.662 -11.542 1.00 19.16 ? 30  PRO B CA  1 
ATOM   206  C C   . PRO A 1 27  ? -1.416  -11.561 -10.468 1.00 25.28 ? 30  PRO B C   1 
ATOM   207  O O   . PRO A 1 27  ? -1.678  -10.463 -9.929  1.00 20.58 ? 30  PRO B O   1 
ATOM   208  C CB  . PRO A 1 27  ? 1.048   -11.847 -10.943 1.00 19.18 ? 30  PRO B CB  1 
ATOM   209  C CG  . PRO A 1 27  ? 1.950   -11.137 -11.955 1.00 20.04 ? 30  PRO B CG  1 
ATOM   210  C CD  . PRO A 1 27  ? 1.159   -9.926  -12.354 1.00 18.71 ? 30  PRO B CD  1 
ATOM   211  N N   . PRO A 1 28  ? -2.067  -12.674 -10.129 1.00 18.25 ? 31  PRO B N   1 
ATOM   212  C CA  . PRO A 1 28  ? -3.273  -12.605 -9.295  1.00 19.56 ? 31  PRO B CA  1 
ATOM   213  C C   . PRO A 1 28  ? -3.005  -12.675 -7.799  1.00 20.27 ? 31  PRO B C   1 
ATOM   214  O O   . PRO A 1 28  ? -2.056  -12.068 -7.293  1.00 20.04 ? 31  PRO B O   1 
ATOM   215  C CB  . PRO A 1 28  ? -4.081  -13.818 -9.771  1.00 25.01 ? 31  PRO B CB  1 
ATOM   216  C CG  . PRO A 1 28  ? -3.024  -14.824 -10.167 1.00 20.98 ? 31  PRO B CG  1 
ATOM   217  C CD  . PRO A 1 28  ? -1.840  -14.026 -10.681 1.00 22.66 ? 31  PRO B CD  1 
ATOM   218  N N   . GLY A 1 29  ? -3.848  -13.401 -7.087  1.00 22.65 ? 32  GLY B N   1 
ATOM   219  C CA  . GLY A 1 29  ? -3.836  -13.419 -5.646  1.00 25.06 ? 32  GLY B CA  1 
ATOM   220  C C   . GLY A 1 29  ? -4.985  -12.616 -5.069  1.00 25.71 ? 32  GLY B C   1 
ATOM   221  O O   . GLY A 1 29  ? -5.970  -12.310 -5.740  1.00 21.89 ? 32  GLY B O   1 
ATOM   222  N N   . GLY A 1 30  ? -4.835  -12.251 -3.794  1.00 24.45 ? 33  GLY B N   1 
ATOM   223  C CA  . GLY A 1 30  ? -5.874  -11.525 -3.087  1.00 19.26 ? 33  GLY B CA  1 
ATOM   224  C C   . GLY A 1 30  ? -5.494  -10.134 -2.607  1.00 26.65 ? 33  GLY B C   1 
ATOM   225  O O   . GLY A 1 30  ? -4.613  -9.468  -3.174  1.00 15.12 ? 33  GLY B O   1 
ATOM   226  N N   . GLY A 1 31  ? -6.171  -9.681  -1.551  1.00 21.01 ? 34  GLY B N   1 
ATOM   227  C CA  . GLY A 1 31  ? -6.010  -8.323  -1.073  1.00 21.67 ? 34  GLY B CA  1 
ATOM   228  C C   . GLY A 1 31  ? -4.779  -8.152  -0.198  1.00 23.99 ? 34  GLY B C   1 
ATOM   229  O O   . GLY A 1 31  ? -3.976  -9.064  0.004   1.00 16.98 ? 34  GLY B O   1 
ATOM   230  N N   . LEU A 1 32  ? -4.633  -6.941  0.326   1.00 19.56 ? 35  LEU B N   1 
ATOM   231  C CA  . LEU A 1 32  ? -3.508  -6.611  1.189   1.00 20.48 ? 35  LEU B CA  1 
ATOM   232  C C   . LEU A 1 32  ? -3.888  -6.812  2.645   1.00 26.41 ? 35  LEU B C   1 
ATOM   233  O O   . LEU A 1 32  ? -5.025  -6.546  3.049   1.00 26.96 ? 35  LEU B O   1 
ATOM   234  C CB  . LEU A 1 32  ? -3.053  -5.172  0.966   1.00 16.72 ? 35  LEU B CB  1 
ATOM   235  C CG  . LEU A 1 32  ? -2.596  -4.864  -0.456  1.00 18.10 ? 35  LEU B CG  1 
ATOM   236  C CD1 . LEU A 1 32  ? -2.071  -3.446  -0.498  1.00 19.90 ? 35  LEU B CD1 1 
ATOM   237  C CD2 . LEU A 1 32  ? -1.523  -5.866  -0.925  1.00 13.71 ? 35  LEU B CD2 1 
ATOM   238  N N   . ARG A 1 33  ? -2.924  -7.285  3.427   1.00 21.18 ? 36  ARG B N   1 
ATOM   239  C CA  . ARG A 1 33  ? -3.125  -7.544  4.842   1.00 25.90 ? 36  ARG B CA  1 
ATOM   240  C C   . ARG A 1 33  ? -1.765  -7.444  5.535   1.00 25.48 ? 36  ARG B C   1 
ATOM   241  O O   . ARG A 1 33  ? -0.812  -6.889  4.977   1.00 20.72 ? 36  ARG B O   1 
ATOM   242  C CB  . ARG A 1 33  ? -3.808  -8.907  5.043   1.00 23.05 ? 36  ARG B CB  1 
ATOM   243  C CG  . ARG A 1 33  ? -2.963  -10.088 4.577   1.00 19.92 ? 36  ARG B CG  1 
ATOM   244  C CD  . ARG A 1 33  ? -3.598  -11.411 4.981   1.00 22.96 ? 36  ARG B CD  1 
ATOM   245  N NE  . ARG A 1 33  ? -2.861  -12.549 4.438   1.00 28.29 ? 36  ARG B NE  1 
ATOM   246  C CZ  . ARG A 1 33  ? -1.742  -13.039 4.963   1.00 29.97 ? 36  ARG B CZ  1 
ATOM   247  N NH1 . ARG A 1 33  ? -1.216  -12.493 6.053   1.00 29.29 ? 36  ARG B NH1 1 
ATOM   248  N NH2 . ARG A 1 33  ? -1.143  -14.076 4.398   1.00 29.40 ? 36  ARG B NH2 1 
ATOM   249  N N   . LEU A 1 34  ? -1.679  -7.962  6.753   1.00 20.71 ? 37  LEU B N   1 
ATOM   250  C CA  . LEU A 1 34  ? -0.455  -7.924  7.530   1.00 17.79 ? 37  LEU B CA  1 
ATOM   251  C C   . LEU A 1 34  ? -0.003  -9.346  7.815   1.00 23.88 ? 37  LEU B C   1 
ATOM   252  O O   . LEU A 1 34  ? -0.812  -10.278 7.846   1.00 26.16 ? 37  LEU B O   1 
ATOM   253  C CB  . LEU A 1 34  ? -0.655  -7.168  8.840   1.00 16.94 ? 37  LEU B CB  1 
ATOM   254  C CG  . LEU A 1 34  ? -1.052  -5.699  8.717   1.00 22.90 ? 37  LEU B CG  1 
ATOM   255  C CD1 . LEU A 1 34  ? -1.738  -5.228  10.004  1.00 17.97 ? 37  LEU B CD1 1 
ATOM   256  C CD2 . LEU A 1 34  ? 0.170   -4.848  8.412   1.00 16.51 ? 37  LEU B CD2 1 
ATOM   257  N N   . GLY A 1 35  ? 1.298   -9.508  8.014   1.00 24.44 ? 38  GLY B N   1 
ATOM   258  C CA  . GLY A 1 35  ? 1.816   -10.806 8.395   1.00 23.00 ? 38  GLY B CA  1 
ATOM   259  C C   . GLY A 1 35  ? 3.131   -10.656 9.117   1.00 23.97 ? 38  GLY B C   1 
ATOM   260  O O   . GLY A 1 35  ? 3.824   -9.641  8.990   1.00 25.97 ? 38  GLY B O   1 
ATOM   261  N N   . LYS A 1 36  ? 3.457   -11.668 9.901   1.00 27.85 ? 39  LYS B N   1 
ATOM   262  C CA  . LYS A 1 36  ? 4.776   -11.727 10.496  1.00 37.25 ? 39  LYS B CA  1 
ATOM   263  C C   . LYS A 1 36  ? 5.786   -12.211 9.464   1.00 33.56 ? 39  LYS B C   1 
ATOM   264  O O   . LYS A 1 36  ? 5.451   -12.937 8.521   1.00 31.87 ? 39  LYS B O   1 
ATOM   265  C CB  . LYS A 1 36  ? 4.764   -12.644 11.716  1.00 41.41 ? 39  LYS B CB  1 
ATOM   266  C CG  . LYS A 1 36  ? 3.438   -12.610 12.464  1.00 56.47 ? 39  LYS B CG  1 
ATOM   267  C CD  . LYS A 1 36  ? 3.280   -13.778 13.431  1.00 66.21 ? 39  LYS B CD  1 
ATOM   268  C CE  . LYS A 1 36  ? 2.012   -13.628 14.271  1.00 54.76 ? 39  LYS B CE  1 
ATOM   269  N NZ  . LYS A 1 36  ? 0.784   -13.866 13.460  1.00 51.36 ? 39  LYS B NZ  1 
ATOM   270  N N   . THR A 1 37  ? 7.015   -11.749 9.620   1.00 27.44 ? 40  THR B N   1 
ATOM   271  C CA  . THR A 1 37  ? 8.181   -12.284 8.934   1.00 38.00 ? 40  THR B CA  1 
ATOM   272  C C   . THR A 1 37  ? 9.086   -12.923 9.987   1.00 50.93 ? 40  THR B C   1 
ATOM   273  O O   . THR A 1 37  ? 8.798   -12.876 11.186  1.00 50.06 ? 40  THR B O   1 
ATOM   274  C CB  . THR A 1 37  ? 8.900   -11.190 8.139   1.00 40.36 ? 40  THR B CB  1 
ATOM   275  O OG1 . THR A 1 37  ? 9.353   -10.168 9.032   1.00 39.30 ? 40  THR B OG1 1 
ATOM   276  C CG2 . THR A 1 37  ? 7.951   -10.569 7.102   1.00 28.99 ? 40  THR B CG2 1 
ATOM   277  N N   . GLU A 1 38  ? 10.192  -13.527 9.545   1.00 53.08 ? 41  GLU B N   1 
ATOM   278  C CA  . GLU A 1 38  ? 10.917  -14.421 10.446  1.00 60.92 ? 41  GLU B CA  1 
ATOM   279  C C   . GLU A 1 38  ? 11.582  -13.674 11.602  1.00 53.84 ? 41  GLU B C   1 
ATOM   280  O O   . GLU A 1 38  ? 11.736  -14.241 12.690  1.00 59.56 ? 41  GLU B O   1 
ATOM   281  C CB  . GLU A 1 38  ? 11.933  -15.255 9.659   1.00 53.83 ? 41  GLU B CB  1 
ATOM   282  C CG  . GLU A 1 38  ? 11.260  -16.269 8.721   1.00 74.59 ? 41  GLU B CG  1 
ATOM   283  C CD  . GLU A 1 38  ? 11.643  -17.718 9.000   1.00 81.91 ? 41  GLU B CD  1 
ATOM   284  O OE1 . GLU A 1 38  ? 12.146  -18.006 10.110  1.00 71.73 ? 41  GLU B OE1 1 
ATOM   285  O OE2 . GLU A 1 38  ? 11.421  -18.567 8.105   1.00 67.82 ? 41  GLU B OE2 1 
ATOM   286  N N   . ASN A 1 39  ? 11.948  -12.407 11.417  1.00 50.05 ? 42  ASN B N   1 
ATOM   287  C CA  . ASN A 1 39  ? 12.533  -11.630 12.503  1.00 64.60 ? 42  ASN B CA  1 
ATOM   288  C C   . ASN A 1 39  ? 11.632  -10.494 12.985  1.00 61.53 ? 42  ASN B C   1 
ATOM   289  O O   . ASN A 1 39  ? 12.103  -9.611  13.708  1.00 56.75 ? 42  ASN B O   1 
ATOM   290  C CB  . ASN A 1 39  ? 13.902  -11.085 12.087  1.00 70.96 ? 42  ASN B CB  1 
ATOM   291  C CG  . ASN A 1 39  ? 14.958  -12.175 11.995  1.00 80.48 ? 42  ASN B CG  1 
ATOM   292  O OD1 . ASN A 1 39  ? 15.309  -12.805 12.996  1.00 80.40 ? 42  ASN B OD1 1 
ATOM   293  N ND2 . ASN A 1 39  ? 15.459  -12.412 10.785  1.00 69.29 ? 42  ASN B ND2 1 
ATOM   294  N N   . LEU A 1 40  ? 10.346  -10.500 12.615  1.00 53.27 ? 43  LEU B N   1 
ATOM   295  C CA  . LEU A 1 40  ? 9.354   -9.537  13.112  1.00 48.62 ? 43  LEU B CA  1 
ATOM   296  C C   . LEU A 1 40  ? 8.081   -10.328 13.412  1.00 47.84 ? 43  LEU B C   1 
ATOM   297  O O   . LEU A 1 40  ? 7.264   -10.553 12.514  1.00 45.40 ? 43  LEU B O   1 
ATOM   298  C CB  . LEU A 1 40  ? 9.082   -8.424  12.104  1.00 38.88 ? 43  LEU B CB  1 
ATOM   299  C CG  . LEU A 1 40  ? 10.194  -7.453  11.717  1.00 42.07 ? 43  LEU B CG  1 
ATOM   300  C CD1 . LEU A 1 40  ? 9.704   -6.505  10.634  1.00 38.81 ? 43  LEU B CD1 1 
ATOM   301  C CD2 . LEU A 1 40  ? 10.664  -6.680  12.934  1.00 43.30 ? 43  LEU B CD2 1 
ATOM   302  N N   . ASN A 1 41  ? 7.905   -10.732 14.674  1.00 43.98 ? 44  ASN B N   1 
ATOM   303  C CA  . ASN A 1 41  ? 6.764   -11.579 15.012  1.00 51.23 ? 44  ASN B CA  1 
ATOM   304  C C   . ASN A 1 41  ? 5.454   -10.815 15.193  1.00 61.24 ? 44  ASN B C   1 
ATOM   305  O O   . ASN A 1 41  ? 4.384   -11.430 15.102  1.00 51.96 ? 44  ASN B O   1 
ATOM   306  C CB  . ASN A 1 41  ? 7.043   -12.399 16.271  1.00 65.08 ? 44  ASN B CB  1 
ATOM   307  C CG  . ASN A 1 41  ? 6.216   -13.676 16.317  1.00 87.23 ? 44  ASN B CG  1 
ATOM   308  O OD1 . ASN A 1 41  ? 5.441   -13.898 17.250  1.00 79.61 ? 44  ASN B OD1 1 
ATOM   309  N ND2 . ASN A 1 41  ? 6.364   -14.514 15.293  1.00 76.98 ? 44  ASN B ND2 1 
ATOM   310  N N   . CYS A 1 42  ? 5.501   -9.517  15.468  1.00 37.88 ? 45  CYS B N   1 
ATOM   311  C CA  . CYS A 1 42  ? 4.297   -8.694  15.356  1.00 35.24 ? 45  CYS B CA  1 
ATOM   312  C C   . CYS A 1 42  ? 3.954   -8.529  13.876  1.00 30.61 ? 45  CYS B C   1 
ATOM   313  O O   . CYS A 1 42  ? 4.848   -8.238  13.072  1.00 28.68 ? 45  CYS B O   1 
ATOM   314  C CB  . CYS A 1 42  ? 4.516   -7.326  16.016  1.00 23.70 ? 45  CYS B CB  1 
ATOM   315  S SG  . CYS A 1 42  ? 3.034   -6.254  16.088  1.00 30.92 ? 45  CYS B SG  1 
ATOM   316  N N   . PRO A 1 43  ? 2.694   -8.730  13.464  1.00 25.43 ? 46  PRO B N   1 
ATOM   317  C CA  . PRO A 1 43  ? 2.400   -8.619  12.011  1.00 21.64 ? 46  PRO B CA  1 
ATOM   318  C C   . PRO A 1 43  ? 2.375   -7.162  11.556  1.00 22.85 ? 46  PRO B C   1 
ATOM   319  O O   . PRO A 1 43  ? 1.348   -6.497  11.466  1.00 19.58 ? 46  PRO B O   1 
ATOM   320  C CB  . PRO A 1 43  ? 1.034   -9.297  11.885  1.00 24.45 ? 46  PRO B CB  1 
ATOM   321  C CG  . PRO A 1 43  ? 0.377   -9.086  13.227  1.00 20.47 ? 46  PRO B CG  1 
ATOM   322  C CD  . PRO A 1 43  ? 1.489   -9.044  14.254  1.00 26.93 ? 46  PRO B CD  1 
ATOM   323  N N   . VAL A 1 44  ? 3.564   -6.637  11.267  1.00 20.11 ? 47  VAL B N   1 
ATOM   324  C CA  . VAL A 1 44  ? 3.742   -5.250  10.874  1.00 17.85 ? 47  VAL B CA  1 
ATOM   325  C C   . VAL A 1 44  ? 4.268   -5.123  9.453   1.00 22.70 ? 47  VAL B C   1 
ATOM   326  O O   . VAL A 1 44  ? 4.701   -4.040  9.048   1.00 17.08 ? 47  VAL B O   1 
ATOM   327  C CB  . VAL A 1 44  ? 4.665   -4.506  11.862  1.00 18.75 ? 47  VAL B CB  1 
ATOM   328  C CG1 . VAL A 1 44  ? 4.055   -4.517  13.250  1.00 17.05 ? 47  VAL B CG1 1 
ATOM   329  C CG2 . VAL A 1 44  ? 6.052   -5.148  11.882  1.00 20.67 ? 47  VAL B CG2 1 
ATOM   330  N N   . THR A 1 45  ? 4.241   -6.214  8.684   1.00 16.23 ? 48  THR B N   1 
ATOM   331  C CA  . THR A 1 45  ? 4.675   -6.220  7.291   1.00 20.86 ? 48  THR B CA  1 
ATOM   332  C C   . THR A 1 45  ? 3.458   -6.343  6.386   1.00 18.16 ? 48  THR B C   1 
ATOM   333  O O   . THR A 1 45  ? 2.627   -7.242  6.568   1.00 19.30 ? 48  THR B O   1 
ATOM   334  C CB  . THR A 1 45  ? 5.659   -7.364  7.034   1.00 21.73 ? 48  THR B CB  1 
ATOM   335  O OG1 . THR A 1 45  ? 6.843   -7.118  7.794   1.00 20.06 ? 48  THR B OG1 1 
ATOM   336  C CG2 . THR A 1 45  ? 6.048   -7.445  5.572   1.00 23.34 ? 48  THR B CG2 1 
ATOM   337  N N   . VAL A 1 46  ? 3.337   -5.426  5.429   1.00 22.18 ? 49  VAL B N   1 
ATOM   338  C CA  . VAL A 1 46  ? 2.229   -5.484  4.481   1.00 19.03 ? 49  VAL B CA  1 
ATOM   339  C C   . VAL A 1 46  ? 2.471   -6.635  3.513   1.00 22.10 ? 49  VAL B C   1 
ATOM   340  O O   . VAL A 1 46  ? 3.547   -6.741  2.909   1.00 21.99 ? 49  VAL B O   1 
ATOM   341  C CB  . VAL A 1 46  ? 2.086   -4.147  3.736   1.00 23.52 ? 49  VAL B CB  1 
ATOM   342  C CG1 . VAL A 1 46  ? 1.059   -4.261  2.606   1.00 13.16 ? 49  VAL B CG1 1 
ATOM   343  C CG2 . VAL A 1 46  ? 1.731   -3.024  4.706   1.00 13.18 ? 49  VAL B CG2 1 
ATOM   344  N N   . LEU A 1 47  ? 1.472   -7.506  3.360   1.00 20.32 ? 50  LEU B N   1 
ATOM   345  C CA  . LEU A 1 47  ? 1.579   -8.688  2.511   1.00 18.64 ? 50  LEU B CA  1 
ATOM   346  C C   . LEU A 1 47  ? 0.373   -8.773  1.588   1.00 18.98 ? 50  LEU B C   1 
ATOM   347  O O   . LEU A 1 47  ? -0.760  -8.561  2.028   1.00 18.19 ? 50  LEU B O   1 
ATOM   348  C CB  . LEU A 1 47  ? 1.670   -9.970  3.346   1.00 16.65 ? 50  LEU B CB  1 
ATOM   349  C CG  . LEU A 1 47  ? 2.947   -10.223 4.145   1.00 16.64 ? 50  LEU B CG  1 
ATOM   350  C CD1 . LEU A 1 47  ? 2.815   -11.543 4.907   1.00 18.99 ? 50  LEU B CD1 1 
ATOM   351  C CD2 . LEU A 1 47  ? 4.163   -10.253 3.229   1.00 17.35 ? 50  LEU B CD2 1 
ATOM   352  N N   . GLN A 1 48  ? 0.614   -9.064  0.310   1.00 15.92 ? 51  GLN B N   1 
ATOM   353  C CA  . GLN A 1 48  ? -0.469  -9.429  -0.592  1.00 18.53 ? 51  GLN B CA  1 
ATOM   354  C C   . GLN A 1 48  ? -0.730  -10.922 -0.460  1.00 26.14 ? 51  GLN B C   1 
ATOM   355  O O   . GLN A 1 48  ? 0.189   -11.733 -0.615  1.00 23.46 ? 51  GLN B O   1 
ATOM   356  C CB  . GLN A 1 48  ? -0.138  -9.081  -2.040  1.00 15.75 ? 51  GLN B CB  1 
ATOM   357  C CG  . GLN A 1 48  ? -1.363  -9.198  -2.964  1.00 17.06 ? 51  GLN B CG  1 
ATOM   358  C CD  . GLN A 1 48  ? -1.151  -10.123 -4.167  1.00 22.96 ? 51  GLN B CD  1 
ATOM   359  O OE1 . GLN A 1 48  ? -0.025  -10.519 -4.487  1.00 17.56 ? 51  GLN B OE1 1 
ATOM   360  N NE2 . GLN A 1 48  ? -2.245  -10.471 -4.835  1.00 20.29 ? 51  GLN B NE2 1 
ATOM   361  N N   . ASP A 1 49  ? -1.976  -11.283 -0.167  1.00 19.67 ? 52  ASP B N   1 
ATOM   362  C CA  . ASP A 1 49  ? -2.329  -12.683 -0.005  1.00 20.73 ? 52  ASP B CA  1 
ATOM   363  C C   . ASP A 1 49  ? -2.222  -13.443 -1.323  1.00 22.41 ? 52  ASP B C   1 
ATOM   364  O O   . ASP A 1 49  ? -2.488  -12.906 -2.403  1.00 24.39 ? 52  ASP B O   1 
ATOM   365  C CB  . ASP A 1 49  ? -3.748  -12.810 0.542   1.00 23.13 ? 52  ASP B CB  1 
ATOM   366  C CG  . ASP A 1 49  ? -3.994  -14.154 1.162   1.00 30.26 ? 52  ASP B CG  1 
ATOM   367  O OD1 . ASP A 1 49  ? -4.272  -15.122 0.415   1.00 28.74 ? 52  ASP B OD1 1 
ATOM   368  O OD2 . ASP A 1 49  ? -3.876  -14.244 2.398   1.00 28.36 ? 52  ASP B OD2 1 
ATOM   369  N N   . TYR A 1 50  ? -1.844  -14.720 -1.220  1.00 21.56 ? 53  TYR B N   1 
ATOM   370  C CA  . TYR A 1 50  ? -1.751  -15.578 -2.397  1.00 25.12 ? 53  TYR B CA  1 
ATOM   371  C C   . TYR A 1 50  ? -3.119  -15.985 -2.944  1.00 25.43 ? 53  TYR B C   1 
ATOM   372  O O   . TYR A 1 50  ? -3.216  -16.358 -4.117  1.00 29.33 ? 53  TYR B O   1 
ATOM   373  C CB  . TYR A 1 50  ? -0.957  -16.850 -2.067  1.00 23.07 ? 53  TYR B CB  1 
ATOM   374  C CG  . TYR A 1 50  ? 0.526   -16.665 -1.778  1.00 24.53 ? 53  TYR B CG  1 
ATOM   375  C CD1 . TYR A 1 50  ? 1.309   -15.776 -2.513  1.00 24.00 ? 53  TYR B CD1 1 
ATOM   376  C CD2 . TYR A 1 50  ? 1.142   -17.406 -0.779  1.00 21.13 ? 53  TYR B CD2 1 
ATOM   377  C CE1 . TYR A 1 50  ? 2.673   -15.629 -2.248  1.00 26.10 ? 53  TYR B CE1 1 
ATOM   378  C CE2 . TYR A 1 50  ? 2.494   -17.273 -0.507  1.00 26.54 ? 53  TYR B CE2 1 
ATOM   379  C CZ  . TYR A 1 50  ? 3.259   -16.386 -1.236  1.00 30.94 ? 53  TYR B CZ  1 
ATOM   380  O OH  . TYR A 1 50  ? 4.607   -16.274 -0.947  1.00 25.54 ? 53  TYR B OH  1 
ATOM   381  N N   . SER A 1 51  ? -4.167  -15.936 -2.131  1.00 24.01 ? 54  SER B N   1 
ATOM   382  C CA  . SER A 1 51  ? -5.468  -16.500 -2.469  1.00 26.15 ? 54  SER B CA  1 
ATOM   383  C C   . SER A 1 51  ? -6.449  -15.403 -2.873  1.00 32.36 ? 54  SER B C   1 
ATOM   384  O O   . SER A 1 51  ? -6.647  -14.436 -2.131  1.00 27.04 ? 54  SER B O   1 
ATOM   385  C CB  . SER A 1 51  ? -6.028  -17.294 -1.285  1.00 25.86 ? 54  SER B CB  1 
ATOM   386  O OG  . SER A 1 51  ? -7.332  -17.772 -1.567  1.00 32.43 ? 54  SER B OG  1 
ATOM   387  N N   . GLU A 1 52  ? -7.085  -15.576 -4.037  1.00 30.52 ? 55  GLU B N   1 
ATOM   388  C CA  . GLU A 1 52  ? -8.039  -14.604 -4.558  1.00 35.18 ? 55  GLU B CA  1 
ATOM   389  C C   . GLU A 1 52  ? -9.291  -14.481 -3.700  1.00 32.47 ? 55  GLU B C   1 
ATOM   390  O O   . GLU A 1 52  ? -10.016 -13.489 -3.834  1.00 31.06 ? 55  GLU B O   1 
ATOM   391  C CB  . GLU A 1 52  ? -8.453  -14.976 -5.985  1.00 29.76 ? 55  GLU B CB  1 
ATOM   392  C CG  . GLU A 1 52  ? -9.379  -16.192 -6.030  1.00 51.56 ? 55  GLU B CG  1 
ATOM   393  C CD  . GLU A 1 52  ? -9.722  -16.636 -7.440  1.00 62.24 ? 55  GLU B CD  1 
ATOM   394  O OE1 . GLU A 1 52  ? -10.299 -17.735 -7.591  1.00 69.31 ? 55  GLU B OE1 1 
ATOM   395  O OE2 . GLU A 1 52  ? -9.420  -15.884 -8.394  1.00 72.07 ? 55  GLU B OE2 1 
ATOM   396  N N   . VAL A 1 53  ? -9.567  -15.457 -2.830  1.00 24.81 ? 56  VAL B N   1 
ATOM   397  C CA  . VAL A 1 53  ? -10.744 -15.369 -1.966  1.00 33.73 ? 56  VAL B CA  1 
ATOM   398  C C   . VAL A 1 53  ? -10.493 -14.535 -0.722  1.00 36.89 ? 56  VAL B C   1 
ATOM   399  O O   . VAL A 1 53  ? -11.440 -14.265 0.030   1.00 36.83 ? 56  VAL B O   1 
ATOM   400  C CB  . VAL A 1 53  ? -11.243 -16.770 -1.560  1.00 32.25 ? 56  VAL B CB  1 
ATOM   401  C CG1 . VAL A 1 53  ? -11.244 -17.702 -2.763  1.00 40.24 ? 56  VAL B CG1 1 
ATOM   402  C CG2 . VAL A 1 53  ? -10.386 -17.348 -0.461  1.00 29.77 ? 56  VAL B CG2 1 
ATOM   403  N N   . ILE A 1 54  ? -9.254  -14.109 -0.483  1.00 26.56 ? 57  ILE B N   1 
ATOM   404  C CA  . ILE A 1 54  ? -8.906  -13.323 0.697   1.00 26.64 ? 57  ILE B CA  1 
ATOM   405  C C   . ILE A 1 54  ? -8.916  -11.853 0.301   1.00 25.46 ? 57  ILE B C   1 
ATOM   406  O O   . ILE A 1 54  ? -8.056  -11.399 -0.464  1.00 27.26 ? 57  ILE B O   1 
ATOM   407  C CB  . ILE A 1 54  ? -7.548  -13.734 1.274   1.00 28.05 ? 57  ILE B CB  1 
ATOM   408  C CG1 . ILE A 1 54  ? -7.625  -15.151 1.840   1.00 28.29 ? 57  ILE B CG1 1 
ATOM   409  C CG2 . ILE A 1 54  ? -7.101  -12.735 2.343   1.00 24.28 ? 57  ILE B CG2 1 
ATOM   410  C CD1 . ILE A 1 54  ? -8.818  -15.358 2.751   1.00 35.04 ? 57  ILE B CD1 1 
ATOM   411  N N   . ASN A 1 55  ? -9.891  -11.107 0.827   1.00 23.91 ? 58  ASN B N   1 
ATOM   412  C CA  . ASN A 1 55  ? -9.973  -9.666  0.596   1.00 25.26 ? 58  ASN B CA  1 
ATOM   413  C C   . ASN A 1 55  ? -8.932  -8.898  1.391   1.00 26.76 ? 58  ASN B C   1 
ATOM   414  O O   . ASN A 1 55  ? -8.522  -7.808  0.975   1.00 22.15 ? 58  ASN B O   1 
ATOM   415  C CB  . ASN A 1 55  ? -11.361 -9.137  0.970   1.00 34.81 ? 58  ASN B CB  1 
ATOM   416  C CG  . ASN A 1 55  ? -12.413 -9.471  -0.066  1.00 35.97 ? 58  ASN B CG  1 
ATOM   417  O OD1 . ASN A 1 55  ? -12.119 -9.545  -1.255  1.00 45.05 ? 58  ASN B OD1 1 
ATOM   418  N ND2 . ASN A 1 55  ? -13.646 -9.666  0.381   1.00 43.22 ? 58  ASN B ND2 1 
ATOM   419  N N   . GLY A 1 56  ? -8.511  -9.436  2.536   1.00 20.88 ? 59  GLY B N   1 
ATOM   420  C CA  . GLY A 1 56  ? -7.539  -8.749  3.362   1.00 24.26 ? 59  GLY B CA  1 
ATOM   421  C C   . GLY A 1 56  ? -8.190  -7.660  4.201   1.00 25.94 ? 59  GLY B C   1 
ATOM   422  O O   . GLY A 1 56  ? -9.374  -7.717  4.532   1.00 22.95 ? 59  GLY B O   1 
ATOM   423  N N   . LEU A 1 57  ? -7.392  -6.648  4.537   1.00 24.41 ? 60  LEU B N   1 
ATOM   424  C CA  . LEU A 1 57  ? -7.748  -5.504  5.363   1.00 20.22 ? 60  LEU B CA  1 
ATOM   425  C C   . LEU A 1 57  ? -8.072  -4.298  4.496   1.00 21.93 ? 60  LEU B C   1 
ATOM   426  O O   . LEU A 1 57  ? -7.370  -4.044  3.512   1.00 22.55 ? 60  LEU B O   1 
ATOM   427  C CB  . LEU A 1 57  ? -6.594  -5.142  6.295   1.00 19.82 ? 60  LEU B CB  1 
ATOM   428  C CG  . LEU A 1 57  ? -6.120  -6.163  7.325   1.00 26.60 ? 60  LEU B CG  1 
ATOM   429  C CD1 . LEU A 1 57  ? -5.047  -5.516  8.198   1.00 23.63 ? 60  LEU B CD1 1 
ATOM   430  C CD2 . LEU A 1 57  ? -7.276  -6.642  8.174   1.00 29.54 ? 60  LEU B CD2 1 
ATOM   431  N N   . PRO A 1 58  ? -9.117  -3.537  4.833   1.00 27.80 ? 61  PRO B N   1 
ATOM   432  C CA  . PRO A 1 58  ? -9.378  -2.287  4.108   1.00 22.35 ? 61  PRO B CA  1 
ATOM   433  C C   . PRO A 1 58  ? -8.338  -1.236  4.448   1.00 22.81 ? 61  PRO B C   1 
ATOM   434  O O   . PRO A 1 58  ? -7.835  -1.168  5.573   1.00 18.93 ? 61  PRO B O   1 
ATOM   435  C CB  . PRO A 1 58  ? -10.766 -1.856  4.611   1.00 27.41 ? 61  PRO B CB  1 
ATOM   436  C CG  . PRO A 1 58  ? -11.314 -3.036  5.405   1.00 20.63 ? 61  PRO B CG  1 
ATOM   437  C CD  . PRO A 1 58  ? -10.112 -3.786  5.891   1.00 25.65 ? 61  PRO B CD  1 
ATOM   438  N N   . VAL A 1 59  ? -8.020  -0.404  3.461   1.00 15.87 ? 62  VAL B N   1 
ATOM   439  C CA  . VAL A 1 59  ? -7.205  0.777   3.708   1.00 22.51 ? 62  VAL B CA  1 
ATOM   440  C C   . VAL A 1 59  ? -8.116  1.988   3.649   1.00 24.65 ? 62  VAL B C   1 
ATOM   441  O O   . VAL A 1 59  ? -9.175  1.986   3.009   1.00 20.74 ? 62  VAL B O   1 
ATOM   442  C CB  . VAL A 1 59  ? -6.027  0.962   2.722   1.00 21.37 ? 62  VAL B CB  1 
ATOM   443  C CG1 . VAL A 1 59  ? -5.194  -0.316  2.611   1.00 21.27 ? 62  VAL B CG1 1 
ATOM   444  C CG2 . VAL A 1 59  ? -6.543  1.391   1.356   1.00 19.82 ? 62  VAL B CG2 1 
ATOM   445  N N   . GLU A 1 60  ? -7.689  3.036   4.333   1.00 19.14 ? 63  GLU B N   1 
ATOM   446  C CA  . GLU A 1 60  ? -8.278  4.350   4.178   1.00 29.95 ? 63  GLU B CA  1 
ATOM   447  C C   . GLU A 1 60  ? -7.137  5.326   3.952   1.00 27.23 ? 63  GLU B C   1 
ATOM   448  O O   . GLU A 1 60  ? -5.983  5.047   4.283   1.00 21.90 ? 63  GLU B O   1 
ATOM   449  C CB  . GLU A 1 60  ? -9.122  4.755   5.397   1.00 27.11 ? 63  GLU B CB  1 
ATOM   450  C CG  . GLU A 1 60  ? -8.338  4.856   6.683   1.00 39.73 ? 63  GLU B CG  1 
ATOM   451  C CD  . GLU A 1 60  ? -9.240  4.921   7.904   1.00 42.72 ? 63  GLU B CD  1 
ATOM   452  O OE1 . GLU A 1 60  ? -10.435 5.252   7.745   1.00 37.87 ? 63  GLU B OE1 1 
ATOM   453  O OE2 . GLU A 1 60  ? -8.749  4.635   9.018   1.00 43.65 ? 63  GLU B OE2 1 
ATOM   454  N N   . PHE A 1 61  ? -7.466  6.472   3.376   1.00 26.41 ? 64  PHE B N   1 
ATOM   455  C CA  . PHE A 1 61  ? -6.469  7.432   2.928   1.00 29.04 ? 64  PHE B CA  1 
ATOM   456  C C   . PHE A 1 61  ? -6.508  8.658   3.825   1.00 32.37 ? 64  PHE B C   1 
ATOM   457  O O   . PHE A 1 61  ? -7.557  9.292   3.970   1.00 43.59 ? 64  PHE B O   1 
ATOM   458  C CB  . PHE A 1 61  ? -6.716  7.786   1.467   1.00 24.25 ? 64  PHE B CB  1 
ATOM   459  C CG  . PHE A 1 61  ? -6.653  6.598   0.578   1.00 23.07 ? 64  PHE B CG  1 
ATOM   460  C CD1 . PHE A 1 61  ? -5.445  5.944   0.370   1.00 23.01 ? 64  PHE B CD1 1 
ATOM   461  C CD2 . PHE A 1 61  ? -7.798  6.078   0.016   1.00 20.86 ? 64  PHE B CD2 1 
ATOM   462  C CE1 . PHE A 1 61  ? -5.385  4.815   -0.423  1.00 27.34 ? 64  PHE B CE1 1 
ATOM   463  C CE2 . PHE A 1 61  ? -7.743  4.949   -0.778  1.00 22.99 ? 64  PHE B CE2 1 
ATOM   464  C CZ  . PHE A 1 61  ? -6.538  4.321   -1.001  1.00 24.60 ? 64  PHE B CZ  1 
ATOM   465  N N   . ASN A 1 62  ? -5.370  8.966   4.438   1.00 31.09 ? 65  ASN B N   1 
ATOM   466  C CA  . ASN A 1 62  ? -5.194  10.169  5.234   1.00 27.39 ? 65  ASN B CA  1 
ATOM   467  C C   . ASN A 1 62  ? -4.699  11.292  4.337   1.00 28.63 ? 65  ASN B C   1 
ATOM   468  O O   . ASN A 1 62  ? -3.698  11.134  3.629   1.00 33.03 ? 65  ASN B O   1 
ATOM   469  C CB  . ASN A 1 62  ? -4.196  9.928   6.364   1.00 39.28 ? 65  ASN B CB  1 
ATOM   470  C CG  . ASN A 1 62  ? -4.866  9.610   7.671   1.00 57.20 ? 65  ASN B CG  1 
ATOM   471  O OD1 . ASN A 1 62  ? -5.504  8.564   7.818   1.00 67.91 ? 65  ASN B OD1 1 
ATOM   472  N ND2 . ASN A 1 62  ? -4.736  10.517  8.637   1.00 50.97 ? 65  ASN B ND2 1 
ATOM   473  N N   . ILE A 1 63  ? -5.406  12.416  4.359   1.00 27.71 ? 66  ILE B N   1 
ATOM   474  C CA  . ILE A 1 63  ? -5.094  13.570  3.526   1.00 29.88 ? 66  ILE B CA  1 
ATOM   475  C C   . ILE A 1 63  ? -5.065  14.809  4.408   1.00 28.59 ? 66  ILE B C   1 
ATOM   476  O O   . ILE A 1 63  ? -5.763  14.880  5.426   1.00 24.35 ? 66  ILE B O   1 
ATOM   477  C CB  . ILE A 1 63  ? -6.122  13.743  2.390   1.00 22.51 ? 66  ILE B CB  1 
ATOM   478  C CG1 . ILE A 1 63  ? -6.471  12.388  1.766   1.00 31.32 ? 66  ILE B CG1 1 
ATOM   479  C CG2 . ILE A 1 63  ? -5.621  14.726  1.343   1.00 21.16 ? 66  ILE B CG2 1 
ATOM   480  C CD1 . ILE A 1 63  ? -7.798  12.384  1.031   1.00 29.01 ? 66  ILE B CD1 1 
ATOM   481  N N   . ARG A 1 64  ? -4.252  15.792  4.008   1.00 29.13 ? 67  ARG B N   1 
ATOM   482  C CA  . ARG A 1 64  ? -4.267  17.099  4.659   1.00 35.74 ? 67  ARG B CA  1 
ATOM   483  C C   . ARG A 1 64  ? -5.694  17.619  4.790   1.00 27.28 ? 67  ARG B C   1 
ATOM   484  O O   . ARG A 1 64  ? -6.533  17.397  3.913   1.00 26.45 ? 67  ARG B O   1 
ATOM   485  C CB  . ARG A 1 64  ? -3.421  18.092  3.863   1.00 34.77 ? 67  ARG B CB  1 
ATOM   486  C CG  . ARG A 1 64  ? -1.984  17.647  3.695   1.00 64.02 ? 67  ARG B CG  1 
ATOM   487  C CD  . ARG A 1 64  ? -1.014  18.824  3.637   1.00 73.43 ? 67  ARG B CD  1 
ATOM   488  N NE  . ARG A 1 64  ? -0.787  19.329  2.281   1.00 88.16 ? 67  ARG B NE  1 
ATOM   489  C CZ  . ARG A 1 64  ? -0.312  18.611  1.262   1.00 81.85 ? 67  ARG B CZ  1 
ATOM   490  N NH1 . ARG A 1 64  ? -0.005  17.327  1.415   1.00 58.07 ? 67  ARG B NH1 1 
ATOM   491  N NH2 . ARG A 1 64  ? -0.142  19.184  0.074   1.00 75.71 ? 67  ARG B NH2 1 
ATOM   492  N N   . GLY A 1 65  ? -5.977  18.285  5.913   1.00 24.05 ? 68  GLY B N   1 
ATOM   493  C CA  . GLY A 1 65  ? -7.302  18.818  6.163   1.00 21.20 ? 68  GLY B CA  1 
ATOM   494  C C   . GLY A 1 65  ? -8.268  17.758  6.653   1.00 24.38 ? 68  GLY B C   1 
ATOM   495  O O   . GLY A 1 65  ? -7.894  16.618  6.942   1.00 25.53 ? 68  GLY B O   1 
ATOM   496  N N   . ILE A 1 66  ? -9.544  18.143  6.735   1.00 23.60 ? 69  ILE B N   1 
ATOM   497  C CA  . ILE A 1 66  ? -10.575 17.252  7.263   1.00 27.46 ? 69  ILE B CA  1 
ATOM   498  C C   . ILE A 1 66  ? -11.820 17.232  6.380   1.00 29.66 ? 69  ILE B C   1 
ATOM   499  O O   . ILE A 1 66  ? -12.692 16.378  6.560   1.00 19.26 ? 69  ILE B O   1 
ATOM   500  C CB  . ILE A 1 66  ? -10.980 17.645  8.698   1.00 25.89 ? 69  ILE B CB  1 
ATOM   501  C CG1 . ILE A 1 66  ? -11.546 19.072  8.730   1.00 22.90 ? 69  ILE B CG1 1 
ATOM   502  C CG2 . ILE A 1 66  ? -9.817  17.489  9.660   1.00 27.80 ? 69  ILE B CG2 1 
ATOM   503  C CD1 . ILE A 1 66  ? -12.374 19.372  9.979   1.00 28.20 ? 69  ILE B CD1 1 
ATOM   504  N N   . LEU A 1 67  ? -11.944 18.180  5.451   1.00 23.71 ? 70  LEU B N   1 
ATOM   505  C CA  . LEU A 1 67  ? -13.197 18.295  4.707   1.00 27.15 ? 70  LEU B CA  1 
ATOM   506  C C   . LEU A 1 67  ? -13.397 17.067  3.820   1.00 19.34 ? 70  LEU B C   1 
ATOM   507  O O   . LEU A 1 67  ? -12.430 16.552  3.250   1.00 27.25 ? 70  LEU B O   1 
ATOM   508  C CB  . LEU A 1 67  ? -13.213 19.556  3.843   1.00 21.24 ? 70  LEU B CB  1 
ATOM   509  C CG  . LEU A 1 67  ? -13.226 20.864  4.629   1.00 25.60 ? 70  LEU B CG  1 
ATOM   510  C CD1 . LEU A 1 67  ? -13.121 22.037  3.674   1.00 18.17 ? 70  LEU B CD1 1 
ATOM   511  C CD2 . LEU A 1 67  ? -14.492 20.944  5.513   1.00 18.82 ? 70  LEU B CD2 1 
ATOM   512  N N   . PRO A 1 68  ? -14.633 16.590  3.681   1.00 25.72 ? 71  PRO B N   1 
ATOM   513  C CA  . PRO A 1 68  ? -14.895 15.517  2.712   1.00 20.55 ? 71  PRO B CA  1 
ATOM   514  C C   . PRO A 1 68  ? -14.388 15.929  1.340   1.00 27.03 ? 71  PRO B C   1 
ATOM   515  O O   . PRO A 1 68  ? -14.458 17.102  0.955   1.00 21.36 ? 71  PRO B O   1 
ATOM   516  C CB  . PRO A 1 68  ? -16.422 15.375  2.739   1.00 23.16 ? 71  PRO B CB  1 
ATOM   517  C CG  . PRO A 1 68  ? -16.871 16.095  3.992   1.00 17.66 ? 71  PRO B CG  1 
ATOM   518  C CD  . PRO A 1 68  ? -15.869 17.154  4.252   1.00 17.14 ? 71  PRO B CD  1 
ATOM   519  N N   . ARG A 1 69  ? -13.837 14.966  0.602   1.00 23.52 ? 72  ARG B N   1 
ATOM   520  C CA  . ARG A 1 69  ? -13.241 15.322  -0.678  1.00 23.81 ? 72  ARG B CA  1 
ATOM   521  C C   . ARG A 1 69  ? -13.090 14.090  -1.556  1.00 26.62 ? 72  ARG B C   1 
ATOM   522  O O   . ARG A 1 69  ? -13.070 12.955  -1.077  1.00 24.00 ? 72  ARG B O   1 
ATOM   523  C CB  . ARG A 1 69  ? -11.879 16.003  -0.491  1.00 22.39 ? 72  ARG B CB  1 
ATOM   524  C CG  . ARG A 1 69  ? -10.848 15.177  0.271   1.00 24.93 ? 72  ARG B CG  1 
ATOM   525  C CD  . ARG A 1 69  ? -9.476  15.253  -0.402  1.00 27.01 ? 72  ARG B CD  1 
ATOM   526  N NE  . ARG A 1 69  ? -8.958  16.610  -0.458  1.00 41.47 ? 72  ARG B NE  1 
ATOM   527  C CZ  . ARG A 1 69  ? -8.782  17.303  -1.579  1.00 38.54 ? 72  ARG B CZ  1 
ATOM   528  N NH1 . ARG A 1 69  ? -9.079  16.768  -2.769  1.00 33.16 ? 72  ARG B NH1 1 
ATOM   529  N NH2 . ARG A 1 69  ? -8.310  18.535  -1.504  1.00 43.02 ? 72  ARG B NH2 1 
ATOM   530  N N   . THR A 1 70  ? -13.002 14.341  -2.856  1.00 26.60 ? 73  THR B N   1 
ATOM   531  C CA  . THR A 1 70  ? -12.610 13.328  -3.821  1.00 23.38 ? 73  THR B CA  1 
ATOM   532  C C   . THR A 1 70  ? -11.093 13.168  -3.798  1.00 24.63 ? 73  THR B C   1 
ATOM   533  O O   . THR A 1 70  ? -10.348 14.117  -3.532  1.00 23.24 ? 73  THR B O   1 
ATOM   534  C CB  . THR A 1 70  ? -13.089 13.722  -5.224  1.00 28.53 ? 73  THR B CB  1 
ATOM   535  O OG1 . THR A 1 70  ? -14.520 13.835  -5.229  1.00 24.22 ? 73  THR B OG1 1 
ATOM   536  C CG2 . THR A 1 70  ? -12.675 12.680  -6.267  1.00 27.11 ? 73  THR B CG2 1 
ATOM   537  N N   . ILE A 1 71  ? -10.632 11.953  -4.057  1.00 21.23 ? 74  ILE B N   1 
ATOM   538  C CA  . ILE A 1 71  ? -9.208  11.675  -4.154  1.00 26.87 ? 74  ILE B CA  1 
ATOM   539  C C   . ILE A 1 71  ? -8.828  11.619  -5.625  1.00 23.51 ? 74  ILE B C   1 
ATOM   540  O O   . ILE A 1 71  ? -9.463  10.907  -6.415  1.00 23.32 ? 74  ILE B O   1 
ATOM   541  C CB  . ILE A 1 71  ? -8.847  10.374  -3.421  1.00 29.28 ? 74  ILE B CB  1 
ATOM   542  C CG1 . ILE A 1 71  ? -9.106  10.549  -1.919  1.00 23.77 ? 74  ILE B CG1 1 
ATOM   543  C CG2 . ILE A 1 71  ? -7.395  10.019  -3.673  1.00 22.40 ? 74  ILE B CG2 1 
ATOM   544  C CD1 . ILE A 1 71  ? -8.958  9.279   -1.103  1.00 23.04 ? 74  ILE B CD1 1 
ATOM   545  N N   . PHE A 1 72  ? -7.805  12.381  -5.997  1.00 21.21 ? 75  PHE B N   1 
ATOM   546  C CA  . PHE A 1 72  ? -7.324  12.467  -7.367  1.00 25.23 ? 75  PHE B CA  1 
ATOM   547  C C   . PHE A 1 72  ? -5.935  11.849  -7.476  1.00 25.51 ? 75  PHE B C   1 
ATOM   548  O O   . PHE A 1 72  ? -5.269  11.557  -6.478  1.00 23.26 ? 75  PHE B O   1 
ATOM   549  C CB  . PHE A 1 72  ? -7.286  13.928  -7.838  1.00 31.97 ? 75  PHE B CB  1 
ATOM   550  C CG  . PHE A 1 72  ? -8.638  14.573  -7.911  1.00 27.01 ? 75  PHE B CG  1 
ATOM   551  C CD1 . PHE A 1 72  ? -9.213  15.146  -6.783  1.00 22.81 ? 75  PHE B CD1 1 
ATOM   552  C CD2 . PHE A 1 72  ? -9.342  14.594  -9.105  1.00 27.32 ? 75  PHE B CD2 1 
ATOM   553  C CE1 . PHE A 1 72  ? -10.472 15.731  -6.846  1.00 28.74 ? 75  PHE B CE1 1 
ATOM   554  C CE2 . PHE A 1 72  ? -10.602 15.175  -9.181  1.00 31.60 ? 75  PHE B CE2 1 
ATOM   555  C CZ  . PHE A 1 72  ? -11.167 15.748  -8.051  1.00 27.32 ? 75  PHE B CZ  1 
ATOM   556  N N   . THR A 1 73  ? -5.492  11.664  -8.718  1.00 18.89 ? 76  THR B N   1 
ATOM   557  C CA  . THR A 1 73  ? -4.156  11.130  -8.933  1.00 17.24 ? 76  THR B CA  1 
ATOM   558  C C   . THR A 1 73  ? -3.058  12.111  -8.543  1.00 22.83 ? 76  THR B C   1 
ATOM   559  O O   . THR A 1 73  ? -1.886  11.722  -8.516  1.00 26.15 ? 76  THR B O   1 
ATOM   560  C CB  . THR A 1 73  ? -3.981  10.692  -10.391 1.00 28.66 ? 76  THR B CB  1 
ATOM   561  O OG1 . THR A 1 73  ? -4.242  11.795  -11.271 1.00 28.76 ? 76  THR B OG1 1 
ATOM   562  C CG2 . THR A 1 73  ? -4.938  9.537   -10.719 1.00 21.76 ? 76  THR B CG2 1 
ATOM   563  N N   . ASP A 1 74  ? -3.388  13.361  -8.222  1.00 26.84 ? 77  ASP B N   1 
ATOM   564  C CA  . ASP A 1 74  ? -2.394  14.284  -7.682  1.00 26.52 ? 77  ASP B CA  1 
ATOM   565  C C   . ASP A 1 74  ? -2.654  14.640  -6.223  1.00 29.29 ? 77  ASP B C   1 
ATOM   566  O O   . ASP A 1 74  ? -2.074  15.606  -5.719  1.00 29.53 ? 77  ASP B O   1 
ATOM   567  C CB  . ASP A 1 74  ? -2.296  15.554  -8.543  1.00 29.22 ? 77  ASP B CB  1 
ATOM   568  C CG  . ASP A 1 74  ? -3.543  16.430  -8.470  1.00 34.41 ? 77  ASP B CG  1 
ATOM   569  O OD1 . ASP A 1 74  ? -4.584  15.983  -7.947  1.00 31.01 ? 77  ASP B OD1 1 
ATOM   570  O OD2 . ASP A 1 74  ? -3.475  17.581  -8.952  1.00 45.73 ? 77  ASP B OD2 1 
ATOM   571  N N   . THR A 1 75  ? -3.506  13.881  -5.531  1.00 29.44 ? 78  THR B N   1 
ATOM   572  C CA  . THR A 1 75  ? -3.740  14.073  -4.098  1.00 24.90 ? 78  THR B CA  1 
ATOM   573  C C   . THR A 1 75  ? -2.624  13.393  -3.315  1.00 31.88 ? 78  THR B C   1 
ATOM   574  O O   . THR A 1 75  ? -2.527  12.159  -3.314  1.00 30.49 ? 78  THR B O   1 
ATOM   575  C CB  . THR A 1 75  ? -5.089  13.487  -3.689  1.00 28.80 ? 78  THR B CB  1 
ATOM   576  O OG1 . THR A 1 75  ? -6.120  13.983  -4.553  1.00 24.36 ? 78  THR B OG1 1 
ATOM   577  C CG2 . THR A 1 75  ? -5.414  13.841  -2.235  1.00 22.72 ? 78  THR B CG2 1 
ATOM   578  N N   . GLU A 1 76  ? -1.786  14.185  -2.646  1.00 28.33 ? 79  GLU B N   1 
ATOM   579  C CA  . GLU A 1 76  ? -0.787  13.626  -1.743  1.00 29.01 ? 79  GLU B CA  1 
ATOM   580  C C   . GLU A 1 76  ? -1.485  12.996  -0.547  1.00 28.67 ? 79  GLU B C   1 
ATOM   581  O O   . GLU A 1 76  ? -2.414  13.578  0.017   1.00 28.14 ? 79  GLU B O   1 
ATOM   582  C CB  . GLU A 1 76  ? 0.188   14.709  -1.278  1.00 32.61 ? 79  GLU B CB  1 
ATOM   583  C CG  . GLU A 1 76  ? 1.273   14.212  -0.328  1.00 27.87 ? 79  GLU B CG  1 
ATOM   584  C CD  . GLU A 1 76  ? 2.326   15.269  -0.037  1.00 40.40 ? 79  GLU B CD  1 
ATOM   585  O OE1 . GLU A 1 76  ? 2.070   16.457  -0.316  1.00 48.20 ? 79  GLU B OE1 1 
ATOM   586  O OE2 . GLU A 1 76  ? 3.414   14.914  0.466   1.00 37.56 ? 79  GLU B OE2 1 
ATOM   587  N N   . LEU A 1 77  ? -1.061  11.795  -0.161  1.00 27.46 ? 80  LEU B N   1 
ATOM   588  C CA  . LEU A 1 77  ? -1.796  11.109  0.887   1.00 25.30 ? 80  LEU B CA  1 
ATOM   589  C C   . LEU A 1 77  ? -0.891  10.169  1.668   1.00 25.47 ? 80  LEU B C   1 
ATOM   590  O O   . LEU A 1 77  ? 0.228   9.846   1.261   1.00 26.28 ? 80  LEU B O   1 
ATOM   591  C CB  . LEU A 1 77  ? -2.999  10.357  0.304   1.00 35.22 ? 80  LEU B CB  1 
ATOM   592  C CG  . LEU A 1 77  ? -2.842  9.597   -1.011  1.00 33.17 ? 80  LEU B CG  1 
ATOM   593  C CD1 . LEU A 1 77  ? -2.103  8.300   -0.795  1.00 36.20 ? 80  LEU B CD1 1 
ATOM   594  C CD2 . LEU A 1 77  ? -4.200  9.324   -1.630  1.00 29.29 ? 80  LEU B CD2 1 
ATOM   595  N N   . ASN A 1 78  ? -1.401  9.745   2.816   1.00 22.10 ? 81  ASN B N   1 
ATOM   596  C CA  . ASN A 1 78  ? -0.857  8.631   3.564   1.00 21.22 ? 81  ASN B CA  1 
ATOM   597  C C   . ASN A 1 78  ? -1.881  7.506   3.587   1.00 27.98 ? 81  ASN B C   1 
ATOM   598  O O   . ASN A 1 78  ? -3.092  7.747   3.537   1.00 27.00 ? 81  ASN B O   1 
ATOM   599  C CB  . ASN A 1 78  ? -0.480  9.049   4.986   1.00 22.23 ? 81  ASN B CB  1 
ATOM   600  C CG  . ASN A 1 78  ? 0.865   9.752   5.033   1.00 42.83 ? 81  ASN B CG  1 
ATOM   601  O OD1 . ASN A 1 78  ? 0.937   10.979  5.125   1.00 37.29 ? 81  ASN B OD1 1 
ATOM   602  N ND2 . ASN A 1 78  ? 1.940   8.975   4.934   1.00 30.21 ? 81  ASN B ND2 1 
ATOM   603  N N   . ILE A 1 79  ? -1.383  6.277   3.634   1.00 21.86 ? 82  ILE B N   1 
ATOM   604  C CA  . ILE A 1 79  ? -2.207  5.077   3.545   1.00 13.87 ? 82  ILE B CA  1 
ATOM   605  C C   . ILE A 1 79  ? -2.192  4.381   4.898   1.00 21.36 ? 82  ILE B C   1 
ATOM   606  O O   . ILE A 1 79  ? -1.142  4.262   5.539   1.00 20.11 ? 82  ILE B O   1 
ATOM   607  C CB  . ILE A 1 79  ? -1.693  4.142   2.433   1.00 22.80 ? 82  ILE B CB  1 
ATOM   608  C CG1 . ILE A 1 79  ? -1.685  4.878   1.081   1.00 17.03 ? 82  ILE B CG1 1 
ATOM   609  C CG2 . ILE A 1 79  ? -2.520  2.849   2.386   1.00 14.83 ? 82  ILE B CG2 1 
ATOM   610  C CD1 . ILE A 1 79  ? -0.982  4.117   -0.030  1.00 18.45 ? 82  ILE B CD1 1 
ATOM   611  N N   . GLU A 1 80  ? -3.362  3.930   5.339   1.00 20.43 ? 83  GLU B N   1 
ATOM   612  C CA  . GLU A 1 80  ? -3.496  3.299   6.638   1.00 22.23 ? 83  GLU B CA  1 
ATOM   613  C C   . GLU A 1 80  ? -4.475  2.151   6.521   1.00 20.29 ? 83  GLU B C   1 
ATOM   614  O O   . GLU A 1 80  ? -5.549  2.313   5.940   1.00 22.23 ? 83  GLU B O   1 
ATOM   615  C CB  . GLU A 1 80  ? -3.999  4.289   7.705   1.00 16.42 ? 83  GLU B CB  1 
ATOM   616  C CG  . GLU A 1 80  ? -3.182  5.573   7.812   1.00 26.92 ? 83  GLU B CG  1 
ATOM   617  C CD  . GLU A 1 80  ? -3.532  6.395   9.049   1.00 42.28 ? 83  GLU B CD  1 
ATOM   618  O OE1 . GLU A 1 80  ? -4.617  6.178   9.648   1.00 39.82 ? 83  GLU B OE1 1 
ATOM   619  O OE2 . GLU A 1 80  ? -2.714  7.260   9.419   1.00 34.67 ? 83  GLU B OE2 1 
ATOM   620  N N   . PHE A 1 81  ? -4.116  1.002   7.084   1.00 17.34 ? 84  PHE B N   1 
ATOM   621  C CA  . PHE A 1 81  ? -5.122  -0.021  7.317   1.00 21.96 ? 84  PHE B CA  1 
ATOM   622  C C   . PHE A 1 81  ? -6.122  0.489   8.351   1.00 22.30 ? 84  PHE B C   1 
ATOM   623  O O   . PHE A 1 81  ? -5.753  1.222   9.272   1.00 18.60 ? 84  PHE B O   1 
ATOM   624  C CB  . PHE A 1 81  ? -4.466  -1.316  7.797   1.00 23.42 ? 84  PHE B CB  1 
ATOM   625  C CG  . PHE A 1 81  ? -3.801  -2.115  6.695   1.00 22.35 ? 84  PHE B CG  1 
ATOM   626  C CD1 . PHE A 1 81  ? -4.475  -2.398  5.517   1.00 19.82 ? 84  PHE B CD1 1 
ATOM   627  C CD2 . PHE A 1 81  ? -2.507  -2.598  6.853   1.00 19.87 ? 84  PHE B CD2 1 
ATOM   628  C CE1 . PHE A 1 81  ? -3.868  -3.140  4.512   1.00 20.41 ? 84  PHE B CE1 1 
ATOM   629  C CE2 . PHE A 1 81  ? -1.897  -3.344  5.860   1.00 17.44 ? 84  PHE B CE2 1 
ATOM   630  C CZ  . PHE A 1 81  ? -2.575  -3.615  4.687   1.00 20.89 ? 84  PHE B CZ  1 
ATOM   631  N N   . THR A 1 82  ? -7.404  0.127   8.176   1.00 23.40 ? 85  THR B N   1 
ATOM   632  C CA  . THR A 1 82  ? -8.447  0.446   9.151   1.00 28.04 ? 85  THR B CA  1 
ATOM   633  C C   . THR A 1 82  ? -8.336  -0.390  10.413  1.00 28.55 ? 85  THR B C   1 
ATOM   634  O O   . THR A 1 82  ? -9.133  -0.197  11.337  1.00 28.49 ? 85  THR B O   1 
ATOM   635  C CB  . THR A 1 82  ? -9.847  0.230   8.562   1.00 28.21 ? 85  THR B CB  1 
ATOM   636  O OG1 . THR A 1 82  ? -9.959  -1.118  8.095   1.00 27.08 ? 85  THR B OG1 1 
ATOM   637  C CG2 . THR A 1 82  ? -10.136 1.199   7.407   1.00 22.06 ? 85  THR B CG2 1 
ATOM   638  N N   . GLU A 1 83  ? -7.403  -1.334  10.454  1.00 22.81 ? 86  GLU B N   1 
ATOM   639  C CA  . GLU A 1 83  ? -7.170  -2.176  11.614  1.00 28.81 ? 86  GLU B CA  1 
ATOM   640  C C   . GLU A 1 83  ? -5.693  -2.119  11.965  1.00 25.71 ? 86  GLU B C   1 
ATOM   641  O O   . GLU A 1 83  ? -4.845  -1.828  11.120  1.00 23.97 ? 86  GLU B O   1 
ATOM   642  C CB  . GLU A 1 83  ? -7.588  -3.627  11.351  1.00 25.63 ? 86  GLU B CB  1 
ATOM   643  C CG  . GLU A 1 83  ? -8.988  -3.780  10.781  1.00 32.87 ? 86  GLU B CG  1 
ATOM   644  C CD  . GLU A 1 83  ? -10.004 -4.165  11.843  1.00 45.67 ? 86  GLU B CD  1 
ATOM   645  O OE1 . GLU A 1 83  ? -9.753  -3.884  13.036  1.00 34.27 ? 86  GLU B OE1 1 
ATOM   646  O OE2 . GLU A 1 83  ? -11.046 -4.761  11.483  1.00 45.01 ? 86  GLU B OE2 1 
ATOM   647  N N   . LYS A 1 84  ? -5.390  -2.409  13.229  1.00 23.89 ? 87  LYS B N   1 
ATOM   648  C CA  . LYS A 1 84  ? -4.033  -2.339  13.721  1.00 29.21 ? 87  LYS B CA  1 
ATOM   649  C C   . LYS A 1 84  ? -3.840  -3.460  14.733  1.00 27.62 ? 87  LYS B C   1 
ATOM   650  O O   . LYS A 1 84  ? -4.668  -3.613  15.645  1.00 23.72 ? 87  LYS B O   1 
ATOM   651  C CB  . LYS A 1 84  ? -3.763  -0.978  14.366  1.00 27.01 ? 87  LYS B CB  1 
ATOM   652  C CG  . LYS A 1 84  ? -2.420  -0.863  15.060  1.00 32.87 ? 87  LYS B CG  1 
ATOM   653  C CD  . LYS A 1 84  ? -2.309  0.458   15.813  1.00 25.69 ? 87  LYS B CD  1 
ATOM   654  C CE  . LYS A 1 84  ? -2.929  0.368   17.194  1.00 31.55 ? 87  LYS B CE  1 
ATOM   655  N NZ  . LYS A 1 84  ? -1.889  0.467   18.253  1.00 34.72 ? 87  LYS B NZ  1 
ATOM   656  N N   . PRO A 1 85  ? -2.791  -4.269  14.601  1.00 25.01 ? 88  PRO B N   1 
ATOM   657  C CA  . PRO A 1 85  ? -2.478  -5.225  15.666  1.00 22.46 ? 88  PRO B CA  1 
ATOM   658  C C   . PRO A 1 85  ? -1.997  -4.462  16.884  1.00 25.98 ? 88  PRO B C   1 
ATOM   659  O O   . PRO A 1 85  ? -1.245  -3.489  16.771  1.00 21.93 ? 88  PRO B O   1 
ATOM   660  C CB  . PRO A 1 85  ? -1.370  -6.096  15.060  1.00 22.00 ? 88  PRO B CB  1 
ATOM   661  C CG  . PRO A 1 85  ? -0.744  -5.232  14.005  1.00 21.75 ? 88  PRO B CG  1 
ATOM   662  C CD  . PRO A 1 85  ? -1.828  -4.331  13.488  1.00 24.57 ? 88  PRO B CD  1 
ATOM   663  N N   . ASN A 1 86  ? -2.455  -4.890  18.061  1.00 20.83 ? 89  ASN B N   1 
ATOM   664  C CA  . ASN A 1 86  ? -2.123  -4.100  19.241  1.00 23.01 ? 89  ASN B CA  1 
ATOM   665  C C   . ASN A 1 86  ? -0.638  -4.139  19.576  1.00 23.93 ? 89  ASN B C   1 
ATOM   666  O O   . ASN A 1 86  ? -0.189  -3.339  20.398  1.00 26.93 ? 89  ASN B O   1 
ATOM   667  C CB  . ASN A 1 86  ? -2.962  -4.544  20.455  1.00 20.16 ? 89  ASN B CB  1 
ATOM   668  C CG  . ASN A 1 86  ? -2.814  -6.036  20.788  1.00 27.09 ? 89  ASN B CG  1 
ATOM   669  O OD1 . ASN A 1 86  ? -1.710  -6.577  20.822  1.00 27.51 ? 89  ASN B OD1 1 
ATOM   670  N ND2 . ASN A 1 86  ? -3.938  -6.690  21.076  1.00 23.97 ? 89  ASN B ND2 1 
ATOM   671  N N   . CYS A 1 87  ? 0.146   -5.015  18.959  1.00 22.30 ? 90  CYS B N   1 
ATOM   672  C CA  . CYS A 1 87  ? 1.582   -4.951  19.215  1.00 29.93 ? 90  CYS B CA  1 
ATOM   673  C C   . CYS A 1 87  ? 2.289   -3.900  18.358  1.00 27.16 ? 90  CYS B C   1 
ATOM   674  O O   . CYS A 1 87  ? 3.508   -3.733  18.486  1.00 24.25 ? 90  CYS B O   1 
ATOM   675  C CB  . CYS A 1 87  ? 2.236   -6.323  19.005  1.00 24.20 ? 90  CYS B CB  1 
ATOM   676  S SG  . CYS A 1 87  ? 1.773   -7.134  17.447  1.00 28.49 ? 90  CYS B SG  1 
ATOM   677  N N   . ALA A 1 88  ? 1.572   -3.195  17.481  1.00 23.76 ? 91  ALA B N   1 
ATOM   678  C CA  . ALA A 1 88  ? 2.140   -2.157  16.629  1.00 23.33 ? 91  ALA B CA  1 
ATOM   679  C C   . ALA A 1 88  ? 1.738   -0.779  17.136  1.00 26.37 ? 91  ALA B C   1 
ATOM   680  O O   . ALA A 1 88  ? 0.711   -0.616  17.805  1.00 28.24 ? 91  ALA B O   1 
ATOM   681  C CB  . ALA A 1 88  ? 1.684   -2.305  15.170  1.00 18.70 ? 91  ALA B CB  1 
ATOM   682  N N   . GLU A 1 89  ? 2.560   0.214   16.795  1.00 24.15 ? 92  GLU B N   1 
ATOM   683  C CA  . GLU A 1 89  ? 2.349   1.578   17.266  1.00 26.64 ? 92  GLU B CA  1 
ATOM   684  C C   . GLU A 1 89  ? 1.260   2.304   16.485  1.00 29.59 ? 92  GLU B C   1 
ATOM   685  O O   . GLU A 1 89  ? 0.581   3.171   17.045  1.00 26.71 ? 92  GLU B O   1 
ATOM   686  C CB  . GLU A 1 89  ? 3.661   2.364   17.176  1.00 28.32 ? 92  GLU B CB  1 
ATOM   687  C CG  . GLU A 1 89  ? 3.629   3.710   17.883  1.00 41.18 ? 92  GLU B CG  1 
ATOM   688  C CD  . GLU A 1 89  ? 3.536   3.564   19.388  1.00 50.00 ? 92  GLU B CD  1 
ATOM   689  O OE1 . GLU A 1 89  ? 3.958   2.502   19.916  1.00 39.20 ? 92  GLU B OE1 1 
ATOM   690  O OE2 . GLU A 1 89  ? 3.029   4.509   20.031  1.00 56.76 ? 92  GLU B OE2 1 
ATOM   691  N N   . ASN A 1 90  ? 1.096   1.985   15.202  1.00 27.21 ? 93  ASN B N   1 
ATOM   692  C CA  . ASN A 1 90  ? 0.088   2.604   14.348  1.00 22.94 ? 93  ASN B CA  1 
ATOM   693  C C   . ASN A 1 90  ? -0.145  1.681   13.159  1.00 25.92 ? 93  ASN B C   1 
ATOM   694  O O   . ASN A 1 90  ? 0.597   0.723   12.940  1.00 19.74 ? 93  ASN B O   1 
ATOM   695  C CB  . ASN A 1 90  ? 0.520   4.002   13.886  1.00 15.33 ? 93  ASN B CB  1 
ATOM   696  C CG  . ASN A 1 90  ? 1.767   3.966   13.021  1.00 25.08 ? 93  ASN B CG  1 
ATOM   697  O OD1 . ASN A 1 90  ? 1.764   3.409   11.921  1.00 20.16 ? 93  ASN B OD1 1 
ATOM   698  N ND2 . ASN A 1 90  ? 2.858   4.525   13.537  1.00 21.07 ? 93  ASN B ND2 1 
ATOM   699  N N   . SER A 1 91  ? -1.176  1.995   12.372  1.00 25.50 ? 94  SER B N   1 
ATOM   700  C CA  . SER A 1 91  ? -1.506  1.204   11.193  1.00 19.37 ? 94  SER B CA  1 
ATOM   701  C C   . SER A 1 91  ? -1.155  1.931   9.901   1.00 17.95 ? 94  SER B C   1 
ATOM   702  O O   . SER A 1 91  ? -1.658  1.567   8.832   1.00 20.40 ? 94  SER B O   1 
ATOM   703  C CB  . SER A 1 91  ? -2.989  0.824   11.201  1.00 24.15 ? 94  SER B CB  1 
ATOM   704  O OG  . SER A 1 91  ? -3.803  1.950   10.894  1.00 28.39 ? 94  SER B OG  1 
ATOM   705  N N   . ARG A 1 92  ? -0.293  2.941   9.971   1.00 15.96 ? 95  ARG B N   1 
ATOM   706  C CA  . ARG A 1 92  ? 0.041   3.735   8.800   1.00 21.08 ? 95  ARG B CA  1 
ATOM   707  C C   . ARG A 1 92  ? 1.189   3.093   8.030   1.00 22.60 ? 95  ARG B C   1 
ATOM   708  O O   . ARG A 1 92  ? 2.178   2.661   8.624   1.00 16.55 ? 95  ARG B O   1 
ATOM   709  C CB  . ARG A 1 92  ? 0.429   5.161   9.199   1.00 18.98 ? 95  ARG B CB  1 
ATOM   710  C CG  . ARG A 1 92  ? 1.137   5.911   8.057   1.00 20.74 ? 95  ARG B CG  1 
ATOM   711  C CD  . ARG A 1 92  ? 1.219   7.403   8.314   1.00 34.00 ? 95  ARG B CD  1 
ATOM   712  N NE  . ARG A 1 92  ? -0.082  7.986   8.619   1.00 32.78 ? 95  ARG B NE  1 
ATOM   713  C CZ  . ARG A 1 92  ? -0.295  9.295   8.716   1.00 46.29 ? 95  ARG B CZ  1 
ATOM   714  N NH1 . ARG A 1 92  ? 0.713   10.136  8.522   1.00 32.72 ? 95  ARG B NH1 1 
ATOM   715  N NH2 . ARG A 1 92  ? -1.504  9.765   9.005   1.00 37.60 ? 95  ARG B NH2 1 
ATOM   716  N N   . TRP A 1 93  ? 1.060   3.056   6.701   1.00 18.21 ? 96  TRP B N   1 
ATOM   717  C CA  . TRP A 1 93  ? 2.117   2.526   5.844   1.00 20.90 ? 96  TRP B CA  1 
ATOM   718  C C   . TRP A 1 93  ? 3.342   3.430   5.845   1.00 21.54 ? 96  TRP B C   1 
ATOM   719  O O   . TRP A 1 93  ? 3.230   4.645   5.647   1.00 19.84 ? 96  TRP B O   1 
ATOM   720  C CB  . TRP A 1 93  ? 1.626   2.392   4.406   1.00 21.74 ? 96  TRP B CB  1 
ATOM   721  C CG  . TRP A 1 93  ? 0.601   1.336   4.143   1.00 17.38 ? 96  TRP B CG  1 
ATOM   722  C CD1 . TRP A 1 93  ? -0.174  0.667   5.058   1.00 20.10 ? 96  TRP B CD1 1 
ATOM   723  C CD2 . TRP A 1 93  ? 0.227   0.839   2.861   1.00 15.64 ? 96  TRP B CD2 1 
ATOM   724  N NE1 . TRP A 1 93  ? -1.012  -0.222  4.408   1.00 19.81 ? 96  TRP B NE1 1 
ATOM   725  C CE2 . TRP A 1 93  ? -0.778  -0.130  3.057   1.00 19.76 ? 96  TRP B CE2 1 
ATOM   726  C CE3 . TRP A 1 93  ? 0.647   1.124   1.557   1.00 18.92 ? 96  TRP B CE3 1 
ATOM   727  C CZ2 . TRP A 1 93  ? -1.366  -0.808  2.000   1.00 20.38 ? 96  TRP B CZ2 1 
ATOM   728  C CZ3 . TRP A 1 93  ? 0.070   0.447   0.515   1.00 17.81 ? 96  TRP B CZ3 1 
ATOM   729  C CH2 . TRP A 1 93  ? -0.926  -0.505  0.736   1.00 17.50 ? 96  TRP B CH2 1 
ATOM   730  N N   . SER A 1 94  ? 4.516   2.828   6.020   1.00 19.28 ? 97  SER B N   1 
ATOM   731  C CA  . SER A 1 94  ? 5.792   3.493   5.788   1.00 17.70 ? 97  SER B CA  1 
ATOM   732  C C   . SER A 1 94  ? 6.697   2.504   5.068   1.00 22.73 ? 97  SER B C   1 
ATOM   733  O O   . SER A 1 94  ? 6.426   1.300   5.038   1.00 19.02 ? 97  SER B O   1 
ATOM   734  C CB  . SER A 1 94  ? 6.457   3.946   7.100   1.00 15.88 ? 97  SER B CB  1 
ATOM   735  O OG  . SER A 1 94  ? 5.803   5.083   7.648   1.00 23.69 ? 97  SER B OG  1 
ATOM   736  N N   . LEU A 1 95  ? 7.792   3.012   4.506   1.00 19.65 ? 98  LEU B N   1 
ATOM   737  C CA  . LEU A 1 95  ? 8.788   2.187   3.833   1.00 25.79 ? 98  LEU B CA  1 
ATOM   738  C C   . LEU A 1 95  ? 9.960   1.932   4.775   1.00 24.51 ? 98  LEU B C   1 
ATOM   739  O O   . LEU A 1 95  ? 10.426  2.848   5.461   1.00 22.44 ? 98  LEU B O   1 
ATOM   740  C CB  . LEU A 1 95  ? 9.278   2.854   2.543   1.00 24.96 ? 98  LEU B CB  1 
ATOM   741  C CG  . LEU A 1 95  ? 8.474   2.611   1.256   1.00 22.06 ? 98  LEU B CG  1 
ATOM   742  C CD1 . LEU A 1 95  ? 8.492   1.136   0.861   1.00 20.72 ? 98  LEU B CD1 1 
ATOM   743  C CD2 . LEU A 1 95  ? 7.044   3.090   1.407   1.00 19.56 ? 98  LEU B CD2 1 
ATOM   744  N N   . PHE A 1 96  ? 10.421  0.687   4.818   1.00 25.63 ? 99  PHE B N   1 
ATOM   745  C CA  . PHE A 1 96  ? 11.548  0.296   5.653   1.00 26.20 ? 99  PHE B CA  1 
ATOM   746  C C   . PHE A 1 96  ? 12.559  -0.444  4.794   1.00 27.93 ? 99  PHE B C   1 
ATOM   747  O O   . PHE A 1 96  ? 12.181  -1.234  3.923   1.00 24.37 ? 99  PHE B O   1 
ATOM   748  C CB  . PHE A 1 96  ? 11.091  -0.583  6.825   1.00 19.16 ? 99  PHE B CB  1 
ATOM   749  C CG  . PHE A 1 96  ? 10.101  0.092   7.727   1.00 27.54 ? 99  PHE B CG  1 
ATOM   750  C CD1 . PHE A 1 96  ? 8.741   0.078   7.425   1.00 18.94 ? 99  PHE B CD1 1 
ATOM   751  C CD2 . PHE A 1 96  ? 10.528  0.769   8.862   1.00 26.01 ? 99  PHE B CD2 1 
ATOM   752  C CE1 . PHE A 1 96  ? 7.824   0.711   8.249   1.00 24.93 ? 99  PHE B CE1 1 
ATOM   753  C CE2 . PHE A 1 96  ? 9.612   1.407   9.696   1.00 21.90 ? 99  PHE B CE2 1 
ATOM   754  C CZ  . PHE A 1 96  ? 8.262   1.381   9.390   1.00 21.30 ? 99  PHE B CZ  1 
ATOM   755  N N   . GLU A 1 97  ? 13.844  -0.175  5.025   1.00 29.68 ? 100 GLU B N   1 
ATOM   756  C CA  . GLU A 1 97  ? 14.909  -0.791  4.241   1.00 31.67 ? 100 GLU B CA  1 
ATOM   757  C C   . GLU A 1 97  ? 15.305  -2.113  4.875   1.00 29.00 ? 100 GLU B C   1 
ATOM   758  O O   . GLU A 1 97  ? 15.747  -2.150  6.030   1.00 28.71 ? 100 GLU B O   1 
ATOM   759  C CB  . GLU A 1 97  ? 16.118  0.135   4.109   1.00 30.01 ? 100 GLU B CB  1 
ATOM   760  C CG  . GLU A 1 97  ? 16.201  0.773   2.707   1.00 46.46 ? 100 GLU B CG  1 
ATOM   761  C CD  . GLU A 1 97  ? 16.981  2.077   2.680   1.00 64.41 ? 100 GLU B CD  1 
ATOM   762  O OE1 . GLU A 1 97  ? 17.762  2.322   3.626   1.00 57.08 ? 100 GLU B OE1 1 
ATOM   763  O OE2 . GLU A 1 97  ? 16.814  2.855   1.711   1.00 55.38 ? 100 GLU B OE2 1 
ATOM   764  N N   . ASP A 1 98  ? 15.126  -3.196  4.125   1.00 25.62 ? 101 ASP B N   1 
ATOM   765  C CA  . ASP A 1 98  ? 15.449  -4.545  4.570   1.00 23.88 ? 101 ASP B CA  1 
ATOM   766  C C   . ASP A 1 98  ? 16.810  -4.903  3.988   1.00 39.05 ? 101 ASP B C   1 
ATOM   767  O O   . ASP A 1 98  ? 16.944  -5.068  2.770   1.00 31.76 ? 101 ASP B O   1 
ATOM   768  C CB  . ASP A 1 98  ? 14.364  -5.523  4.115   1.00 27.34 ? 101 ASP B CB  1 
ATOM   769  C CG  . ASP A 1 98  ? 14.588  -6.937  4.623   1.00 28.71 ? 101 ASP B CG  1 
ATOM   770  O OD1 . ASP A 1 98  ? 15.738  -7.420  4.585   1.00 27.89 ? 101 ASP B OD1 1 
ATOM   771  O OD2 . ASP A 1 98  ? 13.606  -7.574  5.052   1.00 27.01 ? 101 ASP B OD2 1 
ATOM   772  N N   . ASP A 1 99  ? 17.815  -5.036  4.858   1.00 34.99 ? 102 ASP B N   1 
ATOM   773  C CA  . ASP A 1 99  ? 19.176  -5.295  4.403   1.00 40.73 ? 102 ASP B CA  1 
ATOM   774  C C   . ASP A 1 99  ? 19.403  -6.752  4.018   1.00 41.23 ? 102 ASP B C   1 
ATOM   775  O O   . ASP A 1 99  ? 20.394  -7.053  3.344   1.00 44.50 ? 102 ASP B O   1 
ATOM   776  C CB  . ASP A 1 99  ? 20.182  -4.881  5.484   1.00 33.77 ? 102 ASP B CB  1 
ATOM   777  C CG  . ASP A 1 99  ? 20.371  -3.376  5.558   1.00 45.79 ? 102 ASP B CG  1 
ATOM   778  O OD1 . ASP A 1 99  ? 20.109  -2.693  4.545   1.00 50.11 ? 102 ASP B OD1 1 
ATOM   779  O OD2 . ASP A 1 99  ? 20.785  -2.877  6.628   1.00 59.71 ? 102 ASP B OD2 1 
ATOM   780  N N   . LYS A 1 100 ? 18.519  -7.660  4.437   1.00 33.19 ? 104 LYS B N   1 
ATOM   781  C CA  . LYS A 1 100 ? 18.614  -9.051  4.011   1.00 37.24 ? 104 LYS B CA  1 
ATOM   782  C C   . LYS A 1 100 ? 18.390  -9.169  2.505   1.00 41.18 ? 104 LYS B C   1 
ATOM   783  O O   . LYS A 1 100 ? 19.252  -9.665  1.771   1.00 38.36 ? 104 LYS B O   1 
ATOM   784  C CB  . LYS A 1 100 ? 17.604  -9.902  4.793   1.00 34.19 ? 104 LYS B CB  1 
ATOM   785  C CG  . LYS A 1 100 ? 17.946  -11.381 4.916   1.00 51.37 ? 104 LYS B CG  1 
ATOM   786  C CD  . LYS A 1 100 ? 17.378  -12.207 3.749   1.00 58.62 ? 104 LYS B CD  1 
ATOM   787  C CE  . LYS A 1 100 ? 15.953  -12.703 4.035   1.00 59.97 ? 104 LYS B CE  1 
ATOM   788  N NZ  . LYS A 1 100 ? 15.595  -13.900 3.210   1.00 68.34 ? 104 LYS B NZ  1 
ATOM   789  N N   . ILE A 1 101 ? 17.242  -8.681  2.018   1.00 37.17 ? 105 ILE B N   1 
ATOM   790  C CA  . ILE A 1 101 ? 16.891  -8.762  0.599   1.00 26.46 ? 105 ILE B CA  1 
ATOM   791  C C   . ILE A 1 101 ? 17.188  -7.474  -0.160  1.00 28.58 ? 105 ILE B C   1 
ATOM   792  O O   . ILE A 1 101 ? 16.911  -7.401  -1.365  1.00 38.68 ? 105 ILE B O   1 
ATOM   793  C CB  . ILE A 1 101 ? 15.408  -9.145  0.413   1.00 30.28 ? 105 ILE B CB  1 
ATOM   794  C CG1 . ILE A 1 101 ? 14.494  -7.993  0.856   1.00 30.35 ? 105 ILE B CG1 1 
ATOM   795  C CG2 . ILE A 1 101 ? 15.089  -10.428 1.177   1.00 24.56 ? 105 ILE B CG2 1 
ATOM   796  C CD1 . ILE A 1 101 ? 13.014  -8.335  0.841   1.00 28.51 ? 105 ILE B CD1 1 
ATOM   797  N N   . HIS A 1 102 ? 17.729  -6.455  0.509   1.00 30.30 ? 106 HIS B N   1 
ATOM   798  C CA  . HIS A 1 102 ? 18.109  -5.183  -0.118  1.00 31.43 ? 106 HIS B CA  1 
ATOM   799  C C   . HIS A 1 102 ? 16.943  -4.540  -0.872  1.00 28.01 ? 106 HIS B C   1 
ATOM   800  O O   . HIS A 1 102 ? 17.076  -4.087  -2.011  1.00 32.39 ? 106 HIS B O   1 
ATOM   801  C CB  . HIS A 1 102 ? 19.324  -5.368  -1.025  1.00 32.24 ? 106 HIS B CB  1 
ATOM   802  C CG  . HIS A 1 102 ? 20.579  -5.671  -0.271  1.00 42.53 ? 106 HIS B CG  1 
ATOM   803  N ND1 . HIS A 1 102 ? 21.107  -6.941  -0.179  1.00 49.36 ? 106 HIS B ND1 1 
ATOM   804  C CD2 . HIS A 1 102 ? 21.387  -4.872  0.467   1.00 46.64 ? 106 HIS B CD2 1 
ATOM   805  C CE1 . HIS A 1 102 ? 22.198  -6.907  0.565   1.00 48.27 ? 106 HIS B CE1 1 
ATOM   806  N NE2 . HIS A 1 102 ? 22.390  -5.664  0.968   1.00 49.33 ? 106 HIS B NE2 1 
ATOM   807  N N   . LYS A 1 103 ? 15.785  -4.494  -0.212  1.00 26.40 ? 107 LYS B N   1 
ATOM   808  C CA  . LYS A 1 103 ? 14.613  -3.799  -0.724  1.00 27.07 ? 107 LYS B CA  1 
ATOM   809  C C   . LYS A 1 103 ? 14.054  -2.892  0.358   1.00 28.33 ? 107 LYS B C   1 
ATOM   810  O O   . LYS A 1 103 ? 14.149  -3.189  1.552   1.00 22.57 ? 107 LYS B O   1 
ATOM   811  C CB  . LYS A 1 103 ? 13.502  -4.769  -1.183  1.00 23.53 ? 107 LYS B CB  1 
ATOM   812  C CG  . LYS A 1 103 ? 13.928  -5.768  -2.253  1.00 20.83 ? 107 LYS B CG  1 
ATOM   813  C CD  . LYS A 1 103 ? 14.362  -5.044  -3.517  1.00 27.61 ? 107 LYS B CD  1 
ATOM   814  C CE  . LYS A 1 103 ? 14.760  -6.021  -4.616  1.00 23.55 ? 107 LYS B CE  1 
ATOM   815  N NZ  . LYS A 1 103 ? 15.124  -5.281  -5.857  1.00 34.00 ? 107 LYS B NZ  1 
ATOM   816  N N   . ALA A 1 104 ? 13.479  -1.777  -0.075  1.00 26.61 ? 108 ALA B N   1 
ATOM   817  C CA  . ALA A 1 104 ? 12.615  -0.969  0.771   1.00 29.97 ? 108 ALA B CA  1 
ATOM   818  C C   . ALA A 1 104 ? 11.192  -1.510  0.645   1.00 24.68 ? 108 ALA B C   1 
ATOM   819  O O   . ALA A 1 104 ? 10.604  -1.455  -0.438  1.00 27.04 ? 108 ALA B O   1 
ATOM   820  C CB  . ALA A 1 104 ? 12.680  0.505   0.366   1.00 20.54 ? 108 ALA B CB  1 
ATOM   821  N N   . TYR A 1 105 ? 10.642  -2.028  1.743   1.00 22.92 ? 109 TYR B N   1 
ATOM   822  C CA  . TYR A 1 105 ? 9.337   -2.674  1.735   1.00 22.10 ? 109 TYR B CA  1 
ATOM   823  C C   . TYR A 1 105 ? 8.347   -1.892  2.593   1.00 25.21 ? 109 TYR B C   1 
ATOM   824  O O   . TYR A 1 105 ? 8.732   -1.100  3.459   1.00 25.03 ? 109 TYR B O   1 
ATOM   825  C CB  . TYR A 1 105 ? 9.431   -4.125  2.233   1.00 18.67 ? 109 TYR B CB  1 
ATOM   826  C CG  . TYR A 1 105 ? 9.689   -4.228  3.714   1.00 24.04 ? 109 TYR B CG  1 
ATOM   827  C CD1 . TYR A 1 105 ? 10.962  -4.027  4.226   1.00 23.33 ? 109 TYR B CD1 1 
ATOM   828  C CD2 . TYR A 1 105 ? 8.651   -4.505  4.606   1.00 21.65 ? 109 TYR B CD2 1 
ATOM   829  C CE1 . TYR A 1 105 ? 11.209  -4.107  5.590   1.00 25.26 ? 109 TYR B CE1 1 
ATOM   830  C CE2 . TYR A 1 105 ? 8.885   -4.585  5.971   1.00 20.04 ? 109 TYR B CE2 1 
ATOM   831  C CZ  . TYR A 1 105 ? 10.169  -4.380  6.458   1.00 27.15 ? 109 TYR B CZ  1 
ATOM   832  O OH  . TYR A 1 105 ? 10.418  -4.455  7.814   1.00 25.41 ? 109 TYR B OH  1 
ATOM   833  N N   . VAL A 1 106 ? 7.059   -2.137  2.356   1.00 15.68 ? 110 VAL B N   1 
ATOM   834  C CA  . VAL A 1 106 ? 6.005   -1.428  3.080   1.00 19.40 ? 110 VAL B CA  1 
ATOM   835  C C   . VAL A 1 106 ? 5.678   -2.151  4.384   1.00 17.79 ? 110 VAL B C   1 
ATOM   836  O O   . VAL A 1 106 ? 5.419   -3.365  4.407   1.00 14.72 ? 110 VAL B O   1 
ATOM   837  C CB  . VAL A 1 106 ? 4.751   -1.273  2.205   1.00 20.58 ? 110 VAL B CB  1 
ATOM   838  C CG1 . VAL A 1 106 ? 3.655   -0.566  2.990   1.00 16.71 ? 110 VAL B CG1 1 
ATOM   839  C CG2 . VAL A 1 106 ? 5.082   -0.488  0.946   1.00 18.18 ? 110 VAL B CG2 1 
ATOM   840  N N   . GLY A 1 107 ? 5.678   -1.399  5.481   1.00 16.76 ? 111 GLY B N   1 
ATOM   841  C CA  . GLY A 1 107 ? 5.233   -1.903  6.763   1.00 19.69 ? 111 GLY B CA  1 
ATOM   842  C C   . GLY A 1 107 ? 4.409   -0.851  7.484   1.00 17.55 ? 111 GLY B C   1 
ATOM   843  O O   . GLY A 1 107 ? 4.194   0.245   6.965   1.00 23.95 ? 111 GLY B O   1 
ATOM   844  N N   . ILE A 1 108 ? 3.947   -1.203  8.683   1.00 16.23 ? 112 ILE B N   1 
ATOM   845  C CA  . ILE A 1 108 ? 3.184   -0.287  9.523   1.00 24.33 ? 112 ILE B CA  1 
ATOM   846  C C   . ILE A 1 108 ? 3.966   -0.018  10.808  1.00 19.72 ? 112 ILE B C   1 
ATOM   847  O O   . ILE A 1 108 ? 4.955   -0.687  11.118  1.00 18.51 ? 112 ILE B O   1 
ATOM   848  C CB  . ILE A 1 108 ? 1.769   -0.817  9.841   1.00 22.16 ? 112 ILE B CB  1 
ATOM   849  C CG1 . ILE A 1 108 ? 1.839   -2.161  10.577  1.00 18.30 ? 112 ILE B CG1 1 
ATOM   850  C CG2 . ILE A 1 108 ? 0.943   -0.927  8.564   1.00 18.19 ? 112 ILE B CG2 1 
ATOM   851  C CD1 . ILE A 1 108 ? 0.615   -2.445  11.449  1.00 18.22 ? 112 ILE B CD1 1 
ATOM   852  N N   . GLY A 1 109 ? 3.511   0.981   11.552  1.00 25.91 ? 113 GLY B N   1 
ATOM   853  C CA  . GLY A 1 109 ? 4.092   1.257   12.854  1.00 23.42 ? 113 GLY B CA  1 
ATOM   854  C C   . GLY A 1 109 ? 5.231   2.253   12.792  1.00 28.61 ? 113 GLY B C   1 
ATOM   855  O O   . GLY A 1 109 ? 5.463   2.936   11.784  1.00 24.34 ? 113 GLY B O   1 
ATOM   856  N N   . ASP A 1 110 ? 5.959   2.339   13.909  1.00 27.74 ? 114 ASP B N   1 
ATOM   857  C CA  . ASP A 1 110 ? 7.071   3.269   14.007  1.00 28.56 ? 114 ASP B CA  1 
ATOM   858  C C   . ASP A 1 110 ? 8.396   2.529   13.825  1.00 27.53 ? 114 ASP B C   1 
ATOM   859  O O   . ASP A 1 110 ? 8.444   1.326   13.543  1.00 23.74 ? 114 ASP B O   1 
ATOM   860  C CB  . ASP A 1 110 ? 7.021   4.053   15.329  1.00 29.16 ? 114 ASP B CB  1 
ATOM   861  C CG  . ASP A 1 110 ? 7.221   3.175   16.564  1.00 27.71 ? 114 ASP B CG  1 
ATOM   862  O OD1 . ASP A 1 110 ? 7.462   1.953   16.433  1.00 38.69 ? 114 ASP B OD1 1 
ATOM   863  O OD2 . ASP A 1 110 ? 7.135   3.720   17.685  1.00 39.87 ? 114 ASP B OD2 1 
ATOM   864  N N   . SER A 1 111 ? 9.488   3.278   13.978  1.00 32.51 ? 115 SER B N   1 
ATOM   865  C CA  . SER A 1 111 ? 10.807  2.709   13.749  1.00 31.64 ? 115 SER B CA  1 
ATOM   866  C C   . SER A 1 111 ? 11.077  1.543   14.685  1.00 28.80 ? 115 SER B C   1 
ATOM   867  O O   . SER A 1 111 ? 11.742  0.578   14.293  1.00 29.43 ? 115 SER B O   1 
ATOM   868  C CB  . SER A 1 111 ? 11.876  3.790   13.913  1.00 38.01 ? 115 SER B CB  1 
ATOM   869  O OG  . SER A 1 111 ? 13.108  3.348   13.364  1.00 60.69 ? 115 SER B OG  1 
ATOM   870  N N   . GLU A 1 112 ? 10.546  1.593   15.911  1.00 25.05 ? 116 GLU B N   1 
ATOM   871  C CA  . GLU A 1 112 ? 10.785  0.506   16.849  1.00 28.84 ? 116 GLU B CA  1 
ATOM   872  C C   . GLU A 1 112 ? 9.950   -0.731  16.538  1.00 32.23 ? 116 GLU B C   1 
ATOM   873  O O   . GLU A 1 112 ? 10.272  -1.815  17.032  1.00 28.32 ? 116 GLU B O   1 
ATOM   874  C CB  . GLU A 1 112 ? 10.540  0.982   18.285  1.00 34.85 ? 116 GLU B CB  1 
ATOM   875  C CG  . GLU A 1 112 ? 11.725  1.746   18.872  1.00 47.69 ? 116 GLU B CG  1 
ATOM   876  C CD  . GLU A 1 112 ? 11.570  2.042   20.353  1.00 82.98 ? 116 GLU B CD  1 
ATOM   877  O OE1 . GLU A 1 112 ? 10.857  3.009   20.696  1.00 91.51 ? 116 GLU B OE1 1 
ATOM   878  O OE2 . GLU A 1 112 ? 12.166  1.311   21.175  1.00 87.97 ? 116 GLU B OE2 1 
ATOM   879  N N   . ASP A 1 113 ? 8.900   -0.611  15.719  1.00 25.80 ? 117 ASP B N   1 
ATOM   880  C CA  . ASP A 1 113 ? 8.227   -1.815  15.240  1.00 26.81 ? 117 ASP B CA  1 
ATOM   881  C C   . ASP A 1 113 ? 9.034   -2.560  14.180  1.00 24.94 ? 117 ASP B C   1 
ATOM   882  O O   . ASP A 1 113 ? 8.711   -3.713  13.876  1.00 28.50 ? 117 ASP B O   1 
ATOM   883  C CB  . ASP A 1 113 ? 6.848   -1.471  14.679  1.00 27.14 ? 117 ASP B CB  1 
ATOM   884  C CG  . ASP A 1 113 ? 5.884   -1.009  15.749  1.00 25.48 ? 117 ASP B CG  1 
ATOM   885  O OD1 . ASP A 1 113 ? 5.790   -1.667  16.806  1.00 24.83 ? 117 ASP B OD1 1 
ATOM   886  O OD2 . ASP A 1 113 ? 5.212   0.015   15.522  1.00 24.14 ? 117 ASP B OD2 1 
ATOM   887  N N   . HIS A 1 114 ? 10.068  -1.934  13.620  1.00 23.49 ? 118 HIS B N   1 
ATOM   888  C CA  . HIS A 1 114 ? 10.973  -2.570  12.657  1.00 33.63 ? 118 HIS B CA  1 
ATOM   889  C C   . HIS A 1 114 ? 12.394  -2.251  13.094  1.00 32.96 ? 118 HIS B C   1 
ATOM   890  O O   . HIS A 1 114 ? 13.086  -1.430  12.479  1.00 31.44 ? 118 HIS B O   1 
ATOM   891  C CB  . HIS A 1 114 ? 10.716  -2.077  11.228  1.00 20.92 ? 118 HIS B CB  1 
ATOM   892  C CG  . HIS A 1 114 ? 9.280   -2.147  10.805  1.00 28.20 ? 118 HIS B CG  1 
ATOM   893  N ND1 . HIS A 1 114 ? 8.817   -3.070  9.892   1.00 21.75 ? 118 HIS B ND1 1 
ATOM   894  C CD2 . HIS A 1 114 ? 8.206   -1.404  11.167  1.00 19.74 ? 118 HIS B CD2 1 
ATOM   895  C CE1 . HIS A 1 114 ? 7.520   -2.896  9.712   1.00 25.06 ? 118 HIS B CE1 1 
ATOM   896  N NE2 . HIS A 1 114 ? 7.124   -1.889  10.473  1.00 24.89 ? 118 HIS B NE2 1 
ATOM   897  N N   . PRO A 1 115 ? 12.853  -2.865  14.183  1.00 36.17 ? 119 PRO B N   1 
ATOM   898  C CA  . PRO A 1 115 ? 14.156  -2.482  14.742  1.00 37.52 ? 119 PRO B CA  1 
ATOM   899  C C   . PRO A 1 115 ? 15.291  -2.803  13.780  1.00 38.39 ? 119 PRO B C   1 
ATOM   900  O O   . PRO A 1 115 ? 15.254  -3.799  13.049  1.00 41.34 ? 119 PRO B O   1 
ATOM   901  C CB  . PRO A 1 115 ? 14.248  -3.309  16.032  1.00 41.39 ? 119 PRO B CB  1 
ATOM   902  C CG  . PRO A 1 115 ? 13.349  -4.487  15.797  1.00 34.30 ? 119 PRO B CG  1 
ATOM   903  C CD  . PRO A 1 115 ? 12.230  -3.982  14.918  1.00 33.50 ? 119 PRO B CD  1 
ATOM   904  N N   . ASP A 1 116 ? 16.293  -1.920  13.771  1.00 40.60 ? 120 ASP B N   1 
ATOM   905  C CA  . ASP A 1 116 ? 17.514  -2.025  12.977  1.00 50.96 ? 120 ASP B CA  1 
ATOM   906  C C   . ASP A 1 116 ? 17.264  -1.891  11.481  1.00 44.50 ? 120 ASP B C   1 
ATOM   907  O O   . ASP A 1 116 ? 18.162  -2.185  10.681  1.00 51.23 ? 120 ASP B O   1 
ATOM   908  C CB  . ASP A 1 116 ? 18.267  -3.332  13.256  1.00 50.51 ? 120 ASP B CB  1 
ATOM   909  C CG  . ASP A 1 116 ? 18.419  -3.609  14.742  1.00 63.82 ? 120 ASP B CG  1 
ATOM   910  O OD1 . ASP A 1 116 ? 18.241  -4.779  15.154  1.00 64.78 ? 120 ASP B OD1 1 
ATOM   911  O OD2 . ASP A 1 116 ? 18.712  -2.650  15.493  1.00 58.38 ? 120 ASP B OD2 1 
ATOM   912  N N   . GLN A 1 117 ? 16.072  -1.461  11.074  1.00 39.03 ? 121 GLN B N   1 
ATOM   913  C CA  . GLN A 1 117 ? 15.778  -1.156  9.682   1.00 35.73 ? 121 GLN B CA  1 
ATOM   914  C C   . GLN A 1 117 ? 15.499  0.329   9.571   1.00 35.47 ? 121 GLN B C   1 
ATOM   915  O O   . GLN A 1 117 ? 14.737  0.879   10.372  1.00 38.34 ? 121 GLN B O   1 
ATOM   916  C CB  . GLN A 1 117 ? 14.584  -1.952  9.173   1.00 29.70 ? 121 GLN B CB  1 
ATOM   917  C CG  . GLN A 1 117 ? 14.832  -3.446  9.093   1.00 28.42 ? 121 GLN B CG  1 
ATOM   918  C CD  . GLN A 1 117 ? 13.610  -4.190  8.620   1.00 36.62 ? 121 GLN B CD  1 
ATOM   919  O OE1 . GLN A 1 117 ? 12.486  -3.707  8.764   1.00 36.73 ? 121 GLN B OE1 1 
ATOM   920  N NE2 . GLN A 1 117 ? 13.817  -5.368  8.046   1.00 36.76 ? 121 GLN B NE2 1 
ATOM   921  N N   . GLU A 1 118 ? 16.126  0.980   8.596   1.00 31.80 ? 122 GLU B N   1 
ATOM   922  C CA  . GLU A 1 118 ? 15.928  2.409   8.439   1.00 33.88 ? 122 GLU B CA  1 
ATOM   923  C C   . GLU A 1 118 ? 14.521  2.683   7.925   1.00 44.36 ? 122 GLU B C   1 
ATOM   924  O O   . GLU A 1 118 ? 14.039  2.027   6.995   1.00 31.23 ? 122 GLU B O   1 
ATOM   925  C CB  . GLU A 1 118 ? 16.966  2.999   7.487   1.00 37.47 ? 122 GLU B CB  1 
ATOM   926  C CG  . GLU A 1 118 ? 16.923  4.513   7.442   1.00 45.42 ? 122 GLU B CG  1 
ATOM   927  C CD  . GLU A 1 118 ? 17.513  5.084   6.171   1.00 64.07 ? 122 GLU B CD  1 
ATOM   928  O OE1 . GLU A 1 118 ? 18.220  4.340   5.463   1.00 65.21 ? 122 GLU B OE1 1 
ATOM   929  O OE2 . GLU A 1 118 ? 17.267  6.276   5.880   1.00 75.98 ? 122 GLU B OE2 1 
ATOM   930  N N   . MET A 1 119 ? 13.865  3.658   8.539   1.00 34.80 ? 123 MET B N   1 
ATOM   931  C CA  . MET A 1 119 ? 12.509  4.041   8.185   1.00 29.91 ? 123 MET B CA  1 
ATOM   932  C C   . MET A 1 119 ? 12.573  5.245   7.263   1.00 32.68 ? 123 MET B C   1 
ATOM   933  O O   . MET A 1 119 ? 13.186  6.260   7.609   1.00 40.09 ? 123 MET B O   1 
ATOM   934  C CB  . MET A 1 119 ? 11.698  4.361   9.436   1.00 28.80 ? 123 MET B CB  1 
ATOM   935  C CG  . MET A 1 119 ? 10.282  4.827   9.180   1.00 27.29 ? 123 MET B CG  1 
ATOM   936  S SD  . MET A 1 119 ? 9.459   5.013   10.772  1.00 33.88 ? 123 MET B SD  1 
ATOM   937  C CE  . MET A 1 119 ? 7.764   5.301   10.234  1.00 27.79 ? 123 MET B CE  1 
ATOM   938  N N   . LEU A 1 120 ? 11.960  5.124   6.088   1.00 30.48 ? 124 LEU B N   1 
ATOM   939  C CA  . LEU A 1 120 ? 11.873  6.225   5.141   1.00 32.66 ? 124 LEU B CA  1 
ATOM   940  C C   . LEU A 1 120 ? 10.564  6.970   5.349   1.00 41.23 ? 124 LEU B C   1 
ATOM   941  O O   . LEU A 1 120 ? 9.493   6.354   5.411   1.00 47.19 ? 124 LEU B O   1 
ATOM   942  C CB  . LEU A 1 120 ? 11.954  5.722   3.700   1.00 28.17 ? 124 LEU B CB  1 
ATOM   943  C CG  . LEU A 1 120 ? 13.085  4.785   3.299   1.00 33.67 ? 124 LEU B CG  1 
ATOM   944  C CD1 . LEU A 1 120 ? 12.988  4.531   1.814   1.00 32.95 ? 124 LEU B CD1 1 
ATOM   945  C CD2 . LEU A 1 120 ? 14.444  5.378   3.665   1.00 39.73 ? 124 LEU B CD2 1 
ATOM   946  N N   . SER A 1 121 ? 10.650  8.288   5.439   1.00 42.59 ? 125 SER B N   1 
ATOM   947  C CA  . SER A 1 121 ? 9.476   9.136   5.542   1.00 47.73 ? 125 SER B CA  1 
ATOM   948  C C   . SER A 1 121 ? 9.107   9.666   4.165   1.00 40.60 ? 125 SER B C   1 
ATOM   949  O O   . SER A 1 121 ? 9.983   9.988   3.353   1.00 37.55 ? 125 SER B O   1 
ATOM   950  C CB  . SER A 1 121 ? 9.722   10.297  6.507   1.00 53.81 ? 125 SER B CB  1 
ATOM   951  O OG  . SER A 1 121 ? 10.930  10.960  6.186   1.00 54.66 ? 125 SER B OG  1 
ATOM   952  N N   . GLY A 1 122 ? 7.809   9.747   3.910   1.00 42.10 ? 126 GLY B N   1 
ATOM   953  C CA  . GLY A 1 122 ? 7.335   10.251  2.639   1.00 37.98 ? 126 GLY B CA  1 
ATOM   954  C C   . GLY A 1 122 ? 5.833   10.147  2.578   1.00 33.25 ? 126 GLY B C   1 
ATOM   955  O O   . GLY A 1 122 ? 5.171   9.916   3.590   1.00 35.67 ? 126 GLY B O   1 
ATOM   956  N N   . SER A 1 123 ? 5.292   10.310  1.377   1.00 32.27 ? 127 SER B N   1 
ATOM   957  C CA  . SER A 1 123 ? 3.859   10.171  1.177   1.00 36.43 ? 127 SER B CA  1 
ATOM   958  C C   . SER A 1 123 ? 3.602   9.412   -0.116  1.00 29.69 ? 127 SER B C   1 
ATOM   959  O O   . SER A 1 123 ? 4.508   9.165   -0.916  1.00 30.32 ? 127 SER B O   1 
ATOM   960  C CB  . SER A 1 123 ? 3.162   11.537  1.165   1.00 31.31 ? 127 SER B CB  1 
ATOM   961  O OG  . SER A 1 123 ? 3.999   12.512  0.586   1.00 40.60 ? 127 SER B OG  1 
ATOM   962  N N   . PHE A 1 124 ? 2.345   9.046   -0.320  1.00 25.37 ? 128 PHE B N   1 
ATOM   963  C CA  . PHE A 1 124 ? 1.949   8.240   -1.457  1.00 20.99 ? 128 PHE B CA  1 
ATOM   964  C C   . PHE A 1 124 ? 1.078   9.044   -2.411  1.00 34.06 ? 128 PHE B C   1 
ATOM   965  O O   . PHE A 1 124 ? 0.430   10.025  -2.030  1.00 24.13 ? 128 PHE B O   1 
ATOM   966  C CB  . PHE A 1 124 ? 1.182   6.996   -1.007  1.00 26.45 ? 128 PHE B CB  1 
ATOM   967  C CG  . PHE A 1 124 ? 2.023   5.970   -0.296  1.00 25.63 ? 128 PHE B CG  1 
ATOM   968  C CD1 . PHE A 1 124 ? 2.209   6.032   1.079   1.00 25.01 ? 128 PHE B CD1 1 
ATOM   969  C CD2 . PHE A 1 124 ? 2.590   4.912   -0.999  1.00 21.94 ? 128 PHE B CD2 1 
ATOM   970  C CE1 . PHE A 1 124 ? 2.970   5.065   1.740   1.00 25.31 ? 128 PHE B CE1 1 
ATOM   971  C CE2 . PHE A 1 124 ? 3.346   3.938   -0.347  1.00 26.89 ? 128 PHE B CE2 1 
ATOM   972  C CZ  . PHE A 1 124 ? 3.534   4.017   1.028   1.00 21.65 ? 128 PHE B CZ  1 
ATOM   973  N N   . TYR A 1 125 ? 1.067   8.598   -3.666  1.00 22.65 ? 129 TYR B N   1 
ATOM   974  C CA  . TYR A 1 125 ? 0.080   9.027   -4.639  1.00 23.75 ? 129 TYR B CA  1 
ATOM   975  C C   . TYR A 1 125 ? -0.488  7.791   -5.311  1.00 26.77 ? 129 TYR B C   1 
ATOM   976  O O   . TYR A 1 125 ? 0.190   6.769   -5.431  1.00 21.75 ? 129 TYR B O   1 
ATOM   977  C CB  . TYR A 1 125 ? 0.669   9.963   -5.714  1.00 19.31 ? 129 TYR B CB  1 
ATOM   978  C CG  . TYR A 1 125 ? 1.193   11.284  -5.195  1.00 27.36 ? 129 TYR B CG  1 
ATOM   979  C CD1 . TYR A 1 125 ? 2.496   11.402  -4.719  1.00 28.89 ? 129 TYR B CD1 1 
ATOM   980  C CD2 . TYR A 1 125 ? 0.386   12.418  -5.195  1.00 26.88 ? 129 TYR B CD2 1 
ATOM   981  C CE1 . TYR A 1 125 ? 2.981   12.622  -4.254  1.00 29.42 ? 129 TYR B CE1 1 
ATOM   982  C CE2 . TYR A 1 125 ? 0.856   13.630  -4.737  1.00 27.20 ? 129 TYR B CE2 1 
ATOM   983  C CZ  . TYR A 1 125 ? 2.149   13.732  -4.263  1.00 34.39 ? 129 TYR B CZ  1 
ATOM   984  O OH  . TYR A 1 125 ? 2.605   14.950  -3.805  1.00 40.86 ? 129 TYR B OH  1 
ATOM   985  N N   . ILE A 1 126 ? -1.734  7.894   -5.756  1.00 22.69 ? 130 ILE B N   1 
ATOM   986  C CA  . ILE A 1 126 ? -2.368  6.862   -6.563  1.00 22.18 ? 130 ILE B CA  1 
ATOM   987  C C   . ILE A 1 126 ? -2.313  7.342   -8.003  1.00 24.97 ? 130 ILE B C   1 
ATOM   988  O O   . ILE A 1 126 ? -2.940  8.348   -8.347  1.00 27.74 ? 130 ILE B O   1 
ATOM   989  C CB  . ILE A 1 126 ? -3.810  6.603   -6.117  1.00 18.81 ? 130 ILE B CB  1 
ATOM   990  C CG1 . ILE A 1 126 ? -3.850  6.163   -4.651  1.00 16.96 ? 130 ILE B CG1 1 
ATOM   991  C CG2 . ILE A 1 126 ? -4.454  5.576   -7.014  1.00 17.19 ? 130 ILE B CG2 1 
ATOM   992  C CD1 . ILE A 1 126 ? -5.245  6.247   -4.040  1.00 19.76 ? 130 ILE B CD1 1 
ATOM   993  N N   . LYS A 1 127 ? -1.553  6.648   -8.844  1.00 21.28 ? 131 LYS B N   1 
ATOM   994  C CA  . LYS A 1 127 ? -1.348  7.064   -10.224 1.00 24.74 ? 131 LYS B CA  1 
ATOM   995  C C   . LYS A 1 127 ? -2.022  6.087   -11.175 1.00 29.43 ? 131 LYS B C   1 
ATOM   996  O O   . LYS A 1 127 ? -2.145  4.894   -10.880 1.00 26.27 ? 131 LYS B O   1 
ATOM   997  C CB  . LYS A 1 127 ? 0.147   7.160   -10.546 1.00 22.54 ? 131 LYS B CB  1 
ATOM   998  C CG  . LYS A 1 127 ? 0.872   8.260   -9.769  1.00 24.95 ? 131 LYS B CG  1 
ATOM   999  C CD  . LYS A 1 127 ? 0.309   9.622   -10.142 1.00 27.07 ? 131 LYS B CD  1 
ATOM   1000 C CE  . LYS A 1 127 ? 1.053   10.747  -9.429  1.00 29.07 ? 131 LYS B CE  1 
ATOM   1001 N NZ  . LYS A 1 127 ? 0.482   12.078  -9.806  1.00 25.50 ? 131 LYS B NZ  1 
ATOM   1002 N N   . LYS A 1 128 ? -2.472  6.594   -12.320 1.00 25.56 ? 132 LYS B N   1 
ATOM   1003 C CA  . LYS A 1 128 ? -2.937  5.684   -13.357 1.00 34.10 ? 132 LYS B CA  1 
ATOM   1004 C C   . LYS A 1 128 ? -1.781  4.793   -13.785 1.00 29.71 ? 132 LYS B C   1 
ATOM   1005 O O   . LYS A 1 128 ? -0.638  5.244   -13.904 1.00 31.71 ? 132 LYS B O   1 
ATOM   1006 C CB  . LYS A 1 128 ? -3.504  6.449   -14.561 1.00 34.53 ? 132 LYS B CB  1 
ATOM   1007 C CG  . LYS A 1 128 ? -5.040  6.401   -14.662 1.00 48.85 ? 132 LYS B CG  1 
ATOM   1008 C CD  . LYS A 1 128 ? -5.568  5.062   -15.233 1.00 47.55 ? 132 LYS B CD  1 
ATOM   1009 C CE  . LYS A 1 128 ? -7.104  5.059   -15.287 1.00 54.71 ? 132 LYS B CE  1 
ATOM   1010 N NZ  . LYS A 1 128 ? -7.663  4.201   -16.380 1.00 62.94 ? 132 LYS B NZ  1 
ATOM   1011 N N   . HIS A 1 129 ? -2.065  3.508   -13.957 1.00 27.37 ? 133 HIS B N   1 
ATOM   1012 C CA  . HIS A 1 129 ? -1.074  2.545   -14.414 1.00 28.97 ? 133 HIS B CA  1 
ATOM   1013 C C   . HIS A 1 129 ? -1.393  2.215   -15.862 1.00 33.07 ? 133 HIS B C   1 
ATOM   1014 O O   . HIS A 1 129 ? -2.452  1.639   -16.145 1.00 32.22 ? 133 HIS B O   1 
ATOM   1015 C CB  . HIS A 1 129 ? -1.084  1.274   -13.561 1.00 27.04 ? 133 HIS B CB  1 
ATOM   1016 C CG  . HIS A 1 129 ? -0.188  0.187   -14.081 1.00 38.97 ? 133 HIS B CG  1 
ATOM   1017 N ND1 . HIS A 1 129 ? -0.440  -0.495  -15.252 1.00 38.64 ? 133 HIS B ND1 1 
ATOM   1018 C CD2 . HIS A 1 129 ? 0.955   -0.337  -13.582 1.00 45.75 ? 133 HIS B CD2 1 
ATOM   1019 C CE1 . HIS A 1 129 ? 0.514   -1.386  -15.456 1.00 48.85 ? 133 HIS B CE1 1 
ATOM   1020 N NE2 . HIS A 1 129 ? 1.371   -1.313  -14.455 1.00 43.75 ? 133 HIS B NE2 1 
ATOM   1021 N N   . GLY A 1 130 ? -0.479  2.568   -16.763 1.00 37.66 ? 134 GLY B N   1 
ATOM   1022 C CA  . GLY A 1 130 ? -0.700  2.325   -18.176 1.00 37.11 ? 134 GLY B CA  1 
ATOM   1023 C C   . GLY A 1 130 ? -2.011  2.921   -18.637 1.00 38.12 ? 134 GLY B C   1 
ATOM   1024 O O   . GLY A 1 130 ? -2.414  4.013   -18.214 1.00 37.04 ? 134 GLY B O   1 
ATOM   1025 N N   . LEU A 1 131 ? -2.716  2.178   -19.486 1.00 43.67 ? 135 LEU B N   1 
ATOM   1026 C CA  . LEU A 1 131 ? -3.939  2.678   -20.088 1.00 43.33 ? 135 LEU B CA  1 
ATOM   1027 C C   . LEU A 1 131 ? -5.149  1.782   -19.867 1.00 38.64 ? 135 LEU B C   1 
ATOM   1028 O O   . LEU A 1 131 ? -6.232  2.115   -20.361 1.00 44.55 ? 135 LEU B O   1 
ATOM   1029 C CB  . LEU A 1 131 ? -3.732  2.901   -21.594 1.00 38.55 ? 135 LEU B CB  1 
ATOM   1030 C CG  . LEU A 1 131 ? -2.669  3.953   -21.941 1.00 55.15 ? 135 LEU B CG  1 
ATOM   1031 C CD1 . LEU A 1 131 ? -2.261  3.870   -23.406 1.00 46.87 ? 135 LEU B CD1 1 
ATOM   1032 C CD2 . LEU A 1 131 ? -3.145  5.364   -21.587 1.00 45.36 ? 135 LEU B CD2 1 
ATOM   1033 N N   . ARG A 1 132 ? -5.010  0.666   -19.152 1.00 36.97 ? 136 ARG B N   1 
ATOM   1034 C CA  . ARG A 1 132 ? -6.178  -0.156  -18.861 1.00 38.33 ? 136 ARG B CA  1 
ATOM   1035 C C   . ARG A 1 132 ? -7.143  0.610   -17.960 1.00 40.31 ? 136 ARG B C   1 
ATOM   1036 O O   . ARG A 1 132 ? -6.728  1.401   -17.107 1.00 41.32 ? 136 ARG B O   1 
ATOM   1037 C CB  . ARG A 1 132 ? -5.766  -1.481  -18.209 1.00 30.48 ? 136 ARG B CB  1 
ATOM   1038 C CG  . ARG A 1 132 ? -4.776  -2.327  -19.027 1.00 42.32 ? 136 ARG B CG  1 
ATOM   1039 C CD  . ARG A 1 132 ? -5.423  -3.040  -20.233 1.00 41.30 ? 136 ARG B CD  1 
ATOM   1040 N NE  . ARG A 1 132 ? -5.845  -2.136  -21.311 1.00 39.14 ? 136 ARG B NE  1 
ATOM   1041 C CZ  . ARG A 1 132 ? -5.021  -1.478  -22.128 1.00 40.96 ? 136 ARG B CZ  1 
ATOM   1042 N NH1 . ARG A 1 132 ? -3.703  -1.596  -22.004 1.00 42.19 ? 136 ARG B NH1 1 
ATOM   1043 N NH2 . ARG A 1 132 ? -5.518  -0.687  -23.074 1.00 39.75 ? 136 ARG B NH2 1 
ATOM   1044 N N   . ASN A 1 133 ? -8.438  0.376   -18.161 1.00 48.23 ? 137 ASN B N   1 
ATOM   1045 C CA  . ASN A 1 133 ? -9.471  1.247   -17.605 1.00 54.24 ? 137 ASN B CA  1 
ATOM   1046 C C   . ASN A 1 133 ? -9.550  1.087   -16.092 1.00 42.38 ? 137 ASN B C   1 
ATOM   1047 O O   . ASN A 1 133 ? -9.786  -0.015  -15.590 1.00 39.91 ? 137 ASN B O   1 
ATOM   1048 C CB  . ASN A 1 133 ? -10.830 0.931   -18.225 1.00 51.97 ? 137 ASN B CB  1 
ATOM   1049 C CG  . ASN A 1 133 ? -10.900 1.244   -19.715 1.00 76.05 ? 137 ASN B CG  1 
ATOM   1050 O OD1 . ASN A 1 133 ? -11.990 1.265   -20.296 1.00 74.05 ? 137 ASN B OD1 1 
ATOM   1051 N ND2 . ASN A 1 133 ? -9.748  1.492   -20.338 1.00 67.15 ? 137 ASN B ND2 1 
ATOM   1052 N N   . ASN A 1 134 ? -9.368  2.193   -15.372 1.00 41.29 ? 138 ASN B N   1 
ATOM   1053 C CA  . ASN A 1 134 ? -9.547  2.244   -13.916 1.00 39.22 ? 138 ASN B CA  1 
ATOM   1054 C C   . ASN A 1 134 ? -8.661  1.228   -13.200 1.00 35.50 ? 138 ASN B C   1 
ATOM   1055 O O   . ASN A 1 134 ? -9.103  0.540   -12.283 1.00 31.67 ? 138 ASN B O   1 
ATOM   1056 C CB  . ASN A 1 134 ? -11.020 2.054   -13.532 1.00 33.30 ? 138 ASN B CB  1 
ATOM   1057 C CG  . ASN A 1 134 ? -11.889 3.215   -13.993 1.00 41.70 ? 138 ASN B CG  1 
ATOM   1058 O OD1 . ASN A 1 134 ? -11.377 4.257   -14.403 1.00 38.06 ? 138 ASN B OD1 1 
ATOM   1059 N ND2 . ASN A 1 134 ? -13.203 3.041   -13.930 1.00 44.99 ? 138 ASN B ND2 1 
ATOM   1060 N N   . THR A 1 135 ? -7.402  1.124   -13.632 1.00 27.41 ? 139 THR B N   1 
ATOM   1061 C CA  . THR A 1 135 ? -6.377  0.408   -12.889 1.00 25.16 ? 139 THR B CA  1 
ATOM   1062 C C   . THR A 1 135 ? -5.292  1.397   -12.497 1.00 27.90 ? 139 THR B C   1 
ATOM   1063 O O   . THR A 1 135 ? -5.053  2.384   -13.194 1.00 24.43 ? 139 THR B O   1 
ATOM   1064 C CB  . THR A 1 135 ? -5.760  -0.746  -13.693 1.00 25.71 ? 139 THR B CB  1 
ATOM   1065 O OG1 . THR A 1 135 ? -5.027  -0.219  -14.810 1.00 29.91 ? 139 THR B OG1 1 
ATOM   1066 C CG2 . THR A 1 135 ? -6.853  -1.734  -14.160 1.00 14.28 ? 139 THR B CG2 1 
ATOM   1067 N N   . TYR A 1 136 ? -4.637  1.130   -11.371 1.00 21.02 ? 140 TYR B N   1 
ATOM   1068 C CA  . TYR A 1 136 ? -3.762  2.119   -10.777 1.00 18.87 ? 140 TYR B CA  1 
ATOM   1069 C C   . TYR A 1 136 ? -2.502  1.452   -10.251 1.00 25.42 ? 140 TYR B C   1 
ATOM   1070 O O   . TYR A 1 136 ? -2.388  0.223   -10.184 1.00 26.66 ? 140 TYR B O   1 
ATOM   1071 C CB  . TYR A 1 136 ? -4.495  2.887   -9.670  1.00 23.07 ? 140 TYR B CB  1 
ATOM   1072 C CG  . TYR A 1 136 ? -5.740  3.564   -10.195 1.00 23.14 ? 140 TYR B CG  1 
ATOM   1073 C CD1 . TYR A 1 136 ? -5.675  4.833   -10.765 1.00 21.91 ? 140 TYR B CD1 1 
ATOM   1074 C CD2 . TYR A 1 136 ? -6.970  2.917   -10.166 1.00 21.28 ? 140 TYR B CD2 1 
ATOM   1075 C CE1 . TYR A 1 136 ? -6.811  5.447   -11.279 1.00 25.90 ? 140 TYR B CE1 1 
ATOM   1076 C CE2 . TYR A 1 136 ? -8.112  3.522   -10.673 1.00 24.43 ? 140 TYR B CE2 1 
ATOM   1077 C CZ  . TYR A 1 136 ? -8.024  4.788   -11.227 1.00 21.85 ? 140 TYR B CZ  1 
ATOM   1078 O OH  . TYR A 1 136 ? -9.152  5.391   -11.728 1.00 27.37 ? 140 TYR B OH  1 
ATOM   1079 N N   . LYS A 1 137 ? -1.541  2.296   -9.907  1.00 19.03 ? 141 LYS B N   1 
ATOM   1080 C CA  . LYS A 1 137 ? -0.354  1.902   -9.176  1.00 22.81 ? 141 LYS B CA  1 
ATOM   1081 C C   . LYS A 1 137 ? -0.199  2.853   -8.004  1.00 27.56 ? 141 LYS B C   1 
ATOM   1082 O O   . LYS A 1 137 ? -0.702  3.983   -8.034  1.00 21.43 ? 141 LYS B O   1 
ATOM   1083 C CB  . LYS A 1 137 ? 0.906   1.944   -10.054 1.00 23.93 ? 141 LYS B CB  1 
ATOM   1084 C CG  . LYS A 1 137 ? 1.181   3.299   -10.681 1.00 21.55 ? 141 LYS B CG  1 
ATOM   1085 C CD  . LYS A 1 137 ? 2.520   3.296   -11.420 1.00 29.57 ? 141 LYS B CD  1 
ATOM   1086 C CE  . LYS A 1 137 ? 2.783   4.622   -12.120 1.00 30.89 ? 141 LYS B CE  1 
ATOM   1087 N NZ  . LYS A 1 137 ? 4.144   4.650   -12.753 1.00 27.27 ? 141 LYS B NZ  1 
ATOM   1088 N N   . LEU A 1 138 ? 0.473   2.375   -6.961  1.00 19.31 ? 142 LEU B N   1 
ATOM   1089 C CA  . LEU A 1 138 ? 0.840   3.212   -5.829  1.00 23.49 ? 142 LEU B CA  1 
ATOM   1090 C C   . LEU A 1 138 ? 2.253   3.729   -6.048  1.00 24.99 ? 142 LEU B C   1 
ATOM   1091 O O   . LEU A 1 138 ? 3.140   2.974   -6.462  1.00 23.29 ? 142 LEU B O   1 
ATOM   1092 C CB  . LEU A 1 138 ? 0.756   2.426   -4.517  1.00 18.34 ? 142 LEU B CB  1 
ATOM   1093 C CG  . LEU A 1 138 ? -0.573  1.719   -4.269  1.00 23.24 ? 142 LEU B CG  1 
ATOM   1094 C CD1 . LEU A 1 138 ? -0.575  1.017   -2.916  1.00 18.34 ? 142 LEU B CD1 1 
ATOM   1095 C CD2 . LEU A 1 138 ? -1.713  2.718   -4.364  1.00 16.12 ? 142 LEU B CD2 1 
ATOM   1096 N N   . VAL A 1 139 ? 2.461   5.010   -5.779  1.00 19.93 ? 143 VAL B N   1 
ATOM   1097 C CA  . VAL A 1 139 ? 3.769   5.632   -5.929  1.00 21.83 ? 143 VAL B CA  1 
ATOM   1098 C C   . VAL A 1 139 ? 4.163   6.248   -4.594  1.00 23.32 ? 143 VAL B C   1 
ATOM   1099 O O   . VAL A 1 139 ? 3.340   6.883   -3.926  1.00 24.42 ? 143 VAL B O   1 
ATOM   1100 C CB  . VAL A 1 139 ? 3.746   6.682   -7.061  1.00 28.87 ? 143 VAL B CB  1 
ATOM   1101 C CG1 . VAL A 1 139 ? 5.009   7.512   -7.066  1.00 28.68 ? 143 VAL B CG1 1 
ATOM   1102 C CG2 . VAL A 1 139 ? 3.557   5.980   -8.402  1.00 26.99 ? 143 VAL B CG2 1 
ATOM   1103 N N   . PHE A 1 140 ? 5.406   6.033   -4.184  1.00 26.44 ? 144 PHE B N   1 
ATOM   1104 C CA  . PHE A 1 140 ? 5.908   6.556   -2.921  1.00 24.35 ? 144 PHE B CA  1 
ATOM   1105 C C   . PHE A 1 140 ? 6.953   7.629   -3.192  1.00 31.34 ? 144 PHE B C   1 
ATOM   1106 O O   . PHE A 1 140 ? 7.875   7.409   -3.985  1.00 27.82 ? 144 PHE B O   1 
ATOM   1107 C CB  . PHE A 1 140 ? 6.509   5.441   -2.071  1.00 23.43 ? 144 PHE B CB  1 
ATOM   1108 C CG  . PHE A 1 140 ? 7.164   5.935   -0.807  1.00 25.89 ? 144 PHE B CG  1 
ATOM   1109 C CD1 . PHE A 1 140 ? 6.393   6.358   0.271   1.00 30.66 ? 144 PHE B CD1 1 
ATOM   1110 C CD2 . PHE A 1 140 ? 8.544   5.997   -0.704  1.00 28.18 ? 144 PHE B CD2 1 
ATOM   1111 C CE1 . PHE A 1 140 ? 6.989   6.824   1.438   1.00 24.22 ? 144 PHE B CE1 1 
ATOM   1112 C CE2 . PHE A 1 140 ? 9.147   6.462   0.459   1.00 27.64 ? 144 PHE B CE2 1 
ATOM   1113 C CZ  . PHE A 1 140 ? 8.372   6.873   1.528   1.00 27.01 ? 144 PHE B CZ  1 
ATOM   1114 N N   . CYS A 1 141 ? 6.812   8.784   -2.535  1.00 28.37 ? 145 CYS B N   1 
ATOM   1115 C CA  . CYS A 1 141 ? 7.708   9.925   -2.741  1.00 32.45 ? 145 CYS B CA  1 
ATOM   1116 C C   . CYS A 1 141 ? 8.389   10.267  -1.422  1.00 34.44 ? 145 CYS B C   1 
ATOM   1117 O O   . CYS A 1 141 ? 7.729   10.673  -0.457  1.00 38.21 ? 145 CYS B O   1 
ATOM   1118 C CB  . CYS A 1 141 ? 6.964   11.131  -3.305  1.00 26.43 ? 145 CYS B CB  1 
ATOM   1119 S SG  . CYS A 1 141 ? 6.154   10.823  -4.889  1.00 36.59 ? 145 CYS B SG  1 
ATOM   1120 N N   . ARG A 1 142 ? 9.707   10.094  -1.391  1.00 47.35 ? 146 ARG B N   1 
ATOM   1121 C CA  . ARG A 1 142 ? 10.473  10.191  -0.160  1.00 50.58 ? 146 ARG B CA  1 
ATOM   1122 C C   . ARG A 1 142 ? 10.610  11.642  0.285   1.00 54.06 ? 146 ARG B C   1 
ATOM   1123 O O   . ARG A 1 142 ? 10.843  12.540  -0.529  1.00 54.45 ? 146 ARG B O   1 
ATOM   1124 C CB  . ARG A 1 142 ? 11.852  9.566   -0.373  1.00 44.67 ? 146 ARG B CB  1 
ATOM   1125 C CG  . ARG A 1 142 ? 12.715  9.430   0.868   1.00 54.87 ? 146 ARG B CG  1 
ATOM   1126 C CD  . ARG A 1 142 ? 13.962  8.621   0.536   1.00 58.52 ? 146 ARG B CD  1 
ATOM   1127 N NE  . ARG A 1 142 ? 13.690  7.679   -0.550  1.00 55.55 ? 146 ARG B NE  1 
ATOM   1128 C CZ  . ARG A 1 142 ? 14.442  6.619   -0.837  1.00 60.44 ? 146 ARG B CZ  1 
ATOM   1129 N NH1 . ARG A 1 142 ? 14.101  5.819   -1.843  1.00 41.02 ? 146 ARG B NH1 1 
ATOM   1130 N NH2 . ARG A 1 142 ? 15.532  6.359   -0.122  1.00 42.52 ? 146 ARG B NH2 1 
ATOM   1131 N N   . ASP A 1 143 ? 10.443  11.865  1.589   1.00 56.36 ? 147 ASP B N   1 
ATOM   1132 C CA  . ASP A 1 143 ? 10.759  13.156  2.183   1.00 61.22 ? 147 ASP B CA  1 
ATOM   1133 C C   . ASP A 1 143 ? 12.249  13.437  2.050   1.00 79.19 ? 147 ASP B C   1 
ATOM   1134 O O   . ASP A 1 143 ? 13.084  12.574  2.335   1.00 76.57 ? 147 ASP B O   1 
ATOM   1135 C CB  . ASP A 1 143 ? 10.361  13.178  3.660   1.00 57.25 ? 147 ASP B CB  1 
ATOM   1136 C CG  . ASP A 1 143 ? 8.885   13.438  3.869   1.00 61.75 ? 147 ASP B CG  1 
ATOM   1137 O OD1 . ASP A 1 143 ? 8.256   14.043  2.975   1.00 73.34 ? 147 ASP B OD1 1 
ATOM   1138 O OD2 . ASP A 1 143 ? 8.358   13.043  4.936   1.00 55.88 ? 147 ASP B OD2 1 
ATOM   1139 N N   . GLY A 1 144 ? 12.583  14.652  1.623   1.00 80.91 ? 148 GLY B N   1 
ATOM   1140 C CA  . GLY A 1 144 ? 13.955  15.071  1.490   1.00 78.39 ? 148 GLY B CA  1 
ATOM   1141 C C   . GLY A 1 144 ? 14.511  14.989  0.085   1.00 88.97 ? 148 GLY B C   1 
ATOM   1142 O O   . GLY A 1 144 ? 15.517  15.653  -0.205  1.00 88.96 ? 148 GLY B O   1 
ATOM   1143 N N   . SER A 1 145 ? 13.890  14.200  -0.794  1.00 84.04 ? 149 SER B N   1 
ATOM   1144 C CA  . SER A 1 145 ? 14.338  14.079  -2.172  1.00 82.33 ? 149 SER B CA  1 
ATOM   1145 C C   . SER A 1 145 ? 13.192  14.391  -3.125  1.00 82.09 ? 149 SER B C   1 
ATOM   1146 O O   . SER A 1 145 ? 12.013  14.339  -2.759  1.00 91.08 ? 149 SER B O   1 
ATOM   1147 C CB  . SER A 1 145 ? 14.902  12.680  -2.472  1.00 86.23 ? 149 SER B CB  1 
ATOM   1148 O OG  . SER A 1 145 ? 13.943  11.851  -3.113  1.00 84.24 ? 149 SER B OG  1 
ATOM   1149 N N   . SER A 1 146 ? 13.561  14.696  -4.368  1.00 83.56 ? 150 SER B N   1 
ATOM   1150 C CA  . SER A 1 146 ? 12.635  15.166  -5.389  1.00 90.44 ? 150 SER B CA  1 
ATOM   1151 C C   . SER A 1 146 ? 12.094  14.043  -6.267  1.00 88.68 ? 150 SER B C   1 
ATOM   1152 O O   . SER A 1 146 ? 11.373  14.319  -7.232  1.00 89.91 ? 150 SER B O   1 
ATOM   1153 C CB  . SER A 1 146 ? 13.325  16.224  -6.260  1.00 81.19 ? 150 SER B CB  1 
ATOM   1154 O OG  . SER A 1 146 ? 12.391  17.103  -6.866  1.00 73.78 ? 150 SER B OG  1 
ATOM   1155 N N   . THR A 1 147 ? 12.410  12.787  -5.956  1.00 84.05 ? 151 THR B N   1 
ATOM   1156 C CA  . THR A 1 147 ? 12.084  11.677  -6.837  1.00 79.52 ? 151 THR B CA  1 
ATOM   1157 C C   . THR A 1 147 ? 11.241  10.624  -6.125  1.00 62.25 ? 151 THR B C   1 
ATOM   1158 O O   . THR A 1 147 ? 11.325  10.444  -4.904  1.00 47.25 ? 151 THR B O   1 
ATOM   1159 C CB  . THR A 1 147 ? 13.357  11.031  -7.409  1.00 81.87 ? 151 THR B CB  1 
ATOM   1160 O OG1 . THR A 1 147 ? 13.003  10.160  -8.492  1.00 74.73 ? 151 THR B OG1 1 
ATOM   1161 C CG2 . THR A 1 147 ? 14.101  10.246  -6.327  1.00 70.22 ? 151 THR B CG2 1 
ATOM   1162 N N   . CYS A 1 148 ? 10.431  9.927   -6.920  1.00 58.94 ? 152 CYS B N   1 
ATOM   1163 C CA  . CYS A 1 148 ? 9.459   8.950   -6.460  1.00 42.37 ? 152 CYS B CA  1 
ATOM   1164 C C   . CYS A 1 148 ? 9.733   7.596   -7.103  1.00 40.37 ? 152 CYS B C   1 
ATOM   1165 O O   . CYS A 1 148 ? 10.358  7.510   -8.164  1.00 42.03 ? 152 CYS B O   1 
ATOM   1166 C CB  . CYS A 1 148 ? 8.035   9.394   -6.810  1.00 39.58 ? 152 CYS B CB  1 
ATOM   1167 S SG  . CYS A 1 148 ? 7.596   11.071  -6.308  1.00 38.37 ? 152 CYS B SG  1 
ATOM   1168 N N   . SER A 1 149 ? 9.236   6.533   -6.464  1.00 31.14 ? 153 SER B N   1 
ATOM   1169 C CA  . SER A 1 149 ? 9.364   5.179   -6.992  1.00 31.33 ? 153 SER B CA  1 
ATOM   1170 C C   . SER A 1 149 ? 8.017   4.470   -6.943  1.00 28.40 ? 153 SER B C   1 
ATOM   1171 O O   . SER A 1 149 ? 7.212   4.688   -6.033  1.00 31.85 ? 153 SER B O   1 
ATOM   1172 C CB  . SER A 1 149 ? 10.396  4.346   -6.213  1.00 30.61 ? 153 SER B CB  1 
ATOM   1173 O OG  . SER A 1 149 ? 11.484  5.139   -5.782  1.00 35.67 ? 153 SER B OG  1 
ATOM   1174 N N   . ASP A 1 150 ? 7.790   3.602   -7.925  1.00 24.40 ? 154 ASP B N   1 
ATOM   1175 C CA  . ASP A 1 150 ? 6.594   2.774   -7.961  1.00 23.59 ? 154 ASP B CA  1 
ATOM   1176 C C   . ASP A 1 150 ? 6.637   1.693   -6.882  1.00 25.23 ? 154 ASP B C   1 
ATOM   1177 O O   . ASP A 1 150 ? 7.700   1.295   -6.398  1.00 21.36 ? 154 ASP B O   1 
ATOM   1178 C CB  . ASP A 1 150 ? 6.451   2.102   -9.324  1.00 26.62 ? 154 ASP B CB  1 
ATOM   1179 C CG  . ASP A 1 150 ? 6.188   3.092   -10.446 1.00 31.45 ? 154 ASP B CG  1 
ATOM   1180 O OD1 . ASP A 1 150 ? 5.792   4.243   -10.167 1.00 34.02 ? 154 ASP B OD1 1 
ATOM   1181 O OD2 . ASP A 1 150 ? 6.377   2.708   -11.614 1.00 34.64 ? 154 ASP B OD2 1 
ATOM   1182 N N   . ILE A 1 151 ? 5.455   1.200   -6.528  1.00 19.69 ? 155 ILE B N   1 
ATOM   1183 C CA  . ILE A 1 151 ? 5.293   0.074   -5.619  1.00 21.58 ? 155 ILE B CA  1 
ATOM   1184 C C   . ILE A 1 151 ? 5.014   -1.172  -6.447  1.00 22.63 ? 155 ILE B C   1 
ATOM   1185 O O   . ILE A 1 151 ? 4.102   -1.175  -7.283  1.00 18.49 ? 155 ILE B O   1 
ATOM   1186 C CB  . ILE A 1 151 ? 4.155   0.328   -4.617  1.00 21.22 ? 155 ILE B CB  1 
ATOM   1187 C CG1 . ILE A 1 151 ? 4.528   1.469   -3.656  1.00 21.36 ? 155 ILE B CG1 1 
ATOM   1188 C CG2 . ILE A 1 151 ? 3.814   -0.952  -3.863  1.00 18.94 ? 155 ILE B CG2 1 
ATOM   1189 C CD1 . ILE A 1 151 ? 5.245   1.018   -2.407  1.00 22.58 ? 155 ILE B CD1 1 
ATOM   1190 N N   . GLY A 1 152 ? 5.809   -2.225  -6.224  1.00 15.49 ? 156 GLY B N   1 
ATOM   1191 C CA  . GLY A 1 152 ? 5.574   -3.505  -6.853  1.00 14.79 ? 156 GLY B CA  1 
ATOM   1192 C C   . GLY A 1 152 ? 5.632   -4.605  -5.809  1.00 16.89 ? 156 GLY B C   1 
ATOM   1193 O O   . GLY A 1 152 ? 5.976   -4.370  -4.652  1.00 19.86 ? 156 GLY B O   1 
ATOM   1194 N N   . ARG A 1 153 ? 5.283   -5.808  -6.238  1.00 16.75 ? 157 ARG B N   1 
ATOM   1195 C CA  . ARG A 1 153 ? 5.271   -6.952  -5.345  1.00 19.63 ? 157 ARG B CA  1 
ATOM   1196 C C   . ARG A 1 153 ? 6.608   -7.678  -5.399  1.00 23.07 ? 157 ARG B C   1 
ATOM   1197 O O   . ARG A 1 153 ? 7.338   -7.606  -6.390  1.00 27.78 ? 157 ARG B O   1 
ATOM   1198 C CB  . ARG A 1 153 ? 4.130   -7.912  -5.698  1.00 14.20 ? 157 ARG B CB  1 
ATOM   1199 C CG  . ARG A 1 153 ? 2.756   -7.399  -5.285  1.00 18.15 ? 157 ARG B CG  1 
ATOM   1200 C CD  . ARG A 1 153 ? 1.637   -8.301  -5.812  1.00 16.31 ? 157 ARG B CD  1 
ATOM   1201 N NE  . ARG A 1 153 ? 1.473   -8.190  -7.264  1.00 13.96 ? 157 ARG B NE  1 
ATOM   1202 C CZ  . ARG A 1 153 ? 0.568   -8.866  -7.967  1.00 17.20 ? 157 ARG B CZ  1 
ATOM   1203 N NH1 . ARG A 1 153 ? -0.264  -9.717  -7.357  1.00 11.46 ? 157 ARG B NH1 1 
ATOM   1204 N NH2 . ARG A 1 153 ? 0.480   -8.679  -9.284  1.00 16.83 ? 157 ARG B NH2 1 
ATOM   1205 N N   . TYR A 1 154 ? 6.928   -8.360  -4.303  1.00 21.11 ? 158 TYR B N   1 
ATOM   1206 C CA  . TYR A 1 154 ? 8.161   -9.132  -4.177  1.00 22.67 ? 158 TYR B CA  1 
ATOM   1207 C C   . TYR A 1 154 ? 7.849   -10.321 -3.286  1.00 25.54 ? 158 TYR B C   1 
ATOM   1208 O O   . TYR A 1 154 ? 7.382   -10.133 -2.159  1.00 21.47 ? 158 TYR B O   1 
ATOM   1209 C CB  . TYR A 1 154 ? 9.298   -8.302  -3.578  1.00 21.95 ? 158 TYR B CB  1 
ATOM   1210 C CG  . TYR A 1 154 ? 10.604  -9.062  -3.459  1.00 22.21 ? 158 TYR B CG  1 
ATOM   1211 C CD1 . TYR A 1 154 ? 10.852  -9.901  -2.373  1.00 20.87 ? 158 TYR B CD1 1 
ATOM   1212 C CD2 . TYR A 1 154 ? 11.594  -8.936  -4.432  1.00 22.11 ? 158 TYR B CD2 1 
ATOM   1213 C CE1 . TYR A 1 154 ? 12.043  -10.602 -2.266  1.00 23.96 ? 158 TYR B CE1 1 
ATOM   1214 C CE2 . TYR A 1 154 ? 12.796  -9.628  -4.334  1.00 24.45 ? 158 TYR B CE2 1 
ATOM   1215 C CZ  . TYR A 1 154 ? 13.012  -10.463 -3.253  1.00 25.46 ? 158 TYR B CZ  1 
ATOM   1216 O OH  . TYR A 1 154 ? 14.198  -11.153 -3.150  1.00 25.23 ? 158 TYR B OH  1 
ATOM   1217 N N   . ASP A 1 155 ? 8.100   -11.530 -3.780  1.00 26.87 ? 159 ASP B N   1 
ATOM   1218 C CA  . ASP A 1 155 ? 7.760   -12.747 -3.048  1.00 23.65 ? 159 ASP B CA  1 
ATOM   1219 C C   . ASP A 1 155 ? 8.981   -13.226 -2.272  1.00 29.80 ? 159 ASP B C   1 
ATOM   1220 O O   . ASP A 1 155 ? 9.954   -13.703 -2.864  1.00 28.86 ? 159 ASP B O   1 
ATOM   1221 C CB  . ASP A 1 155 ? 7.261   -13.832 -3.994  1.00 20.14 ? 159 ASP B CB  1 
ATOM   1222 C CG  . ASP A 1 155 ? 6.510   -14.926 -3.266  1.00 28.85 ? 159 ASP B CG  1 
ATOM   1223 O OD1 . ASP A 1 155 ? 6.499   -14.900 -2.018  1.00 28.30 ? 159 ASP B OD1 1 
ATOM   1224 O OD2 . ASP A 1 155 ? 5.929   -15.807 -3.934  1.00 32.08 ? 159 ASP B OD2 1 
ATOM   1225 N N   . ASN A 1 156 ? 8.929   -13.097 -0.944  1.00 22.54 ? 160 ASN B N   1 
ATOM   1226 C CA  . ASN A 1 156 ? 9.944   -13.647 -0.054  1.00 24.07 ? 160 ASN B CA  1 
ATOM   1227 C C   . ASN A 1 156 ? 9.416   -14.856 0.716   1.00 27.98 ? 160 ASN B C   1 
ATOM   1228 O O   . ASN A 1 156 ? 9.945   -15.190 1.780   1.00 28.87 ? 160 ASN B O   1 
ATOM   1229 C CB  . ASN A 1 156 ? 10.450  -12.564 0.907   1.00 25.70 ? 160 ASN B CB  1 
ATOM   1230 C CG  . ASN A 1 156 ? 11.819  -12.893 1.502   1.00 35.55 ? 160 ASN B CG  1 
ATOM   1231 O OD1 . ASN A 1 156 ? 12.733  -13.323 0.792   1.00 30.86 ? 160 ASN B OD1 1 
ATOM   1232 N ND2 . ASN A 1 156 ? 11.968  -12.682 2.808   1.00 28.00 ? 160 ASN B ND2 1 
ATOM   1233 N N   . ASN A 1 157 ? 8.369   -15.502 0.199   1.00 27.80 ? 161 ASN B N   1 
ATOM   1234 C CA  . ASN A 1 157 ? 7.809   -16.735 0.763   1.00 31.72 ? 161 ASN B CA  1 
ATOM   1235 C C   . ASN A 1 157 ? 7.449   -16.577 2.240   1.00 29.30 ? 161 ASN B C   1 
ATOM   1236 O O   . ASN A 1 157 ? 7.754   -17.424 3.081   1.00 26.35 ? 161 ASN B O   1 
ATOM   1237 C CB  . ASN A 1 157 ? 8.762   -17.914 0.551   1.00 28.24 ? 161 ASN B CB  1 
ATOM   1238 C CG  . ASN A 1 157 ? 8.679   -18.474 -0.859  1.00 42.36 ? 161 ASN B CG  1 
ATOM   1239 O OD1 . ASN A 1 157 ? 8.242   -17.782 -1.788  1.00 34.04 ? 161 ASN B OD1 1 
ATOM   1240 N ND2 . ASN A 1 157 ? 9.083   -19.733 -1.026  1.00 33.81 ? 161 ASN B ND2 1 
ATOM   1241 N N   . GLU A 1 158 ? 6.768   -15.485 2.554   1.00 27.87 ? 162 GLU B N   1 
ATOM   1242 C CA  . GLU A 1 158 ? 6.295   -15.223 3.904   1.00 28.75 ? 162 GLU B CA  1 
ATOM   1243 C C   . GLU A 1 158 ? 4.777   -15.318 3.964   1.00 27.13 ? 162 GLU B C   1 
ATOM   1244 O O   . GLU A 1 158 ? 4.110   -14.474 4.569   1.00 36.54 ? 162 GLU B O   1 
ATOM   1245 C CB  . GLU A 1 158 ? 6.773   -13.856 4.388   1.00 24.89 ? 162 GLU B CB  1 
ATOM   1246 C CG  . GLU A 1 158 ? 8.284   -13.771 4.586   1.00 27.35 ? 162 GLU B CG  1 
ATOM   1247 C CD  . GLU A 1 158 ? 8.818   -12.406 4.235   1.00 28.45 ? 162 GLU B CD  1 
ATOM   1248 O OE1 . GLU A 1 158 ? 8.088   -11.665 3.543   1.00 25.30 ? 162 GLU B OE1 1 
ATOM   1249 O OE2 . GLU A 1 158 ? 9.950   -12.074 4.649   1.00 24.48 ? 162 GLU B OE2 1 
ATOM   1250 N N   . ASP A 1 159 ? 4.215   -16.340 3.317   1.00 25.69 ? 163 ASP B N   1 
ATOM   1251 C CA  . ASP A 1 159 ? 2.764   -16.524 3.241   1.00 30.23 ? 163 ASP B CA  1 
ATOM   1252 C C   . ASP A 1 159 ? 2.090   -15.349 2.527   1.00 35.04 ? 163 ASP B C   1 
ATOM   1253 O O   . ASP A 1 159 ? 0.962   -14.965 2.847   1.00 31.78 ? 163 ASP B O   1 
ATOM   1254 C CB  . ASP A 1 159 ? 2.163   -16.740 4.637   1.00 36.03 ? 163 ASP B CB  1 
ATOM   1255 C CG  . ASP A 1 159 ? 0.733   -17.264 4.593   1.00 42.30 ? 163 ASP B CG  1 
ATOM   1256 O OD1 . ASP A 1 159 ? 0.328   -17.811 3.546   1.00 47.46 ? 163 ASP B OD1 1 
ATOM   1257 O OD2 . ASP A 1 159 ? 0.012   -17.110 5.603   1.00 51.43 ? 163 ASP B OD2 1 
ATOM   1258 N N   . GLY A 1 160 ? 2.769   -14.791 1.540   1.00 29.59 ? 164 GLY B N   1 
ATOM   1259 C CA  . GLY A 1 160 ? 2.304   -13.604 0.848   1.00 20.86 ? 164 GLY B CA  1 
ATOM   1260 C C   . GLY A 1 160 ? 3.481   -12.824 0.306   1.00 27.12 ? 164 GLY B C   1 
ATOM   1261 O O   . GLY A 1 160 ? 4.639   -13.092 0.624   1.00 24.61 ? 164 GLY B O   1 
ATOM   1262 N N   . ARG A 1 161 ? 3.165   -11.840 -0.532  1.00 23.41 ? 165 ARG B N   1 
ATOM   1263 C CA  . ARG A 1 161 ? 4.186   -11.021 -1.173  1.00 19.97 ? 165 ARG B CA  1 
ATOM   1264 C C   . ARG A 1 161 ? 4.291   -9.670  -0.486  1.00 16.71 ? 165 ARG B C   1 
ATOM   1265 O O   . ARG A 1 161 ? 3.280   -9.056  -0.143  1.00 18.34 ? 165 ARG B O   1 
ATOM   1266 C CB  . ARG A 1 161 ? 3.886   -10.807 -2.658  1.00 17.95 ? 165 ARG B CB  1 
ATOM   1267 C CG  . ARG A 1 161 ? 3.873   -12.070 -3.459  1.00 19.41 ? 165 ARG B CG  1 
ATOM   1268 C CD  . ARG A 1 161 ? 2.680   -12.133 -4.365  1.00 21.88 ? 165 ARG B CD  1 
ATOM   1269 N NE  . ARG A 1 161 ? 2.628   -13.414 -5.067  1.00 25.38 ? 165 ARG B NE  1 
ATOM   1270 C CZ  . ARG A 1 161 ? 1.560   -13.865 -5.707  1.00 24.66 ? 165 ARG B CZ  1 
ATOM   1271 N NH1 . ARG A 1 161 ? 1.593   -15.046 -6.316  1.00 22.15 ? 165 ARG B NH1 1 
ATOM   1272 N NH2 . ARG A 1 161 ? 0.458   -13.128 -5.741  1.00 15.79 ? 165 ARG B NH2 1 
ATOM   1273 N N   . ARG A 1 162 ? 5.519   -9.204  -0.312  1.00 18.92 ? 166 ARG B N   1 
ATOM   1274 C CA  . ARG A 1 162 ? 5.721   -7.859  0.188   1.00 17.86 ? 166 ARG B CA  1 
ATOM   1275 C C   . ARG A 1 162 ? 5.486   -6.835  -0.914  1.00 21.39 ? 166 ARG B C   1 
ATOM   1276 O O   . ARG A 1 162 ? 5.472   -7.150  -2.110  1.00 21.19 ? 166 ARG B O   1 
ATOM   1277 C CB  . ARG A 1 162 ? 7.130   -7.719  0.757   1.00 19.56 ? 166 ARG B CB  1 
ATOM   1278 C CG  . ARG A 1 162 ? 7.169   -8.081  2.213   1.00 29.83 ? 166 ARG B CG  1 
ATOM   1279 C CD  . ARG A 1 162 ? 8.373   -8.874  2.582   1.00 26.28 ? 166 ARG B CD  1 
ATOM   1280 N NE  . ARG A 1 162 ? 9.412   -7.993  3.056   1.00 29.82 ? 166 ARG B NE  1 
ATOM   1281 C CZ  . ARG A 1 162 ? 10.394  -8.350  3.869   1.00 31.28 ? 166 ARG B CZ  1 
ATOM   1282 N NH1 . ARG A 1 162 ? 10.471  -9.590  4.335   1.00 30.28 ? 166 ARG B NH1 1 
ATOM   1283 N NH2 . ARG A 1 162 ? 11.294  -7.445  4.217   1.00 26.10 ? 166 ARG B NH2 1 
ATOM   1284 N N   . LEU A 1 163 ? 5.279   -5.592  -0.488  1.00 17.83 ? 167 LEU B N   1 
ATOM   1285 C CA  . LEU A 1 163 ? 5.249   -4.436  -1.372  1.00 18.54 ? 167 LEU B CA  1 
ATOM   1286 C C   . LEU A 1 163 ? 6.582   -3.710  -1.249  1.00 24.17 ? 167 LEU B C   1 
ATOM   1287 O O   . LEU A 1 163 ? 7.002   -3.362  -0.139  1.00 20.44 ? 167 LEU B O   1 
ATOM   1288 C CB  . LEU A 1 163 ? 4.095   -3.499  -1.011  1.00 13.40 ? 167 LEU B CB  1 
ATOM   1289 C CG  . LEU A 1 163 ? 2.682   -4.076  -1.125  1.00 21.74 ? 167 LEU B CG  1 
ATOM   1290 C CD1 . LEU A 1 163 ? 1.659   -2.971  -0.940  1.00 19.65 ? 167 LEU B CD1 1 
ATOM   1291 C CD2 . LEU A 1 163 ? 2.472   -4.783  -2.456  1.00 19.44 ? 167 LEU B CD2 1 
ATOM   1292 N N   . ILE A 1 164 ? 7.250   -3.488  -2.380  1.00 18.10 ? 168 ILE B N   1 
ATOM   1293 C CA  . ILE A 1 164 ? 8.577   -2.889  -2.376  1.00 19.07 ? 168 ILE B CA  1 
ATOM   1294 C C   . ILE A 1 164 ? 8.624   -1.715  -3.344  1.00 21.89 ? 168 ILE B C   1 
ATOM   1295 O O   . ILE A 1 164 ? 7.834   -1.615  -4.288  1.00 23.33 ? 168 ILE B O   1 
ATOM   1296 C CB  . ILE A 1 164 ? 9.675   -3.913  -2.746  1.00 24.20 ? 168 ILE B CB  1 
ATOM   1297 C CG1 . ILE A 1 164 ? 9.418   -4.488  -4.142  1.00 19.82 ? 168 ILE B CG1 1 
ATOM   1298 C CG2 . ILE A 1 164 ? 9.752   -5.030  -1.706  1.00 21.54 ? 168 ILE B CG2 1 
ATOM   1299 C CD1 . ILE A 1 164 ? 10.685  -4.974  -4.858  1.00 18.33 ? 168 ILE B CD1 1 
ATOM   1300 N N   . LEU A 1 165 ? 9.577   -0.819  -3.104  1.00 23.02 ? 169 LEU B N   1 
ATOM   1301 C CA  . LEU A 1 165 ? 9.942   0.147   -4.131  1.00 22.58 ? 169 LEU B CA  1 
ATOM   1302 C C   . LEU A 1 165 ? 10.621  -0.588  -5.274  1.00 24.78 ? 169 LEU B C   1 
ATOM   1303 O O   . LEU A 1 165 ? 11.557  -1.368  -5.053  1.00 22.84 ? 169 LEU B O   1 
ATOM   1304 C CB  . LEU A 1 165 ? 10.872  1.221   -3.568  1.00 22.12 ? 169 LEU B CB  1 
ATOM   1305 C CG  . LEU A 1 165 ? 10.386  2.038   -2.363  1.00 32.05 ? 169 LEU B CG  1 
ATOM   1306 C CD1 . LEU A 1 165 ? 11.304  3.236   -2.098  1.00 25.51 ? 169 LEU B CD1 1 
ATOM   1307 C CD2 . LEU A 1 165 ? 8.945   2.496   -2.555  1.00 24.43 ? 169 LEU B CD2 1 
ATOM   1308 N N   . THR A 1 166 ? 10.141  -0.359  -6.491  1.00 22.35 ? 170 THR B N   1 
ATOM   1309 C CA  . THR A 1 166 ? 10.711  -0.983  -7.676  1.00 26.79 ? 170 THR B CA  1 
ATOM   1310 C C   . THR A 1 166 ? 10.805  0.056   -8.781  1.00 38.87 ? 170 THR B C   1 
ATOM   1311 O O   . THR A 1 166 ? 10.041  1.028   -8.808  1.00 33.79 ? 170 THR B O   1 
ATOM   1312 C CB  . THR A 1 166 ? 9.869   -2.186  -8.137  1.00 29.44 ? 170 THR B CB  1 
ATOM   1313 O OG1 . THR A 1 166 ? 10.556  -2.905  -9.169  1.00 37.76 ? 170 THR B OG1 1 
ATOM   1314 C CG2 . THR A 1 166 ? 8.521   -1.728  -8.659  1.00 34.07 ? 170 THR B CG2 1 
ATOM   1315 N N   . ALA A 1 167 ? 11.766  -0.136  -9.679  1.00 28.39 ? 171 ALA B N   1 
ATOM   1316 C CA  . ALA A 1 167 ? 11.854  0.673   -10.888 1.00 42.32 ? 171 ALA B CA  1 
ATOM   1317 C C   . ALA A 1 167 ? 11.273  -0.048  -12.094 1.00 46.23 ? 171 ALA B C   1 
ATOM   1318 O O   . ALA A 1 167 ? 11.312  0.488   -13.205 1.00 54.75 ? 171 ALA B O   1 
ATOM   1319 C CB  . ALA A 1 167 ? 13.310  1.072   -11.158 1.00 36.72 ? 171 ALA B CB  1 
ATOM   1320 N N   . ASP A 1 168 ? 10.698  -1.235  -11.885 1.00 41.74 ? 172 ASP B N   1 
ATOM   1321 C CA  . ASP A 1 168 ? 10.473  -2.186  -12.962 1.00 36.25 ? 172 ASP B CA  1 
ATOM   1322 C C   . ASP A 1 168 ? 9.001   -2.556  -13.134 1.00 42.29 ? 172 ASP B C   1 
ATOM   1323 O O   . ASP A 1 168 ? 8.355   -2.116  -14.090 1.00 49.20 ? 172 ASP B O   1 
ATOM   1324 C CB  . ASP A 1 168 ? 11.322  -3.434  -12.694 1.00 34.90 ? 172 ASP B CB  1 
ATOM   1325 C CG  . ASP A 1 168 ? 11.215  -4.473  -13.797 1.00 63.06 ? 172 ASP B CG  1 
ATOM   1326 O OD1 . ASP A 1 168 ? 10.784  -4.136  -14.924 1.00 63.14 ? 172 ASP B OD1 1 
ATOM   1327 O OD2 . ASP A 1 168 ? 11.574  -5.641  -13.534 1.00 75.55 ? 172 ASP B OD2 1 
ATOM   1328 N N   . LEU A 1 169 ? 8.467   -3.376  -12.227 1.00 38.21 ? 173 LEU B N   1 
ATOM   1329 C CA  . LEU A 1 169 ? 7.140   -3.972  -12.354 1.00 33.28 ? 173 LEU B CA  1 
ATOM   1330 C C   . LEU A 1 169 ? 6.186   -3.359  -11.332 1.00 27.46 ? 173 LEU B C   1 
ATOM   1331 O O   . LEU A 1 169 ? 6.034   -3.900  -10.234 1.00 31.14 ? 173 LEU B O   1 
ATOM   1332 C CB  . LEU A 1 169 ? 7.218   -5.488  -12.137 1.00 40.86 ? 173 LEU B CB  1 
ATOM   1333 C CG  . LEU A 1 169 ? 7.493   -6.476  -13.264 1.00 50.01 ? 173 LEU B CG  1 
ATOM   1334 C CD1 . LEU A 1 169 ? 7.126   -7.894  -12.805 1.00 38.38 ? 173 LEU B CD1 1 
ATOM   1335 C CD2 . LEU A 1 169 ? 6.725   -6.090  -14.516 1.00 34.90 ? 173 LEU B CD2 1 
ATOM   1336 N N   . PRO A 1 170 ? 5.508   -2.251  -11.649 1.00 28.10 ? 174 PRO B N   1 
ATOM   1337 C CA  . PRO A 1 170 ? 4.528   -1.721  -10.683 1.00 25.27 ? 174 PRO B CA  1 
ATOM   1338 C C   . PRO A 1 170 ? 3.386   -2.702  -10.498 1.00 24.65 ? 174 PRO B C   1 
ATOM   1339 O O   . PRO A 1 170 ? 2.964   -3.380  -11.439 1.00 27.79 ? 174 PRO B O   1 
ATOM   1340 C CB  . PRO A 1 170 ? 4.047   -0.409  -11.328 1.00 24.79 ? 174 PRO B CB  1 
ATOM   1341 C CG  . PRO A 1 170 ? 5.022   -0.141  -12.482 1.00 34.58 ? 174 PRO B CG  1 
ATOM   1342 C CD  . PRO A 1 170 ? 5.503   -1.495  -12.910 1.00 24.93 ? 174 PRO B CD  1 
ATOM   1343 N N   . TYR A 1 171 ? 2.924   -2.811  -9.259  1.00 24.37 ? 175 TYR B N   1 
ATOM   1344 C CA  . TYR A 1 171 ? 1.712   -3.564  -8.958  1.00 21.79 ? 175 TYR B CA  1 
ATOM   1345 C C   . TYR A 1 171 ? 0.505   -2.778  -9.470  1.00 27.45 ? 175 TYR B C   1 
ATOM   1346 O O   . TYR A 1 171 ? 0.298   -1.625  -9.081  1.00 22.08 ? 175 TYR B O   1 
ATOM   1347 C CB  . TYR A 1 171 ? 1.631   -3.806  -7.450  1.00 18.50 ? 175 TYR B CB  1 
ATOM   1348 C CG  . TYR A 1 171 ? 0.455   -4.627  -6.964  1.00 17.96 ? 175 TYR B CG  1 
ATOM   1349 C CD1 . TYR A 1 171 ? -0.210  -5.510  -7.809  1.00 17.58 ? 175 TYR B CD1 1 
ATOM   1350 C CD2 . TYR A 1 171 ? 0.019   -4.525  -5.641  1.00 20.18 ? 175 TYR B CD2 1 
ATOM   1351 C CE1 . TYR A 1 171 ? -1.290  -6.259  -7.349  1.00 21.22 ? 175 TYR B CE1 1 
ATOM   1352 C CE2 . TYR A 1 171 ? -1.053  -5.277  -5.174  1.00 15.25 ? 175 TYR B CE2 1 
ATOM   1353 C CZ  . TYR A 1 171 ? -1.706  -6.145  -6.034  1.00 20.41 ? 175 TYR B CZ  1 
ATOM   1354 O OH  . TYR A 1 171 ? -2.790  -6.888  -5.580  1.00 20.91 ? 175 TYR B OH  1 
ATOM   1355 N N   . GLU A 1 172 ? -0.266  -3.401  -10.364 1.00 23.99 ? 176 GLU B N   1 
ATOM   1356 C CA  . GLU A 1 172 ? -1.442  -2.810  -10.991 1.00 17.82 ? 176 GLU B CA  1 
ATOM   1357 C C   . GLU A 1 172 ? -2.681  -3.246  -10.209 1.00 19.68 ? 176 GLU B C   1 
ATOM   1358 O O   . GLU A 1 172 ? -3.016  -4.433  -10.183 1.00 21.42 ? 176 GLU B O   1 
ATOM   1359 C CB  . GLU A 1 172 ? -1.530  -3.248  -12.456 1.00 19.50 ? 176 GLU B CB  1 
ATOM   1360 C CG  . GLU A 1 172 ? -2.693  -2.626  -13.232 1.00 21.70 ? 176 GLU B CG  1 
ATOM   1361 C CD  . GLU A 1 172 ? -2.637  -2.911  -14.731 1.00 31.11 ? 176 GLU B CD  1 
ATOM   1362 O OE1 . GLU A 1 172 ? -1.812  -3.748  -15.169 1.00 29.69 ? 176 GLU B OE1 1 
ATOM   1363 O OE2 . GLU A 1 172 ? -3.417  -2.285  -15.476 1.00 29.58 ? 176 GLU B OE2 1 
ATOM   1364 N N   . VAL A 1 173 ? -3.370  -2.288  -9.585  1.00 19.08 ? 177 VAL B N   1 
ATOM   1365 C CA  . VAL A 1 173 ? -4.398  -2.601  -8.598  1.00 19.23 ? 177 VAL B CA  1 
ATOM   1366 C C   . VAL A 1 173 ? -5.726  -1.980  -8.996  1.00 20.60 ? 177 VAL B C   1 
ATOM   1367 O O   . VAL A 1 173 ? -5.800  -1.062  -9.820  1.00 23.48 ? 177 VAL B O   1 
ATOM   1368 C CB  . VAL A 1 173 ? -4.009  -2.118  -7.189  1.00 17.93 ? 177 VAL B CB  1 
ATOM   1369 C CG1 . VAL A 1 173 ? -2.679  -2.697  -6.780  1.00 15.76 ? 177 VAL B CG1 1 
ATOM   1370 C CG2 . VAL A 1 173 ? -3.971  -0.583  -7.141  1.00 16.80 ? 177 VAL B CG2 1 
ATOM   1371 N N   . VAL A 1 174 ? -6.790  -2.504  -8.389  1.00 20.62 ? 178 VAL B N   1 
ATOM   1372 C CA  . VAL A 1 174 ? -8.100  -1.869  -8.377  1.00 22.55 ? 178 VAL B CA  1 
ATOM   1373 C C   . VAL A 1 174 ? -8.533  -1.706  -6.924  1.00 24.24 ? 178 VAL B C   1 
ATOM   1374 O O   . VAL A 1 174 ? -8.051  -2.398  -6.020  1.00 20.31 ? 178 VAL B O   1 
ATOM   1375 C CB  . VAL A 1 174 ? -9.154  -2.660  -9.180  1.00 22.33 ? 178 VAL B CB  1 
ATOM   1376 C CG1 . VAL A 1 174 ? -8.768  -2.723  -10.677 1.00 19.75 ? 178 VAL B CG1 1 
ATOM   1377 C CG2 . VAL A 1 174 ? -9.326  -4.045  -8.621  1.00 16.01 ? 178 VAL B CG2 1 
ATOM   1378 N N   . PHE A 1 175 ? -9.455  -0.775  -6.702  1.00 20.24 ? 179 PHE B N   1 
ATOM   1379 C CA  . PHE A 1 175 ? -9.944  -0.460  -5.364  1.00 22.65 ? 179 PHE B CA  1 
ATOM   1380 C C   . PHE A 1 175 ? -11.384 -0.935  -5.225  1.00 24.43 ? 179 PHE B C   1 
ATOM   1381 O O   . PHE A 1 175 ? -12.253 -0.519  -5.992  1.00 21.34 ? 179 PHE B O   1 
ATOM   1382 C CB  . PHE A 1 175 ? -9.833  1.037   -5.098  1.00 17.19 ? 179 PHE B CB  1 
ATOM   1383 C CG  . PHE A 1 175 ? -8.422  1.556   -5.171  1.00 19.07 ? 179 PHE B CG  1 
ATOM   1384 C CD1 . PHE A 1 175 ? -7.568  1.428   -4.096  1.00 18.10 ? 179 PHE B CD1 1 
ATOM   1385 C CD2 . PHE A 1 175 ? -7.955  2.163   -6.317  1.00 17.68 ? 179 PHE B CD2 1 
ATOM   1386 C CE1 . PHE A 1 175 ? -6.275  1.912   -4.153  1.00 17.82 ? 179 PHE B CE1 1 
ATOM   1387 C CE2 . PHE A 1 175 ? -6.656  2.645   -6.393  1.00 18.87 ? 179 PHE B CE2 1 
ATOM   1388 C CZ  . PHE A 1 175 ? -5.814  2.520   -5.311  1.00 16.64 ? 179 PHE B CZ  1 
ATOM   1389 N N   . VAL A 1 176 ? -11.625 -1.814  -4.261  1.00 21.27 ? 180 VAL B N   1 
ATOM   1390 C CA  . VAL A 1 176 ? -12.946 -2.367  -4.006  1.00 22.22 ? 180 VAL B CA  1 
ATOM   1391 C C   . VAL A 1 176 ? -13.501 -1.686  -2.761  1.00 24.54 ? 180 VAL B C   1 
ATOM   1392 O O   . VAL A 1 176 ? -12.919 -1.789  -1.670  1.00 20.53 ? 180 VAL B O   1 
ATOM   1393 C CB  . VAL A 1 176 ? -12.887 -3.897  -3.836  1.00 28.24 ? 180 VAL B CB  1 
ATOM   1394 C CG1 . VAL A 1 176 ? -14.275 -4.462  -3.511  1.00 22.65 ? 180 VAL B CG1 1 
ATOM   1395 C CG2 . VAL A 1 176 ? -12.322 -4.561  -5.100  1.00 20.37 ? 180 VAL B CG2 1 
ATOM   1396 N N   . ASN A 1 177 ? -14.608 -0.967  -2.921  1.00 22.13 ? 181 ASN B N   1 
ATOM   1397 C CA  . ASN A 1 177 ? -15.235 -0.297  -1.783  1.00 22.67 ? 181 ASN B CA  1 
ATOM   1398 C C   . ASN A 1 177 ? -15.660 -1.334  -0.754  1.00 24.22 ? 181 ASN B C   1 
ATOM   1399 O O   . ASN A 1 177 ? -16.464 -2.220  -1.050  1.00 24.94 ? 181 ASN B O   1 
ATOM   1400 C CB  . ASN A 1 177 ? -16.440 0.522   -2.252  1.00 25.96 ? 181 ASN B CB  1 
ATOM   1401 C CG  . ASN A 1 177 ? -16.918 1.524   -1.205  1.00 30.81 ? 181 ASN B CG  1 
ATOM   1402 O OD1 . ASN A 1 177 ? -16.854 1.274   -0.002  1.00 27.44 ? 181 ASN B OD1 1 
ATOM   1403 N ND2 . ASN A 1 177 ? -17.392 2.665   -1.667  1.00 27.16 ? 181 ASN B ND2 1 
ATOM   1404 N N   . ALA A 1 178 ? -15.109 -1.233  0.455   1.00 25.21 ? 182 ALA B N   1 
ATOM   1405 C CA  . ALA A 1 178 ? -15.382 -2.239  1.472   1.00 29.79 ? 182 ALA B CA  1 
ATOM   1406 C C   . ALA A 1 178 ? -16.715 -2.038  2.183   1.00 40.17 ? 182 ALA B C   1 
ATOM   1407 O O   . ALA A 1 178 ? -17.155 -2.950  2.890   1.00 43.32 ? 182 ALA B O   1 
ATOM   1408 C CB  . ALA A 1 178 ? -14.247 -2.264  2.499   1.00 31.51 ? 182 ALA B CB  1 
ATOM   1409 N N   . SER A 1 179 ? -17.371 -0.890  2.013   1.00 49.15 ? 183 SER B N   1 
ATOM   1410 C CA  . SER A 1 179 ? -18.636 -0.611  2.702   1.00 47.80 ? 183 SER B CA  1 
ATOM   1411 C C   . SER A 1 179 ? -19.851 -1.071  1.898   1.00 57.53 ? 183 SER B C   1 
ATOM   1412 O O   . SER A 1 179 ? -19.718 -1.773  0.891   1.00 60.60 ? 183 SER B O   1 
ATOM   1413 C CB  . SER A 1 179 ? -18.755 0.885   3.011   1.00 55.23 ? 183 SER B CB  1 
ATOM   1414 O OG  . SER A 1 179 ? -17.691 1.329   3.846   1.00 55.43 ? 183 SER B OG  1 
HETATM 1415 O O   . HOH B 2 .   ? 4.069   9.561   5.509   1.00 40.61 ? 201 HOH B O   1 
HETATM 1416 O O   . HOH B 2 .   ? 0.544   -6.556  -16.607 1.00 29.36 ? 202 HOH B O   1 
HETATM 1417 O O   . HOH B 2 .   ? -5.859  15.297  7.786   1.00 33.29 ? 203 HOH B O   1 
HETATM 1418 O O   . HOH B 2 .   ? 13.417  1.087   12.552  1.00 40.98 ? 204 HOH B O   1 
HETATM 1419 O O   . HOH B 2 .   ? 4.154   3.767   9.516   1.00 22.98 ? 205 HOH B O   1 
HETATM 1420 O O   . HOH B 2 .   ? 4.621   -15.100 -5.890  1.00 24.95 ? 206 HOH B O   1 
HETATM 1421 O O   . HOH B 2 .   ? 5.948   -4.088  17.392  1.00 31.98 ? 207 HOH B O   1 
HETATM 1422 O O   . HOH B 2 .   ? -15.152 12.239  1.724   1.00 20.18 ? 208 HOH B O   1 
HETATM 1423 O O   . HOH B 2 .   ? 3.498   -13.977 7.304   1.00 34.99 ? 209 HOH B O   1 
HETATM 1424 O O   . HOH B 2 .   ? 11.063  -13.649 6.320   1.00 28.70 ? 210 HOH B O   1 
HETATM 1425 O O   . HOH B 2 .   ? -8.665  7.629   -12.879 1.00 31.21 ? 211 HOH B O   1 
HETATM 1426 O O   . HOH B 2 .   ? -13.174 -4.924  12.904  1.00 38.76 ? 212 HOH B O   1 
HETATM 1427 O O   . HOH B 2 .   ? -15.560 5.395   -3.685  1.00 25.29 ? 213 HOH B O   1 
HETATM 1428 O O   . HOH B 2 .   ? -10.298 6.774   2.350   1.00 28.68 ? 214 HOH B O   1 
HETATM 1429 O O   . HOH B 2 .   ? 14.120  -9.959  5.907   1.00 32.76 ? 215 HOH B O   1 
HETATM 1430 O O   . HOH B 2 .   ? 7.114   -12.464 1.048   1.00 20.46 ? 216 HOH B O   1 
HETATM 1431 O O   . HOH B 2 .   ? 15.414  7.958   6.571   1.00 42.95 ? 217 HOH B O   1 
HETATM 1432 O O   . HOH B 2 .   ? 1.215   -0.120  -7.084  1.00 20.07 ? 218 HOH B O   1 
HETATM 1433 O O   . HOH B 2 .   ? 6.212   -8.500  9.920   1.00 34.51 ? 219 HOH B O   1 
HETATM 1434 O O   . HOH B 2 .   ? 4.871   -1.200  19.217  1.00 32.78 ? 220 HOH B O   1 
HETATM 1435 O O   . HOH B 2 .   ? 0.401   -6.170  22.343  1.00 35.96 ? 221 HOH B O   1 
HETATM 1436 O O   . HOH B 2 .   ? 10.301  -21.423 0.591   1.00 36.84 ? 222 HOH B O   1 
HETATM 1437 O O   . HOH B 2 .   ? -18.575 2.281   -4.542  1.00 32.62 ? 223 HOH B O   1 
HETATM 1438 O O   . HOH B 2 .   ? -10.465 0.688   -9.009  1.00 21.93 ? 224 HOH B O   1 
HETATM 1439 O O   . HOH B 2 .   ? -16.285 2.871   2.036   1.00 30.64 ? 225 HOH B O   1 
HETATM 1440 O O   . HOH B 2 .   ? 5.683   -5.248  2.415   1.00 17.75 ? 226 HOH B O   1 
HETATM 1441 O O   . HOH B 2 .   ? 13.298  -1.561  -3.060  1.00 22.05 ? 227 HOH B O   1 
HETATM 1442 O O   . HOH B 2 .   ? -3.829  -6.891  -3.134  1.00 15.14 ? 228 HOH B O   1 
HETATM 1443 O O   . HOH B 2 .   ? -3.695  -17.492 1.481   1.00 38.06 ? 229 HOH B O   1 
HETATM 1444 O O   . HOH B 2 .   ? -1.202  -7.857  -19.010 1.00 21.10 ? 230 HOH B O   1 
HETATM 1445 O O   . HOH B 2 .   ? -4.627  -15.825 4.449   1.00 36.68 ? 231 HOH B O   1 
HETATM 1446 O O   . HOH B 2 .   ? 1.340   6.416   4.335   1.00 26.05 ? 232 HOH B O   1 
HETATM 1447 O O   . HOH B 2 .   ? -11.638 -4.375  14.905  1.00 22.85 ? 233 HOH B O   1 
HETATM 1448 O O   . HOH B 2 .   ? -3.241  10.095  -5.248  1.00 23.66 ? 234 HOH B O   1 
HETATM 1449 O O   . HOH B 2 .   ? -1.279  -15.758 1.527   1.00 27.01 ? 235 HOH B O   1 
HETATM 1450 O O   . HOH B 2 .   ? 0.296   -5.263  -14.351 1.00 28.55 ? 236 HOH B O   1 
HETATM 1451 O O   . HOH B 2 .   ? -15.876 -0.799  -5.354  1.00 24.59 ? 237 HOH B O   1 
HETATM 1452 O O   . HOH B 2 .   ? 7.307   -5.929  -8.887  1.00 33.61 ? 238 HOH B O   1 
HETATM 1453 O O   . HOH B 2 .   ? -11.536 -0.517  -11.543 1.00 28.31 ? 239 HOH B O   1 
HETATM 1454 O O   . HOH B 2 .   ? -6.424  -17.518 -5.876  1.00 37.66 ? 240 HOH B O   1 
HETATM 1455 O O   . HOH B 2 .   ? 16.642  -9.422  -3.219  1.00 30.62 ? 241 HOH B O   1 
HETATM 1456 O O   . HOH B 2 .   ? -7.218  18.084  1.092   1.00 32.12 ? 242 HOH B O   1 
HETATM 1457 O O   . HOH B 2 .   ? -2.514  -0.687  -17.632 1.00 32.64 ? 243 HOH B O   1 
HETATM 1458 O O   . HOH B 2 .   ? 10.014  3.553   -9.971  1.00 30.26 ? 244 HOH B O   1 
HETATM 1459 O O   . HOH B 2 .   ? -9.140  -8.469  -8.270  1.00 29.75 ? 245 HOH B O   1 
HETATM 1460 O O   . HOH B 2 .   ? -13.755 0.758   -12.164 1.00 30.81 ? 246 HOH B O   1 
HETATM 1461 O O   . HOH B 2 .   ? 3.444   9.707   8.011   1.00 35.73 ? 247 HOH B O   1 
HETATM 1462 O O   . HOH B 2 .   ? -6.872  -12.326 -8.415  1.00 28.66 ? 248 HOH B O   1 
HETATM 1463 O O   . HOH B 2 .   ? 12.004  -7.471  7.518   1.00 36.49 ? 249 HOH B O   1 
HETATM 1464 O O   . HOH B 2 .   ? 3.027   -4.311  -14.115 1.00 32.06 ? 250 HOH B O   1 
HETATM 1465 O O   . HOH B 2 .   ? -6.921  -5.308  0.800   1.00 18.84 ? 251 HOH B O   1 
HETATM 1466 O O   . HOH B 2 .   ? 5.095   -18.721 2.004   1.00 34.58 ? 252 HOH B O   1 
HETATM 1467 O O   . HOH B 2 .   ? -2.791  4.264   13.021  1.00 27.90 ? 253 HOH B O   1 
HETATM 1468 O O   . HOH B 2 .   ? 13.477  -3.071  -6.621  1.00 35.72 ? 254 HOH B O   1 
HETATM 1469 O O   . HOH B 2 .   ? 0.003   -6.071  -11.365 1.00 24.23 ? 255 HOH B O   1 
HETATM 1470 O O   . HOH B 2 .   ? 18.091  -0.903  7.129   1.00 36.61 ? 256 HOH B O   1 
HETATM 1471 O O   . HOH B 2 .   ? 4.684   7.131   5.949   1.00 31.73 ? 257 HOH B O   1 
HETATM 1472 O O   . HOH B 2 .   ? 14.786  4.670   11.403  1.00 38.92 ? 258 HOH B O   1 
HETATM 1473 O O   . HOH B 2 .   ? -2.160  -7.390  -10.926 1.00 22.99 ? 259 HOH B O   1 
HETATM 1474 O O   . HOH B 2 .   ? -11.720 -12.349 2.729   1.00 45.83 ? 260 HOH B O   1 
HETATM 1475 O O   . HOH B 2 .   ? -1.924  9.316   -13.254 1.00 26.95 ? 261 HOH B O   1 
HETATM 1476 O O   . HOH B 2 .   ? 10.916  -16.855 4.010   1.00 32.82 ? 262 HOH B O   1 
HETATM 1477 O O   . HOH B 2 .   ? -1.612  12.957  -11.934 1.00 32.29 ? 263 HOH B O   1 
HETATM 1478 O O   . HOH B 2 .   ? 5.222   14.667  -2.442  1.00 50.37 ? 264 HOH B O   1 
HETATM 1479 O O   . HOH B 2 .   ? -2.440  17.055  -2.273  1.00 38.70 ? 265 HOH B O   1 
HETATM 1480 O O   . HOH B 2 .   ? -0.774  0.305   -20.728 1.00 36.96 ? 266 HOH B O   1 
HETATM 1481 O O   . HOH B 2 .   ? -6.980  -10.557 -10.414 1.00 20.10 ? 267 HOH B O   1 
HETATM 1482 O O   . HOH B 2 .   ? 0.851   -14.314 7.186   1.00 36.00 ? 268 HOH B O   1 
HETATM 1483 O O   . HOH B 2 .   ? -10.047 -11.365 4.241   1.00 36.06 ? 269 HOH B O   1 
HETATM 1484 O O   . HOH B 2 .   ? -17.827 8.850   -4.685  1.00 29.86 ? 270 HOH B O   1 
HETATM 1485 O O   . HOH B 2 .   ? -5.525  -15.901 -7.513  1.00 37.24 ? 271 HOH B O   1 
HETATM 1486 O O   . HOH B 2 .   ? -3.870  -9.157  8.499   1.00 21.86 ? 272 HOH B O   1 
HETATM 1487 O O   . HOH B 2 .   ? -6.407  3.890   10.855  1.00 42.68 ? 273 HOH B O   1 
HETATM 1488 O O   . HOH B 2 .   ? -9.898  20.681  5.020   1.00 23.70 ? 274 HOH B O   1 
HETATM 1489 O O   . HOH B 2 .   ? -1.527  -15.897 -6.670  1.00 37.28 ? 275 HOH B O   1 
HETATM 1490 O O   . HOH B 2 .   ? 9.315   6.373   14.263  1.00 32.90 ? 276 HOH B O   1 
HETATM 1491 O O   . HOH B 2 .   ? -13.227 -5.529  6.684   1.00 35.44 ? 277 HOH B O   1 
HETATM 1492 O O   . HOH B 2 .   ? -18.135 8.609   -12.081 1.00 44.14 ? 278 HOH B O   1 
HETATM 1493 O O   . HOH B 2 .   ? -9.016  -5.571  -13.426 1.00 26.07 ? 279 HOH B O   1 
HETATM 1494 O O   . HOH B 2 .   ? 13.429  -16.093 4.357   1.00 32.87 ? 280 HOH B O   1 
HETATM 1495 O O   . HOH B 2 .   ? 3.414   2.367   -15.077 1.00 36.89 ? 281 HOH B O   1 
HETATM 1496 O O   . HOH B 2 .   ? 1.049   7.585   11.953  1.00 38.57 ? 282 HOH B O   1 
HETATM 1497 O O   . HOH B 2 .   ? -0.082  -13.566 -14.564 1.00 35.97 ? 283 HOH B O   1 
HETATM 1498 O O   . HOH B 2 .   ? -3.034  4.132   15.638  1.00 40.50 ? 284 HOH B O   1 
HETATM 1499 O O   . HOH B 2 .   ? 1.578   -10.443 -16.758 1.00 34.56 ? 285 HOH B O   1 
HETATM 1500 O O   . HOH B 2 .   ? 3.302   -6.945  -13.339 1.00 35.56 ? 286 HOH B O   1 
HETATM 1501 O O   . HOH B 2 .   ? -8.363  22.178  7.115   1.00 37.73 ? 287 HOH B O   1 
HETATM 1502 O O   . HOH B 2 .   ? -11.521 -7.531  -7.908  1.00 36.19 ? 288 HOH B O   1 
# 
